data_7Y04
#
_entry.id   7Y04
#
_cell.length_a   1.00
_cell.length_b   1.00
_cell.length_c   1.00
_cell.angle_alpha   90.00
_cell.angle_beta   90.00
_cell.angle_gamma   90.00
#
_symmetry.space_group_name_H-M   'P 1'
#
loop_
_entity.id
_entity.type
_entity.pdbx_description
1 polymer 'Heat shock protein HSP 90-beta'
2 polymer 'Prostaglandin E synthase 3'
3 polymer 'Aryl hydrocarbon receptor'
4 non-polymer "ADENOSINE-5'-DIPHOSPHATE"
5 non-polymer 'BERYLLIUM TRIFLUORIDE ION'
#
loop_
_entity_poly.entity_id
_entity_poly.type
_entity_poly.pdbx_seq_one_letter_code
_entity_poly.pdbx_strand_id
1 'polypeptide(L)'
;MGAWSHPQFEKGGGSGGGSGGGSAWSHPQFEKMPEEVHHGEEEVETFAFQAEIAQLMSLIINTFYSNKEIFLRELISNAS
DALDKIRYESLTDPSKLDSGKELKIDIIPNPQERTLTLVDTGIGMTKADLINNLGTIAKSGTKAFMEALQAGADISMIGQ
FGVGFYSAYLVAEKVVVITKHNDDEQYAWESSAGGSFTVRADHGEPIGRGTKVILHLKEDQTEYLEERRVKEVVKKHSQF
IGYPITLYLEKEREKEISDDEAEEEKGEKEEEDKEDEEKPKIEDVGSDEEDDSGKDKKKKTKKIKEKYIDQEELNKTKPI
WTRNPDDITQEEYGEFYKSLTNDWEDHLAVKHFSVEGQLEFRALLFIPRRAPFDLFENKKKKNNIKLYVRRVFIMDSCDE
LIPEYLNFIRGVVDSEDLPLNISREMLQQSKILKVIRKNIVKKCLELFSELAEDKENYKKFYEAFSKNLKLGIHEDSTNR
RRLSELLRYHTSQSGDEMTSLSEYVSRMKETQKSIYYITGESKEQVANSAFVERVRKRGFEVVYMTEPIDEYCVQQLKEF
DGKSLVSVTKEGLELPEDEEEKKKMEESKAKFENLCKLMKEILDKKVEKVTISNRLVSSPCCIVTSTYGWTANMERIMKA
QALRDNSTMGYMMAKKHLEINPDHPIVETLRQKAEADKNDKAVKDLVVLLFETALLSSGFSLEDPQTHSNRIYRMIKLGL
GIDEDEVTAEEPSAAVPDEIPPLEGDEDASRMEEVD
;
A,B
2 'polypeptide(L)'
;MAEQKLISEEDLMQPASAKWYDRRDYVFIEFCVEDSKDVNVNFEKSKLTFSCLGGSDNFKHLNEIDLFHCIDPNDSKHKR
TDRSILCCLRKGESGQSWPRLTKERAKLNWLSVDFNNWKDWEDDSDEDMSNFDRFSEMMDHMGGDEDVDLPEVDGADDDS
QDSDDEKMPDLE
;
C,D
3 'polypeptide(L)'
;GPGASGGGSGAGMSSGANITYASRKRRKPVQKTVKPIPAEGIKSNPSKRHRDRLNTELDRLASLLPFPQDVINKLDKLSV
LRLSVSYLRAKSFFDVALKSTPADRNGGQDQCRAQIRDWQDLQEGEFLLQALNGFVLVVTADALVFYASSTIQDYLGFQQ
SDVIHQSVYELIHTEDRAEFQRQLHWALNPDSAQGVDEAHGPPQAAVYYTPDQLPPENASFMERCFRCRLRCLLDNSSGF
LAMNFQGRLKYLHGQNKKGKDGALLPPQLALFAIATPLQPPSILEIRTKNFIFRTKHKLDFTPIGCDAKGQLILGYTEVE
LCTRGSGYQFIHAADMLHCAESHIRMIKTGESGMTVFRLFAKHSRWRWVQSNARLIYRNGRPDYIIATQRPLTDEEGREH
LQKRSTSLPF
;
E
#
# COMPACT_ATOMS: atom_id res chain seq x y z
N GLU A 42 -7.82 -51.24 -25.43
CA GLU A 42 -8.68 -52.29 -24.89
C GLU A 42 -10.01 -51.71 -24.43
N GLU A 43 -10.65 -52.37 -23.46
CA GLU A 43 -11.91 -51.87 -22.91
C GLU A 43 -11.71 -50.54 -22.19
N VAL A 44 -12.75 -49.73 -22.11
CA VAL A 44 -12.64 -48.45 -21.43
C VAL A 44 -13.71 -48.43 -20.34
N GLU A 45 -13.30 -48.29 -19.08
CA GLU A 45 -14.26 -48.20 -18.05
C GLU A 45 -14.68 -46.77 -17.93
N THR A 46 -15.94 -46.40 -17.70
CA THR A 46 -16.44 -45.05 -17.52
C THR A 46 -17.01 -44.91 -16.12
N PHE A 47 -16.63 -43.83 -15.44
CA PHE A 47 -17.08 -43.58 -14.07
C PHE A 47 -17.70 -42.18 -14.03
N ALA A 48 -18.04 -41.73 -12.83
CA ALA A 48 -18.59 -40.41 -12.62
C ALA A 48 -17.90 -39.76 -11.44
N PHE A 49 -17.63 -38.46 -11.57
CA PHE A 49 -16.97 -37.72 -10.50
C PHE A 49 -17.84 -37.73 -9.24
N GLN A 50 -17.20 -37.78 -8.09
CA GLN A 50 -17.91 -37.70 -6.82
C GLN A 50 -17.33 -36.58 -5.96
N ALA A 51 -17.79 -36.47 -4.72
CA ALA A 51 -17.28 -35.44 -3.82
C ALA A 51 -17.19 -36.03 -2.43
N GLU A 52 -16.09 -35.71 -1.73
CA GLU A 52 -15.89 -36.15 -0.35
C GLU A 52 -16.64 -35.20 0.55
N ILE A 53 -17.86 -35.56 0.94
CA ILE A 53 -18.76 -34.66 1.64
C ILE A 53 -18.37 -34.51 3.10
N ALA A 54 -17.29 -35.18 3.50
CA ALA A 54 -16.73 -35.02 4.83
C ALA A 54 -15.64 -33.97 4.91
N GLN A 55 -14.80 -33.86 3.88
CA GLN A 55 -13.81 -32.79 3.80
C GLN A 55 -14.34 -31.54 3.09
N LEU A 56 -15.34 -31.69 2.24
CA LEU A 56 -15.90 -30.56 1.50
C LEU A 56 -16.51 -29.50 2.41
N MET A 57 -16.96 -29.88 3.61
CA MET A 57 -17.49 -28.90 4.56
C MET A 57 -16.39 -28.37 5.48
N SER A 58 -15.41 -29.19 5.82
CA SER A 58 -14.26 -28.70 6.56
C SER A 58 -13.52 -27.62 5.77
N LEU A 59 -13.47 -27.76 4.45
CA LEU A 59 -12.93 -26.67 3.62
C LEU A 59 -13.77 -25.42 3.74
N ILE A 60 -15.09 -25.56 3.55
CA ILE A 60 -15.98 -24.40 3.53
C ILE A 60 -15.95 -23.64 4.84
N ILE A 61 -15.76 -24.34 5.96
CA ILE A 61 -15.77 -23.69 7.27
C ILE A 61 -14.39 -23.19 7.67
N ASN A 62 -13.37 -24.05 7.55
CA ASN A 62 -12.04 -23.69 8.05
C ASN A 62 -11.29 -22.72 7.15
N THR A 63 -11.44 -22.83 5.83
CA THR A 63 -10.50 -22.18 4.91
C THR A 63 -11.13 -21.03 4.12
N PHE A 64 -12.31 -21.23 3.53
CA PHE A 64 -12.89 -20.20 2.66
C PHE A 64 -13.03 -18.87 3.38
N TYR A 65 -13.61 -18.87 4.57
CA TYR A 65 -13.97 -17.64 5.27
C TYR A 65 -12.94 -17.34 6.34
N SER A 66 -12.39 -16.13 6.30
CA SER A 66 -11.35 -15.71 7.23
C SER A 66 -11.84 -14.76 8.31
N ASN A 67 -12.90 -14.01 8.05
CA ASN A 67 -13.45 -13.06 9.01
C ASN A 67 -14.68 -13.67 9.66
N LYS A 68 -14.64 -13.81 10.98
CA LYS A 68 -15.75 -14.42 11.73
C LYS A 68 -16.78 -13.37 12.12
N GLU A 69 -17.20 -12.60 11.12
CA GLU A 69 -18.23 -11.59 11.33
C GLU A 69 -19.26 -11.50 10.22
N ILE A 70 -19.04 -12.13 9.06
CA ILE A 70 -19.91 -11.94 7.91
C ILE A 70 -21.03 -12.97 7.93
N PHE A 71 -21.15 -13.73 9.01
CA PHE A 71 -22.29 -14.63 9.17
C PHE A 71 -23.60 -13.85 9.24
N LEU A 72 -23.58 -12.72 9.95
CA LEU A 72 -24.77 -11.87 10.01
C LEU A 72 -25.10 -11.29 8.64
N ARG A 73 -24.07 -10.91 7.88
CA ARG A 73 -24.32 -10.42 6.52
C ARG A 73 -24.93 -11.51 5.64
N GLU A 74 -24.43 -12.75 5.76
CA GLU A 74 -24.98 -13.84 4.96
C GLU A 74 -26.44 -14.10 5.32
N LEU A 75 -26.75 -14.14 6.62
CA LEU A 75 -28.12 -14.38 7.04
C LEU A 75 -29.04 -13.25 6.60
N ILE A 76 -28.59 -12.00 6.71
CA ILE A 76 -29.40 -10.86 6.29
C ILE A 76 -29.63 -10.90 4.78
N SER A 77 -28.60 -11.28 4.02
CA SER A 77 -28.77 -11.38 2.58
C SER A 77 -29.77 -12.47 2.21
N ASN A 78 -29.73 -13.60 2.93
CA ASN A 78 -30.71 -14.66 2.67
C ASN A 78 -32.13 -14.19 2.98
N ALA A 79 -32.30 -13.47 4.10
CA ALA A 79 -33.61 -12.93 4.42
C ALA A 79 -34.08 -11.94 3.35
N SER A 80 -33.15 -11.15 2.80
CA SER A 80 -33.51 -10.22 1.74
C SER A 80 -33.92 -10.96 0.47
N ASP A 81 -33.24 -12.06 0.15
CA ASP A 81 -33.67 -12.89 -0.97
C ASP A 81 -35.10 -13.39 -0.74
N ALA A 82 -35.40 -13.87 0.46
CA ALA A 82 -36.74 -14.37 0.74
C ALA A 82 -37.79 -13.28 0.57
N LEU A 83 -37.51 -12.09 1.11
CA LEU A 83 -38.47 -10.99 1.01
C LEU A 83 -38.66 -10.56 -0.44
N ASP A 84 -37.58 -10.48 -1.21
CA ASP A 84 -37.71 -10.14 -2.62
C ASP A 84 -38.53 -11.19 -3.36
N LYS A 85 -38.33 -12.46 -3.04
CA LYS A 85 -39.10 -13.53 -3.66
C LYS A 85 -40.59 -13.34 -3.40
N ILE A 86 -40.97 -13.14 -2.14
CA ILE A 86 -42.40 -13.03 -1.83
C ILE A 86 -42.98 -11.76 -2.43
N ARG A 87 -42.21 -10.66 -2.42
CA ARG A 87 -42.72 -9.41 -2.97
C ARG A 87 -42.93 -9.49 -4.48
N TYR A 88 -42.02 -10.17 -5.19
CA TYR A 88 -42.21 -10.32 -6.62
C TYR A 88 -43.35 -11.28 -6.95
N GLU A 89 -43.47 -12.37 -6.18
CA GLU A 89 -44.57 -13.30 -6.44
C GLU A 89 -45.93 -12.66 -6.17
N SER A 90 -46.02 -11.80 -5.17
CA SER A 90 -47.30 -11.20 -4.83
C SER A 90 -47.71 -10.08 -5.78
N LEU A 91 -46.94 -9.83 -6.84
CA LEU A 91 -47.31 -8.78 -7.79
C LEU A 91 -48.41 -9.22 -8.74
N THR A 92 -48.77 -10.50 -8.74
CA THR A 92 -49.83 -11.03 -9.61
C THR A 92 -51.10 -11.36 -8.86
N ASP A 93 -51.01 -12.07 -7.73
CA ASP A 93 -52.17 -12.41 -6.91
C ASP A 93 -52.00 -11.72 -5.57
N PRO A 94 -52.64 -10.56 -5.37
CA PRO A 94 -52.44 -9.80 -4.12
C PRO A 94 -52.96 -10.50 -2.88
N SER A 95 -53.50 -11.71 -2.98
CA SER A 95 -53.98 -12.44 -1.82
C SER A 95 -52.87 -13.26 -1.15
N LYS A 96 -51.65 -13.25 -1.69
CA LYS A 96 -50.58 -14.03 -1.09
C LYS A 96 -50.16 -13.46 0.27
N LEU A 97 -50.32 -12.15 0.46
CA LEU A 97 -50.03 -11.50 1.74
C LEU A 97 -51.13 -11.66 2.77
N ASP A 98 -52.06 -12.60 2.56
CA ASP A 98 -53.16 -12.77 3.50
C ASP A 98 -52.68 -13.25 4.86
N SER A 99 -51.61 -14.06 4.90
CA SER A 99 -51.09 -14.58 6.15
C SER A 99 -50.15 -13.60 6.84
N GLY A 100 -49.77 -12.51 6.18
CA GLY A 100 -48.87 -11.53 6.76
C GLY A 100 -48.67 -10.37 5.81
N LYS A 101 -48.75 -9.14 6.32
CA LYS A 101 -48.79 -7.96 5.46
C LYS A 101 -47.52 -7.12 5.50
N GLU A 102 -46.82 -7.07 6.63
CA GLU A 102 -45.65 -6.20 6.79
C GLU A 102 -44.39 -7.00 6.50
N LEU A 103 -43.84 -6.81 5.30
CA LEU A 103 -42.54 -7.39 4.97
C LEU A 103 -41.46 -6.71 5.79
N LYS A 104 -40.60 -7.50 6.43
CA LYS A 104 -39.65 -6.94 7.37
C LYS A 104 -38.59 -7.98 7.70
N ILE A 105 -37.57 -7.55 8.44
CA ILE A 105 -36.55 -8.41 9.01
C ILE A 105 -36.45 -8.07 10.49
N ASP A 106 -35.89 -8.97 11.28
CA ASP A 106 -35.78 -8.76 12.71
C ASP A 106 -34.52 -9.45 13.21
N ILE A 107 -34.10 -9.07 14.42
CA ILE A 107 -32.97 -9.68 15.12
C ILE A 107 -33.33 -9.66 16.60
N ILE A 108 -33.33 -10.83 17.23
CA ILE A 108 -33.74 -10.92 18.63
C ILE A 108 -32.67 -11.68 19.41
N PRO A 109 -31.57 -11.03 19.79
CA PRO A 109 -30.58 -11.68 20.65
C PRO A 109 -31.18 -11.95 22.03
N ASN A 110 -31.10 -13.21 22.46
CA ASN A 110 -31.68 -13.65 23.73
C ASN A 110 -30.57 -14.30 24.55
N PRO A 111 -29.83 -13.52 25.35
CA PRO A 111 -28.68 -14.08 26.05
C PRO A 111 -29.03 -15.20 27.02
N GLN A 112 -30.25 -15.20 27.57
CA GLN A 112 -30.65 -16.27 28.48
C GLN A 112 -30.61 -17.61 27.78
N GLU A 113 -31.17 -17.69 26.58
CA GLU A 113 -31.03 -18.87 25.75
C GLU A 113 -29.73 -18.89 24.98
N ARG A 114 -29.02 -17.76 24.91
CA ARG A 114 -27.79 -17.62 24.12
C ARG A 114 -28.03 -18.05 22.68
N THR A 115 -29.06 -17.48 22.07
CA THR A 115 -29.40 -17.71 20.67
C THR A 115 -29.64 -16.38 20.00
N LEU A 116 -29.28 -16.30 18.72
CA LEU A 116 -29.45 -15.08 17.94
C LEU A 116 -30.52 -15.35 16.89
N THR A 117 -31.78 -15.18 17.29
CA THR A 117 -32.90 -15.41 16.40
C THR A 117 -32.98 -14.32 15.34
N LEU A 118 -33.33 -14.72 14.11
CA LEU A 118 -33.60 -13.77 13.04
C LEU A 118 -35.02 -14.03 12.53
N VAL A 119 -36.00 -13.41 13.19
CA VAL A 119 -37.38 -13.48 12.73
C VAL A 119 -37.47 -12.86 11.33
N ASP A 120 -38.44 -13.33 10.56
CA ASP A 120 -38.60 -12.89 9.18
C ASP A 120 -40.06 -13.09 8.78
N THR A 121 -40.43 -12.49 7.65
CA THR A 121 -41.79 -12.59 7.13
C THR A 121 -41.77 -12.82 5.62
N GLY A 122 -40.77 -13.54 5.13
CA GLY A 122 -40.56 -13.74 3.71
C GLY A 122 -41.30 -14.93 3.14
N ILE A 123 -40.81 -15.41 2.00
CA ILE A 123 -41.48 -16.46 1.25
C ILE A 123 -41.49 -17.78 2.01
N GLY A 124 -40.45 -18.07 2.78
CA GLY A 124 -40.33 -19.38 3.37
C GLY A 124 -39.93 -20.43 2.34
N MET A 125 -40.08 -21.69 2.74
CA MET A 125 -39.69 -22.81 1.90
C MET A 125 -40.24 -24.11 2.49
N THR A 126 -40.65 -25.02 1.60
CA THR A 126 -41.36 -26.23 1.99
C THR A 126 -40.37 -27.31 2.44
N LYS A 127 -40.87 -28.52 2.69
CA LYS A 127 -40.01 -29.61 3.17
C LYS A 127 -39.06 -30.09 2.09
N ALA A 128 -39.58 -30.34 0.89
CA ALA A 128 -38.71 -30.70 -0.23
C ALA A 128 -37.68 -29.61 -0.50
N ASP A 129 -38.08 -28.34 -0.35
CA ASP A 129 -37.13 -27.25 -0.51
C ASP A 129 -36.09 -27.26 0.60
N LEU A 130 -36.50 -27.57 1.84
CA LEU A 130 -35.54 -27.76 2.92
C LEU A 130 -34.49 -28.78 2.54
N ILE A 131 -34.93 -29.94 2.07
CA ILE A 131 -34.01 -31.06 1.86
C ILE A 131 -33.17 -30.84 0.61
N ASN A 132 -33.66 -30.08 -0.36
CA ASN A 132 -32.94 -29.86 -1.60
C ASN A 132 -32.23 -28.50 -1.66
N ASN A 133 -32.30 -27.71 -0.60
CA ASN A 133 -31.57 -26.45 -0.56
C ASN A 133 -30.61 -26.33 0.62
N LEU A 134 -30.98 -26.86 1.79
CA LEU A 134 -30.08 -26.76 2.95
C LEU A 134 -29.18 -27.96 3.11
N GLY A 135 -29.51 -29.09 2.50
CA GLY A 135 -28.71 -30.29 2.64
C GLY A 135 -27.79 -30.60 1.49
N THR A 136 -27.75 -29.77 0.46
CA THR A 136 -26.93 -30.02 -0.73
C THR A 136 -25.89 -28.91 -0.84
N ILE A 137 -24.65 -29.23 -0.50
CA ILE A 137 -23.55 -28.27 -0.63
C ILE A 137 -23.43 -27.82 -2.08
N ALA A 138 -23.15 -26.53 -2.27
CA ALA A 138 -22.96 -25.92 -3.58
C ALA A 138 -24.23 -25.94 -4.43
N LYS A 139 -25.40 -25.93 -3.79
CA LYS A 139 -26.67 -25.86 -4.48
C LYS A 139 -27.49 -24.71 -3.89
N SER A 140 -27.96 -23.81 -4.75
CA SER A 140 -28.65 -22.61 -4.32
C SER A 140 -29.94 -22.48 -5.10
N GLY A 141 -31.06 -22.35 -4.39
CA GLY A 141 -32.34 -22.14 -5.05
C GLY A 141 -32.52 -20.75 -5.60
N THR A 142 -31.72 -19.79 -5.14
CA THR A 142 -31.82 -18.42 -5.62
C THR A 142 -31.52 -18.34 -7.12
N LYS A 143 -30.42 -18.97 -7.55
CA LYS A 143 -30.06 -18.93 -8.96
C LYS A 143 -31.09 -19.64 -9.82
N ALA A 144 -31.59 -20.79 -9.35
CA ALA A 144 -32.57 -21.53 -10.12
C ALA A 144 -33.89 -20.77 -10.21
N PHE A 145 -34.25 -20.02 -9.16
CA PHE A 145 -35.44 -19.19 -9.21
C PHE A 145 -35.25 -18.03 -10.18
N MET A 146 -34.10 -17.35 -10.10
CA MET A 146 -33.86 -16.21 -10.96
C MET A 146 -33.74 -16.61 -12.43
N GLU A 147 -33.30 -17.83 -12.70
CA GLU A 147 -33.22 -18.30 -14.08
C GLU A 147 -34.57 -18.63 -14.67
N ALA A 148 -35.60 -18.78 -13.83
CA ALA A 148 -36.92 -19.20 -14.29
C ALA A 148 -37.96 -18.10 -14.27
N LEU A 149 -37.54 -16.84 -14.22
CA LEU A 149 -38.48 -15.72 -14.23
C LEU A 149 -38.44 -15.01 -15.59
N GLN A 150 -39.49 -14.25 -15.87
CA GLN A 150 -39.68 -13.60 -17.16
C GLN A 150 -38.49 -12.74 -17.55
N ALA A 151 -38.29 -12.54 -18.86
CA ALA A 151 -37.14 -11.78 -19.34
C ALA A 151 -37.30 -10.30 -19.01
N GLY A 152 -36.64 -9.86 -17.95
CA GLY A 152 -36.75 -8.48 -17.51
C GLY A 152 -37.76 -8.31 -16.40
N ALA A 153 -37.29 -8.02 -15.20
CA ALA A 153 -38.17 -7.82 -14.06
C ALA A 153 -37.46 -6.94 -13.03
N ASP A 154 -38.26 -6.33 -12.16
CA ASP A 154 -37.74 -5.43 -11.13
C ASP A 154 -37.29 -6.26 -9.91
N ILE A 155 -36.32 -7.12 -10.15
CA ILE A 155 -35.76 -7.96 -9.10
C ILE A 155 -34.29 -8.23 -9.36
N SER A 156 -33.49 -8.19 -8.30
CA SER A 156 -32.07 -8.52 -8.36
C SER A 156 -31.66 -9.11 -7.02
N MET A 157 -31.19 -10.34 -7.04
CA MET A 157 -30.95 -11.10 -5.81
C MET A 157 -29.46 -11.28 -5.57
N ILE A 158 -29.11 -11.43 -4.29
CA ILE A 158 -27.74 -11.58 -3.85
C ILE A 158 -27.47 -13.05 -3.59
N GLY A 159 -26.41 -13.59 -4.19
CA GLY A 159 -26.02 -14.97 -3.90
C GLY A 159 -26.26 -15.88 -5.08
N GLN A 160 -25.17 -16.49 -5.55
CA GLN A 160 -25.25 -17.51 -6.58
C GLN A 160 -24.40 -18.74 -6.30
N PHE A 161 -23.43 -18.66 -5.38
CA PHE A 161 -22.49 -19.77 -5.19
C PHE A 161 -23.19 -21.00 -4.63
N GLY A 162 -23.75 -20.88 -3.43
CA GLY A 162 -24.45 -21.98 -2.81
C GLY A 162 -23.85 -22.47 -1.52
N VAL A 163 -22.88 -21.76 -0.94
CA VAL A 163 -22.21 -22.18 0.28
C VAL A 163 -22.33 -21.15 1.39
N GLY A 164 -23.16 -20.12 1.19
CA GLY A 164 -23.23 -19.03 2.15
C GLY A 164 -23.75 -19.45 3.51
N PHE A 165 -24.79 -20.28 3.53
CA PHE A 165 -25.44 -20.62 4.79
C PHE A 165 -24.48 -21.35 5.74
N TYR A 166 -23.65 -22.22 5.19
CA TYR A 166 -22.73 -23.00 6.03
C TYR A 166 -21.63 -22.16 6.65
N SER A 167 -21.64 -20.84 6.42
CA SER A 167 -20.78 -19.94 7.19
C SER A 167 -21.34 -19.64 8.56
N ALA A 168 -22.60 -20.02 8.84
CA ALA A 168 -23.20 -19.79 10.14
C ALA A 168 -22.65 -20.71 11.21
N TYR A 169 -21.92 -21.76 10.83
CA TYR A 169 -21.24 -22.60 11.82
C TYR A 169 -19.84 -22.11 12.15
N LEU A 170 -19.43 -20.97 11.58
CA LEU A 170 -18.18 -20.35 11.99
C LEU A 170 -18.25 -19.91 13.45
N VAL A 171 -19.37 -19.33 13.86
CA VAL A 171 -19.52 -18.74 15.19
C VAL A 171 -20.71 -19.30 15.95
N ALA A 172 -21.15 -20.51 15.62
CA ALA A 172 -22.35 -21.07 16.25
C ALA A 172 -22.26 -22.58 16.38
N GLU A 173 -23.01 -23.10 17.35
CA GLU A 173 -23.24 -24.52 17.55
C GLU A 173 -24.31 -25.00 16.58
N LYS A 174 -24.88 -26.18 16.86
CA LYS A 174 -26.02 -26.69 16.11
C LYS A 174 -27.02 -25.58 15.81
N VAL A 175 -27.47 -25.54 14.56
CA VAL A 175 -28.40 -24.52 14.10
C VAL A 175 -29.81 -25.11 14.12
N VAL A 176 -30.80 -24.24 14.22
CA VAL A 176 -32.20 -24.63 14.20
C VAL A 176 -32.95 -23.66 13.29
N VAL A 177 -33.62 -24.19 12.29
CA VAL A 177 -34.38 -23.39 11.34
C VAL A 177 -35.85 -23.77 11.43
N ILE A 178 -36.71 -22.76 11.53
CA ILE A 178 -38.16 -22.94 11.51
C ILE A 178 -38.68 -22.27 10.24
N THR A 179 -39.76 -22.80 9.67
CA THR A 179 -40.25 -22.28 8.41
C THR A 179 -41.75 -22.58 8.31
N LYS A 180 -42.41 -21.81 7.44
CA LYS A 180 -43.83 -22.04 7.14
C LYS A 180 -44.12 -21.43 5.78
N HIS A 181 -44.32 -22.28 4.79
CA HIS A 181 -44.75 -21.84 3.47
C HIS A 181 -46.26 -21.60 3.48
N ASN A 182 -46.80 -21.20 2.34
CA ASN A 182 -48.25 -21.08 2.18
C ASN A 182 -48.90 -22.37 1.70
N ASP A 183 -48.11 -23.39 1.36
CA ASP A 183 -48.63 -24.65 0.86
C ASP A 183 -48.25 -25.83 1.76
N ASP A 184 -47.91 -25.56 3.02
CA ASP A 184 -47.43 -26.59 3.93
C ASP A 184 -47.63 -26.12 5.36
N GLU A 185 -47.19 -26.95 6.30
CA GLU A 185 -47.17 -26.59 7.71
C GLU A 185 -45.71 -26.37 8.15
N GLN A 186 -45.54 -26.15 9.46
CA GLN A 186 -44.22 -25.81 9.98
C GLN A 186 -43.33 -27.05 10.07
N TYR A 187 -42.02 -26.83 9.95
CA TYR A 187 -41.04 -27.90 9.92
C TYR A 187 -39.76 -27.43 10.58
N ALA A 188 -39.47 -27.94 11.77
CA ALA A 188 -38.23 -27.62 12.47
C ALA A 188 -37.07 -28.35 11.80
N TRP A 189 -35.94 -27.66 11.64
CA TRP A 189 -34.78 -28.16 10.92
C TRP A 189 -33.58 -28.05 11.84
N GLU A 190 -33.07 -29.19 12.32
CA GLU A 190 -32.03 -29.22 13.34
C GLU A 190 -30.83 -29.98 12.80
N SER A 191 -29.72 -29.27 12.58
CA SER A 191 -28.47 -29.89 12.18
C SER A 191 -27.32 -29.26 12.94
N SER A 192 -26.16 -29.91 12.88
CA SER A 192 -24.97 -29.37 13.52
C SER A 192 -23.71 -29.55 12.67
N ALA A 193 -23.86 -29.64 11.35
CA ALA A 193 -22.74 -29.85 10.43
C ALA A 193 -21.93 -31.09 10.81
N GLY A 194 -22.64 -32.15 11.19
CA GLY A 194 -22.00 -33.39 11.56
C GLY A 194 -22.45 -34.55 10.70
N GLY A 195 -22.62 -34.28 9.40
CA GLY A 195 -23.12 -35.28 8.49
C GLY A 195 -24.55 -35.70 8.74
N SER A 196 -25.44 -34.75 9.02
CA SER A 196 -26.84 -35.05 9.26
C SER A 196 -27.62 -33.74 9.31
N PHE A 197 -28.90 -33.84 8.97
CA PHE A 197 -29.83 -32.72 9.10
C PHE A 197 -31.24 -33.29 9.14
N THR A 198 -31.93 -33.10 10.26
CA THR A 198 -33.15 -33.85 10.57
C THR A 198 -34.37 -32.95 10.48
N VAL A 199 -35.01 -32.95 9.31
CA VAL A 199 -36.32 -32.32 9.15
C VAL A 199 -37.32 -33.08 10.02
N ARG A 200 -38.18 -32.34 10.71
CA ARG A 200 -39.20 -32.95 11.55
C ARG A 200 -40.45 -32.07 11.56
N ALA A 201 -41.54 -32.61 12.08
CA ALA A 201 -42.79 -31.87 12.18
C ALA A 201 -42.75 -30.94 13.38
N ASP A 202 -43.40 -29.79 13.23
CA ASP A 202 -43.36 -28.72 14.23
C ASP A 202 -44.76 -28.49 14.78
N HIS A 203 -44.83 -28.15 16.07
CA HIS A 203 -46.09 -27.91 16.76
C HIS A 203 -46.07 -26.62 17.56
N GLY A 204 -45.10 -25.75 17.35
CA GLY A 204 -44.97 -24.54 18.12
C GLY A 204 -45.89 -23.43 17.66
N GLU A 205 -45.54 -22.21 18.05
CA GLU A 205 -46.35 -21.06 17.72
C GLU A 205 -46.36 -20.82 16.21
N PRO A 206 -47.48 -20.40 15.64
CA PRO A 206 -47.51 -20.11 14.21
C PRO A 206 -46.69 -18.86 13.88
N ILE A 207 -46.00 -18.90 12.74
CA ILE A 207 -45.27 -17.75 12.24
C ILE A 207 -46.03 -17.03 11.14
N GLY A 208 -47.02 -17.67 10.53
CA GLY A 208 -47.78 -17.07 9.46
C GLY A 208 -47.17 -17.30 8.10
N ARG A 209 -46.08 -16.60 7.80
CA ARG A 209 -45.37 -16.81 6.53
C ARG A 209 -43.92 -16.35 6.73
N GLY A 210 -43.01 -17.29 6.89
CA GLY A 210 -41.61 -16.95 6.89
C GLY A 210 -40.72 -17.71 7.86
N THR A 211 -39.41 -17.67 7.58
CA THR A 211 -38.40 -18.40 8.32
C THR A 211 -38.19 -17.79 9.71
N LYS A 212 -37.58 -18.57 10.60
CA LYS A 212 -37.07 -18.05 11.86
C LYS A 212 -35.83 -18.85 12.21
N VAL A 213 -34.67 -18.32 11.82
CA VAL A 213 -33.39 -18.95 12.11
C VAL A 213 -33.09 -18.80 13.59
N ILE A 214 -32.51 -19.83 14.19
CA ILE A 214 -32.09 -19.80 15.60
C ILE A 214 -30.72 -20.43 15.68
N LEU A 215 -29.69 -19.60 15.86
CA LEU A 215 -28.33 -20.09 16.01
C LEU A 215 -28.10 -20.54 17.45
N HIS A 216 -26.86 -20.94 17.74
CA HIS A 216 -26.46 -21.26 19.10
C HIS A 216 -24.99 -20.87 19.23
N LEU A 217 -24.74 -19.65 19.71
CA LEU A 217 -23.38 -19.12 19.74
C LEU A 217 -22.50 -19.89 20.72
N LYS A 218 -21.23 -20.04 20.36
CA LYS A 218 -20.27 -20.73 21.21
C LYS A 218 -19.96 -19.88 22.44
N GLU A 219 -19.35 -20.52 23.44
CA GLU A 219 -19.16 -19.88 24.74
C GLU A 219 -18.29 -18.63 24.63
N ASP A 220 -17.23 -18.69 23.85
CA ASP A 220 -16.31 -17.56 23.73
C ASP A 220 -16.77 -16.51 22.72
N GLN A 221 -17.73 -16.84 21.86
CA GLN A 221 -18.23 -15.92 20.85
C GLN A 221 -19.48 -15.18 21.31
N THR A 222 -19.71 -15.09 22.62
CA THR A 222 -20.91 -14.46 23.16
C THR A 222 -20.93 -12.96 22.92
N GLU A 223 -19.86 -12.38 22.36
CA GLU A 223 -19.76 -10.94 22.23
C GLU A 223 -20.50 -10.38 21.02
N TYR A 224 -21.43 -11.14 20.44
CA TYR A 224 -22.30 -10.63 19.38
C TYR A 224 -23.76 -10.55 19.83
N LEU A 225 -23.99 -10.46 21.14
CA LEU A 225 -25.32 -10.21 21.69
C LEU A 225 -25.45 -8.81 22.27
N GLU A 226 -24.46 -7.96 22.07
CA GLU A 226 -24.46 -6.60 22.60
C GLU A 226 -25.12 -5.64 21.60
N GLU A 227 -25.44 -4.45 22.08
CA GLU A 227 -25.90 -3.39 21.18
C GLU A 227 -24.77 -2.93 20.26
N ARG A 228 -23.60 -2.66 20.84
CA ARG A 228 -22.52 -2.01 20.10
C ARG A 228 -22.02 -2.89 18.96
N ARG A 229 -21.72 -4.16 19.24
CA ARG A 229 -21.12 -5.01 18.23
C ARG A 229 -22.09 -5.29 17.09
N VAL A 230 -23.34 -5.63 17.42
CA VAL A 230 -24.35 -5.89 16.39
C VAL A 230 -24.58 -4.65 15.55
N LYS A 231 -24.70 -3.49 16.20
CA LYS A 231 -24.91 -2.25 15.46
C LYS A 231 -23.75 -1.95 14.53
N GLU A 232 -22.52 -2.10 15.01
CA GLU A 232 -21.36 -1.82 14.20
C GLU A 232 -21.30 -2.74 12.99
N VAL A 233 -21.55 -4.04 13.20
CA VAL A 233 -21.49 -5.00 12.11
C VAL A 233 -22.56 -4.69 11.07
N VAL A 234 -23.79 -4.43 11.52
CA VAL A 234 -24.89 -4.18 10.59
C VAL A 234 -24.64 -2.90 9.80
N LYS A 235 -24.22 -1.83 10.49
CA LYS A 235 -23.97 -0.57 9.81
C LYS A 235 -22.85 -0.71 8.79
N LYS A 236 -21.77 -1.42 9.16
CA LYS A 236 -20.64 -1.57 8.25
C LYS A 236 -21.03 -2.39 7.02
N HIS A 237 -21.70 -3.52 7.22
CA HIS A 237 -21.94 -4.45 6.11
C HIS A 237 -23.25 -4.16 5.36
N SER A 238 -24.38 -4.26 6.05
CA SER A 238 -25.68 -4.33 5.39
C SER A 238 -26.56 -3.12 5.75
N GLN A 239 -25.98 -1.92 5.72
CA GLN A 239 -26.77 -0.73 6.05
C GLN A 239 -27.79 -0.41 4.97
N PHE A 240 -27.47 -0.69 3.71
CA PHE A 240 -28.29 -0.25 2.58
C PHE A 240 -29.25 -1.33 2.09
N ILE A 241 -29.66 -2.24 2.97
CA ILE A 241 -30.68 -3.22 2.62
C ILE A 241 -32.03 -2.51 2.46
N GLY A 242 -32.80 -2.93 1.46
CA GLY A 242 -34.03 -2.26 1.10
C GLY A 242 -35.21 -2.47 2.02
N TYR A 243 -35.10 -3.34 3.01
CA TYR A 243 -36.20 -3.58 3.93
C TYR A 243 -35.81 -3.20 5.35
N PRO A 244 -36.79 -2.79 6.18
CA PRO A 244 -36.46 -2.37 7.54
C PRO A 244 -35.87 -3.50 8.37
N ILE A 245 -34.90 -3.15 9.21
CA ILE A 245 -34.28 -4.08 10.15
C ILE A 245 -34.53 -3.56 11.56
N THR A 246 -35.00 -4.43 12.44
CA THR A 246 -35.40 -4.04 13.79
C THR A 246 -34.76 -4.98 14.80
N LEU A 247 -34.09 -4.40 15.80
CA LEU A 247 -33.38 -5.16 16.82
C LEU A 247 -34.21 -5.13 18.11
N TYR A 248 -34.95 -6.21 18.35
CA TYR A 248 -35.82 -6.31 19.54
C TYR A 248 -34.95 -6.64 20.75
N LEU A 249 -34.45 -5.59 21.42
CA LEU A 249 -33.73 -5.73 22.67
C LEU A 249 -34.24 -4.70 23.67
N GLU A 250 -34.74 -5.17 24.81
CA GLU A 250 -35.24 -4.29 25.84
C GLU A 250 -34.14 -3.91 26.84
N ILE A 309 -39.47 -3.62 25.70
CA ILE A 309 -39.07 -3.86 24.31
C ILE A 309 -39.09 -2.54 23.55
N ASP A 310 -38.01 -2.27 22.82
CA ASP A 310 -37.87 -1.04 22.06
C ASP A 310 -37.44 -1.37 20.64
N GLN A 311 -38.34 -1.15 19.68
CA GLN A 311 -38.05 -1.44 18.27
C GLN A 311 -37.12 -0.35 17.75
N GLU A 312 -35.82 -0.58 17.96
CA GLU A 312 -34.80 0.43 17.68
C GLU A 312 -34.20 0.11 16.32
N GLU A 313 -34.80 0.68 15.27
CA GLU A 313 -34.42 0.35 13.89
C GLU A 313 -32.99 0.76 13.60
N LEU A 314 -32.28 -0.06 12.83
CA LEU A 314 -30.89 0.22 12.47
C LEU A 314 -30.71 0.73 11.06
N ASN A 315 -31.73 0.61 10.21
CA ASN A 315 -31.62 1.01 8.80
C ASN A 315 -32.64 2.11 8.54
N LYS A 316 -32.23 3.36 8.76
CA LYS A 316 -33.08 4.51 8.56
C LYS A 316 -32.63 5.39 7.41
N THR A 317 -31.48 5.11 6.81
CA THR A 317 -31.03 5.79 5.60
C THR A 317 -31.35 4.93 4.39
N LYS A 318 -31.48 5.58 3.23
CA LYS A 318 -31.88 4.87 2.03
C LYS A 318 -30.92 5.18 0.89
N PRO A 319 -30.69 4.22 -0.01
CA PRO A 319 -29.76 4.47 -1.13
C PRO A 319 -30.39 5.31 -2.23
N ILE A 320 -29.93 6.55 -2.40
CA ILE A 320 -30.48 7.43 -3.42
C ILE A 320 -29.73 7.36 -4.74
N TRP A 321 -28.61 6.64 -4.81
CA TRP A 321 -27.92 6.55 -6.10
C TRP A 321 -28.66 5.69 -7.10
N THR A 322 -29.65 4.91 -6.66
CA THR A 322 -30.47 4.13 -7.59
C THR A 322 -31.48 4.99 -8.33
N ARG A 323 -32.02 6.01 -7.66
CA ARG A 323 -33.01 6.88 -8.28
C ARG A 323 -32.37 7.74 -9.36
N ASN A 324 -33.17 8.08 -10.37
CA ASN A 324 -32.70 8.92 -11.45
C ASN A 324 -32.27 10.27 -10.91
N PRO A 325 -31.16 10.84 -11.38
CA PRO A 325 -30.67 12.10 -10.80
C PRO A 325 -31.64 13.27 -10.93
N ASP A 326 -32.42 13.32 -12.01
CA ASP A 326 -33.30 14.45 -12.24
C ASP A 326 -34.41 14.54 -11.20
N ASP A 327 -34.65 13.47 -10.43
CA ASP A 327 -35.71 13.48 -9.42
C ASP A 327 -35.27 14.03 -8.08
N ILE A 328 -33.98 13.98 -7.78
CA ILE A 328 -33.46 14.38 -6.48
C ILE A 328 -33.16 15.86 -6.48
N THR A 329 -33.51 16.54 -5.39
CA THR A 329 -33.22 17.95 -5.20
C THR A 329 -31.79 18.12 -4.70
N GLN A 330 -31.25 19.32 -4.88
CA GLN A 330 -29.87 19.62 -4.49
C GLN A 330 -29.74 19.69 -2.97
N GLU A 331 -30.85 19.46 -2.26
CA GLU A 331 -30.85 19.42 -0.82
C GLU A 331 -30.87 18.01 -0.24
N GLU A 332 -31.49 17.05 -0.93
CA GLU A 332 -31.48 15.67 -0.45
C GLU A 332 -30.08 15.07 -0.54
N TYR A 333 -29.30 15.47 -1.55
CA TYR A 333 -27.88 15.13 -1.57
C TYR A 333 -27.19 15.59 -0.29
N GLY A 334 -27.56 16.77 0.22
CA GLY A 334 -26.96 17.23 1.46
C GLY A 334 -27.28 16.33 2.64
N GLU A 335 -28.54 15.90 2.75
CA GLU A 335 -28.92 14.98 3.82
C GLU A 335 -28.21 13.65 3.69
N PHE A 336 -28.12 13.11 2.47
CA PHE A 336 -27.40 11.85 2.27
C PHE A 336 -25.92 11.98 2.61
N TYR A 337 -25.29 13.09 2.23
CA TYR A 337 -23.89 13.33 2.58
C TYR A 337 -23.71 13.41 4.08
N LYS A 338 -24.59 14.16 4.76
CA LYS A 338 -24.49 14.30 6.20
C LYS A 338 -24.65 12.95 6.89
N SER A 339 -25.58 12.12 6.42
CA SER A 339 -25.78 10.81 7.03
C SER A 339 -24.61 9.87 6.75
N LEU A 340 -24.07 9.90 5.52
CA LEU A 340 -23.01 8.98 5.16
C LEU A 340 -21.69 9.33 5.84
N THR A 341 -21.39 10.63 5.96
CA THR A 341 -20.06 11.07 6.38
C THR A 341 -20.04 11.65 7.79
N ASN A 342 -21.20 11.90 8.40
CA ASN A 342 -21.35 12.51 9.72
C ASN A 342 -20.91 13.97 9.72
N ASP A 343 -20.68 14.56 8.56
CA ASP A 343 -20.32 15.97 8.48
C ASP A 343 -21.49 16.84 8.91
N TRP A 344 -21.17 18.01 9.46
CA TRP A 344 -22.17 18.96 9.94
C TRP A 344 -22.42 20.09 8.95
N GLU A 345 -21.90 19.99 7.73
CA GLU A 345 -22.15 20.98 6.69
C GLU A 345 -22.47 20.25 5.39
N ASP A 346 -23.22 20.92 4.52
CA ASP A 346 -23.62 20.32 3.26
C ASP A 346 -22.42 20.15 2.34
N HIS A 347 -22.64 19.42 1.26
CA HIS A 347 -21.60 19.21 0.26
C HIS A 347 -21.37 20.47 -0.55
N LEU A 348 -20.20 20.54 -1.19
CA LEU A 348 -19.86 21.66 -2.05
C LEU A 348 -20.26 21.40 -3.51
N ALA A 349 -19.95 20.22 -4.02
CA ALA A 349 -20.35 19.84 -5.37
C ALA A 349 -20.75 18.38 -5.36
N VAL A 350 -21.46 17.97 -6.40
CA VAL A 350 -21.99 16.62 -6.51
C VAL A 350 -22.04 16.20 -7.97
N LYS A 351 -21.73 14.94 -8.24
CA LYS A 351 -21.76 14.38 -9.58
C LYS A 351 -22.47 13.05 -9.57
N HIS A 352 -23.33 12.83 -10.56
CA HIS A 352 -24.11 11.60 -10.66
C HIS A 352 -24.05 11.13 -12.11
N PHE A 353 -23.43 9.97 -12.34
CA PHE A 353 -23.23 9.48 -13.69
C PHE A 353 -23.29 7.95 -13.68
N SER A 354 -23.58 7.39 -14.86
CA SER A 354 -23.63 5.94 -15.04
C SER A 354 -22.94 5.59 -16.34
N VAL A 355 -22.39 4.38 -16.39
CA VAL A 355 -21.66 3.88 -17.55
C VAL A 355 -22.25 2.55 -17.96
N GLU A 356 -22.37 2.33 -19.27
CA GLU A 356 -22.96 1.13 -19.83
C GLU A 356 -21.97 0.47 -20.79
N GLY A 357 -22.06 -0.84 -20.88
CA GLY A 357 -21.17 -1.64 -21.70
C GLY A 357 -21.01 -3.02 -21.11
N GLN A 358 -19.83 -3.61 -21.32
CA GLN A 358 -19.52 -4.88 -20.67
C GLN A 358 -19.16 -4.70 -19.21
N LEU A 359 -18.90 -3.47 -18.77
CA LEU A 359 -18.71 -3.14 -17.36
C LEU A 359 -19.65 -1.99 -17.03
N GLU A 360 -20.51 -2.20 -16.03
CA GLU A 360 -21.54 -1.23 -15.68
C GLU A 360 -21.51 -0.94 -14.20
N PHE A 361 -21.62 0.35 -13.86
CA PHE A 361 -21.69 0.76 -12.46
C PHE A 361 -22.26 2.17 -12.38
N ARG A 362 -22.75 2.52 -11.19
CA ARG A 362 -23.23 3.85 -10.87
C ARG A 362 -22.30 4.45 -9.82
N ALA A 363 -22.31 5.77 -9.71
CA ALA A 363 -21.36 6.40 -8.81
C ALA A 363 -21.88 7.77 -8.36
N LEU A 364 -21.54 8.12 -7.12
CA LEU A 364 -21.75 9.45 -6.57
C LEU A 364 -20.41 10.01 -6.12
N LEU A 365 -20.21 11.30 -6.34
CA LEU A 365 -18.95 11.97 -5.99
C LEU A 365 -19.26 13.27 -5.28
N PHE A 366 -18.88 13.36 -4.01
CA PHE A 366 -19.05 14.56 -3.21
C PHE A 366 -17.69 15.19 -2.94
N ILE A 367 -17.57 16.48 -3.17
CA ILE A 367 -16.39 17.26 -2.82
C ILE A 367 -16.65 17.92 -1.47
N PRO A 368 -15.90 17.60 -0.42
CA PRO A 368 -16.18 18.18 0.89
C PRO A 368 -15.99 19.69 0.89
N ARG A 369 -16.56 20.33 1.91
CA ARG A 369 -16.47 21.79 2.03
C ARG A 369 -15.05 22.22 2.37
N ARG A 370 -14.53 21.74 3.49
CA ARG A 370 -13.20 22.09 3.96
C ARG A 370 -12.37 20.82 4.06
N ALA A 371 -11.15 20.87 3.54
CA ALA A 371 -10.31 19.67 3.50
C ALA A 371 -10.01 19.20 4.92
N PRO A 372 -10.13 17.90 5.20
CA PRO A 372 -9.77 17.39 6.53
C PRO A 372 -8.27 17.53 6.76
N PHE A 373 -7.90 17.80 8.01
CA PHE A 373 -6.50 17.88 8.38
C PHE A 373 -5.87 16.49 8.32
N ASP A 374 -4.53 16.48 8.30
CA ASP A 374 -3.75 15.25 8.19
C ASP A 374 -4.14 14.49 6.92
N LEU A 375 -4.26 15.22 5.82
CA LEU A 375 -4.73 14.63 4.56
C LEU A 375 -3.63 13.80 3.89
N PHE A 376 -2.37 14.23 4.01
CA PHE A 376 -1.25 13.58 3.35
C PHE A 376 -0.42 12.73 4.31
N GLU A 377 -1.04 12.16 5.33
CA GLU A 377 -0.32 11.37 6.33
C GLU A 377 -0.73 9.91 6.36
N ASN A 378 -2.03 9.63 6.41
CA ASN A 378 -2.53 8.27 6.56
C ASN A 378 -2.20 7.46 5.31
N LYS A 379 -1.21 6.57 5.43
CA LYS A 379 -0.80 5.71 4.33
C LYS A 379 -1.28 4.28 4.48
N LYS A 380 -1.95 3.94 5.58
CA LYS A 380 -2.46 2.60 5.80
C LYS A 380 -3.92 2.44 5.47
N LYS A 381 -4.69 3.54 5.49
CA LYS A 381 -6.12 3.49 5.24
C LYS A 381 -6.58 4.80 4.63
N LYS A 382 -7.20 4.72 3.47
CA LYS A 382 -7.79 5.90 2.83
C LYS A 382 -9.29 5.77 2.63
N ASN A 383 -9.76 4.57 2.29
CA ASN A 383 -11.17 4.14 2.33
C ASN A 383 -12.18 5.24 2.00
N ASN A 384 -12.02 5.87 0.84
CA ASN A 384 -12.91 6.94 0.42
C ASN A 384 -13.94 6.50 -0.60
N ILE A 385 -13.50 5.84 -1.67
CA ILE A 385 -14.39 5.38 -2.74
C ILE A 385 -14.77 3.95 -2.40
N LYS A 386 -15.88 3.79 -1.68
CA LYS A 386 -16.39 2.45 -1.38
C LYS A 386 -16.92 1.78 -2.64
N LEU A 387 -16.97 0.46 -2.61
CA LEU A 387 -17.41 -0.34 -3.75
C LEU A 387 -18.54 -1.26 -3.30
N TYR A 388 -19.76 -0.95 -3.71
CA TYR A 388 -20.94 -1.76 -3.38
C TYR A 388 -21.33 -2.61 -4.57
N VAL A 389 -21.57 -3.89 -4.32
CA VAL A 389 -22.04 -4.82 -5.35
C VAL A 389 -23.41 -5.31 -4.91
N ARG A 390 -24.45 -4.87 -5.63
CA ARG A 390 -25.84 -5.18 -5.30
C ARG A 390 -26.18 -4.75 -3.88
N ARG A 391 -25.71 -3.56 -3.50
CA ARG A 391 -26.03 -2.93 -2.21
C ARG A 391 -25.50 -3.73 -1.03
N VAL A 392 -24.31 -4.30 -1.17
CA VAL A 392 -23.61 -4.99 -0.08
C VAL A 392 -22.15 -4.58 -0.14
N PHE A 393 -21.58 -4.23 1.02
CA PHE A 393 -20.20 -3.76 1.08
C PHE A 393 -19.24 -4.83 0.58
N ILE A 394 -18.23 -4.40 -0.17
CA ILE A 394 -17.25 -5.32 -0.75
C ILE A 394 -15.84 -4.95 -0.28
N MET A 395 -15.38 -3.76 -0.66
CA MET A 395 -14.07 -3.27 -0.26
C MET A 395 -14.04 -1.76 -0.34
N ASP A 396 -13.09 -1.17 0.38
CA ASP A 396 -12.85 0.27 0.33
C ASP A 396 -11.39 0.66 0.12
N SER A 397 -10.43 -0.19 0.46
CA SER A 397 -9.00 0.15 0.44
C SER A 397 -8.34 -0.55 -0.74
N CYS A 398 -8.24 0.18 -1.86
CA CYS A 398 -7.47 -0.30 -3.02
C CYS A 398 -7.11 0.94 -3.85
N ASP A 399 -5.80 1.20 -3.97
CA ASP A 399 -5.32 2.38 -4.66
C ASP A 399 -5.73 2.38 -6.13
N GLU A 400 -5.97 1.20 -6.69
CA GLU A 400 -6.36 1.11 -8.09
C GLU A 400 -7.67 1.83 -8.37
N LEU A 401 -8.52 2.01 -7.35
CA LEU A 401 -9.81 2.65 -7.55
C LEU A 401 -9.64 4.09 -8.01
N ILE A 402 -8.72 4.83 -7.40
CA ILE A 402 -8.56 6.25 -7.68
C ILE A 402 -7.12 6.65 -7.39
N PRO A 403 -6.49 7.48 -8.22
CA PRO A 403 -5.09 7.85 -7.98
C PRO A 403 -4.91 8.55 -6.64
N GLU A 404 -3.64 8.58 -6.20
CA GLU A 404 -3.34 9.09 -4.86
C GLU A 404 -3.62 10.58 -4.76
N TYR A 405 -3.50 11.31 -5.87
CA TYR A 405 -3.66 12.76 -5.82
C TYR A 405 -5.12 13.21 -5.83
N LEU A 406 -6.06 12.29 -5.96
CA LEU A 406 -7.49 12.57 -5.80
C LEU A 406 -8.01 12.04 -4.47
N ASN A 407 -7.18 12.11 -3.44
CA ASN A 407 -7.53 11.53 -2.15
C ASN A 407 -8.73 12.23 -1.50
N PHE A 408 -8.96 13.51 -1.83
CA PHE A 408 -9.97 14.27 -1.12
C PHE A 408 -11.40 13.92 -1.55
N ILE A 409 -11.57 13.32 -2.73
CA ILE A 409 -12.91 13.00 -3.21
C ILE A 409 -13.47 11.82 -2.43
N ARG A 410 -14.70 11.97 -1.93
CA ARG A 410 -15.37 10.95 -1.13
C ARG A 410 -16.72 10.65 -1.75
N GLY A 411 -16.95 9.36 -2.04
CA GLY A 411 -18.18 8.99 -2.71
C GLY A 411 -18.45 7.50 -2.61
N VAL A 412 -19.35 7.04 -3.47
CA VAL A 412 -19.80 5.64 -3.46
C VAL A 412 -19.93 5.17 -4.91
N VAL A 413 -19.49 3.95 -5.17
CA VAL A 413 -19.58 3.34 -6.50
C VAL A 413 -20.30 2.00 -6.36
N ASP A 414 -21.38 1.83 -7.10
CA ASP A 414 -22.23 0.65 -7.03
C ASP A 414 -22.25 -0.07 -8.37
N SER A 415 -22.09 -1.38 -8.34
CA SER A 415 -22.05 -2.21 -9.54
C SER A 415 -22.96 -3.41 -9.37
N GLU A 416 -23.39 -3.98 -10.51
CA GLU A 416 -24.40 -5.03 -10.52
C GLU A 416 -23.82 -6.43 -10.62
N ASP A 417 -22.88 -6.68 -11.52
CA ASP A 417 -22.49 -8.04 -11.86
C ASP A 417 -20.97 -8.18 -11.98
N LEU A 418 -20.24 -7.63 -11.01
CA LEU A 418 -18.80 -7.83 -10.99
C LEU A 418 -18.48 -9.24 -10.48
N PRO A 419 -17.31 -9.78 -10.85
CA PRO A 419 -16.93 -11.11 -10.35
C PRO A 419 -16.25 -11.04 -8.99
N LEU A 420 -16.70 -11.87 -8.05
CA LEU A 420 -16.19 -11.83 -6.69
C LEU A 420 -15.46 -13.12 -6.35
N ASN A 421 -14.48 -13.00 -5.45
CA ASN A 421 -13.83 -14.16 -4.87
C ASN A 421 -14.86 -15.01 -4.12
N ILE A 422 -14.47 -16.26 -3.83
CA ILE A 422 -15.41 -17.17 -3.20
C ILE A 422 -15.81 -16.68 -1.81
N SER A 423 -14.95 -15.89 -1.16
CA SER A 423 -15.29 -15.31 0.13
C SER A 423 -16.21 -14.11 0.01
N ARG A 424 -16.49 -13.64 -1.21
CA ARG A 424 -17.32 -12.45 -1.43
C ARG A 424 -16.79 -11.22 -0.73
N GLU A 425 -15.47 -11.11 -0.62
CA GLU A 425 -14.82 -9.97 0.00
C GLU A 425 -13.78 -9.32 -0.89
N MET A 426 -13.27 -10.03 -1.89
CA MET A 426 -12.24 -9.52 -2.79
C MET A 426 -12.73 -9.62 -4.23
N LEU A 427 -12.22 -8.74 -5.07
CA LEU A 427 -12.64 -8.67 -6.47
C LEU A 427 -11.69 -9.52 -7.31
N GLN A 428 -12.25 -10.46 -8.06
CA GLN A 428 -11.44 -11.27 -8.97
C GLN A 428 -11.04 -10.43 -10.18
N GLN A 429 -10.06 -10.94 -10.93
CA GLN A 429 -9.56 -10.28 -12.13
C GLN A 429 -9.20 -8.82 -11.84
N SER A 430 -8.13 -8.68 -11.04
CA SER A 430 -7.72 -7.37 -10.52
C SER A 430 -7.25 -6.43 -11.62
N LYS A 431 -7.36 -6.87 -12.89
CA LYS A 431 -7.08 -6.02 -14.03
C LYS A 431 -8.28 -5.19 -14.44
N ILE A 432 -9.46 -5.45 -13.87
CA ILE A 432 -10.66 -4.70 -14.19
C ILE A 432 -10.54 -3.26 -13.73
N LEU A 433 -9.88 -3.04 -12.59
CA LEU A 433 -9.88 -1.72 -11.94
C LEU A 433 -9.25 -0.64 -12.81
N LYS A 434 -8.49 -1.02 -13.85
CA LYS A 434 -7.94 -0.06 -14.78
C LYS A 434 -9.00 0.63 -15.61
N VAL A 435 -10.24 0.14 -15.59
CA VAL A 435 -11.34 0.79 -16.30
C VAL A 435 -12.09 1.67 -15.32
N ILE A 436 -12.23 1.20 -14.08
CA ILE A 436 -12.88 2.00 -13.05
C ILE A 436 -12.10 3.29 -12.81
N ARG A 437 -10.77 3.18 -12.70
CA ARG A 437 -9.95 4.38 -12.51
C ARG A 437 -10.10 5.35 -13.68
N LYS A 438 -10.02 4.81 -14.90
CA LYS A 438 -10.07 5.64 -16.10
C LYS A 438 -11.44 6.31 -16.26
N ASN A 439 -12.50 5.67 -15.76
CA ASN A 439 -13.82 6.27 -15.84
C ASN A 439 -14.12 7.22 -14.69
N ILE A 440 -13.42 7.07 -13.56
CA ILE A 440 -13.64 7.99 -12.44
C ILE A 440 -12.86 9.29 -12.65
N VAL A 441 -11.62 9.19 -13.14
CA VAL A 441 -10.76 10.37 -13.23
C VAL A 441 -11.33 11.38 -14.22
N LYS A 442 -11.71 10.91 -15.41
CA LYS A 442 -12.21 11.83 -16.43
C LYS A 442 -13.58 12.40 -16.09
N LYS A 443 -14.27 11.86 -15.07
CA LYS A 443 -15.50 12.45 -14.60
C LYS A 443 -15.26 13.44 -13.47
N CYS A 444 -14.29 13.17 -12.60
CA CYS A 444 -13.89 14.16 -11.61
C CYS A 444 -13.37 15.42 -12.28
N LEU A 445 -12.64 15.28 -13.39
CA LEU A 445 -12.16 16.46 -14.09
C LEU A 445 -13.31 17.25 -14.72
N GLU A 446 -14.36 16.57 -15.20
CA GLU A 446 -15.52 17.29 -15.69
C GLU A 446 -16.26 17.98 -14.55
N LEU A 447 -16.27 17.35 -13.36
CA LEU A 447 -16.84 18.02 -12.19
C LEU A 447 -16.11 19.32 -11.90
N PHE A 448 -14.77 19.28 -11.91
CA PHE A 448 -14.01 20.51 -11.72
C PHE A 448 -14.28 21.53 -12.82
N SER A 449 -14.36 21.07 -14.07
CA SER A 449 -14.61 22.00 -15.17
C SER A 449 -15.96 22.69 -15.04
N GLU A 450 -16.99 21.95 -14.60
CA GLU A 450 -18.30 22.57 -14.41
C GLU A 450 -18.37 23.42 -13.16
N LEU A 451 -17.60 23.09 -12.12
CA LEU A 451 -17.47 23.95 -10.96
C LEU A 451 -16.74 25.25 -11.27
N ALA A 452 -15.88 25.25 -12.29
CA ALA A 452 -15.14 26.44 -12.68
C ALA A 452 -16.00 27.62 -13.12
N GLU A 453 -17.11 27.38 -13.83
CA GLU A 453 -17.91 28.48 -14.34
C GLU A 453 -18.77 29.16 -13.28
N ASP A 454 -18.62 28.79 -12.01
CA ASP A 454 -19.25 29.48 -10.89
C ASP A 454 -18.13 30.06 -10.04
N LYS A 455 -17.75 31.29 -10.33
CA LYS A 455 -16.56 31.89 -9.75
C LYS A 455 -16.83 32.52 -8.39
N GLU A 456 -17.93 32.11 -7.75
CA GLU A 456 -18.25 32.57 -6.40
C GLU A 456 -17.75 31.63 -5.31
N ASN A 457 -17.81 30.32 -5.53
CA ASN A 457 -17.28 29.35 -4.59
C ASN A 457 -16.02 28.65 -5.11
N TYR A 458 -15.55 29.03 -6.31
CA TYR A 458 -14.28 28.50 -6.76
C TYR A 458 -13.13 28.91 -5.86
N LYS A 459 -13.23 30.08 -5.22
CA LYS A 459 -12.24 30.45 -4.21
C LYS A 459 -12.26 29.47 -3.05
N LYS A 460 -13.45 29.12 -2.57
CA LYS A 460 -13.57 28.14 -1.49
C LYS A 460 -12.96 26.81 -1.89
N PHE A 461 -13.22 26.37 -3.12
CA PHE A 461 -12.66 25.12 -3.60
C PHE A 461 -11.14 25.20 -3.69
N TYR A 462 -10.63 26.26 -4.32
CA TYR A 462 -9.21 26.37 -4.65
C TYR A 462 -8.36 26.50 -3.39
N GLU A 463 -8.76 27.37 -2.45
CA GLU A 463 -7.94 27.59 -1.27
C GLU A 463 -7.69 26.32 -0.49
N ALA A 464 -8.57 25.32 -0.64
CA ALA A 464 -8.41 24.06 0.06
C ALA A 464 -7.79 22.97 -0.81
N PHE A 465 -8.02 23.00 -2.13
CA PHE A 465 -7.62 21.88 -2.97
C PHE A 465 -6.74 22.31 -4.14
N SER A 466 -5.91 23.34 -3.94
CA SER A 466 -4.91 23.70 -4.93
C SER A 466 -3.72 22.75 -4.99
N LYS A 467 -3.27 22.27 -3.83
CA LYS A 467 -2.08 21.41 -3.78
C LYS A 467 -2.32 20.09 -4.50
N ASN A 468 -3.52 19.52 -4.39
CA ASN A 468 -3.81 18.28 -5.10
C ASN A 468 -3.72 18.46 -6.61
N LEU A 469 -4.24 19.59 -7.11
CA LEU A 469 -4.12 19.88 -8.54
C LEU A 469 -2.66 20.05 -8.95
N LYS A 470 -1.90 20.82 -8.17
CA LYS A 470 -0.51 21.06 -8.52
C LYS A 470 0.37 19.82 -8.33
N LEU A 471 -0.11 18.81 -7.61
CA LEU A 471 0.61 17.55 -7.53
C LEU A 471 0.19 16.60 -8.65
N GLY A 472 -1.09 16.61 -9.03
CA GLY A 472 -1.52 15.84 -10.17
C GLY A 472 -0.86 16.29 -11.46
N ILE A 473 -0.62 17.59 -11.59
CA ILE A 473 0.12 18.08 -12.75
C ILE A 473 1.51 17.48 -12.80
N HIS A 474 2.14 17.30 -11.63
CA HIS A 474 3.48 16.71 -11.60
C HIS A 474 3.44 15.21 -11.88
N GLU A 475 2.44 14.49 -11.36
CA GLU A 475 2.40 13.03 -11.45
C GLU A 475 1.63 12.54 -12.67
N ASP A 476 0.36 12.91 -12.81
CA ASP A 476 -0.48 12.41 -13.89
C ASP A 476 0.04 12.93 -15.23
N SER A 477 0.46 12.00 -16.10
CA SER A 477 1.08 12.36 -17.36
C SER A 477 0.09 12.38 -18.53
N THR A 478 -1.17 12.07 -18.30
CA THR A 478 -2.17 12.08 -19.37
C THR A 478 -3.11 13.27 -19.30
N ASN A 479 -3.48 13.71 -18.10
CA ASN A 479 -4.37 14.85 -17.92
C ASN A 479 -3.62 16.15 -17.72
N ARG A 480 -2.31 16.17 -17.98
CA ARG A 480 -1.51 17.37 -17.75
C ARG A 480 -1.99 18.54 -18.60
N ARG A 481 -2.80 18.29 -19.63
CA ARG A 481 -3.36 19.37 -20.42
C ARG A 481 -4.59 19.97 -19.74
N ARG A 482 -5.58 19.13 -19.44
CA ARG A 482 -6.82 19.61 -18.81
C ARG A 482 -6.63 19.95 -17.34
N LEU A 483 -5.53 19.51 -16.71
CA LEU A 483 -5.30 19.79 -15.31
C LEU A 483 -4.55 21.11 -15.10
N SER A 484 -4.18 21.81 -16.16
CA SER A 484 -3.47 23.07 -16.04
C SER A 484 -4.39 24.28 -16.13
N GLU A 485 -5.48 24.18 -16.92
CA GLU A 485 -6.41 25.30 -17.05
C GLU A 485 -7.18 25.57 -15.76
N LEU A 486 -7.09 24.69 -14.77
CA LEU A 486 -7.72 24.90 -13.47
C LEU A 486 -6.79 25.56 -12.47
N LEU A 487 -5.72 26.21 -12.93
CA LEU A 487 -4.75 26.85 -12.06
C LEU A 487 -4.97 28.36 -12.05
N ARG A 488 -4.96 28.95 -10.87
CA ARG A 488 -5.10 30.39 -10.69
C ARG A 488 -3.83 30.92 -10.04
N TYR A 489 -3.24 31.95 -10.64
CA TYR A 489 -1.95 32.47 -10.20
C TYR A 489 -2.02 33.99 -10.05
N HIS A 490 -1.37 34.48 -9.00
CA HIS A 490 -1.27 35.92 -8.79
C HIS A 490 -0.32 36.53 -9.82
N THR A 491 -0.76 37.60 -10.47
CA THR A 491 0.05 38.28 -11.47
C THR A 491 0.21 39.75 -11.10
N SER A 492 1.13 40.41 -11.82
CA SER A 492 1.46 41.80 -11.51
C SER A 492 0.28 42.74 -11.75
N GLN A 493 -0.42 42.56 -12.86
CA GLN A 493 -1.51 43.45 -13.26
C GLN A 493 -2.84 43.06 -12.64
N SER A 494 -2.83 42.32 -11.54
CA SER A 494 -4.05 41.90 -10.87
C SER A 494 -4.21 42.51 -9.48
N GLY A 495 -3.17 42.51 -8.66
CA GLY A 495 -3.25 43.04 -7.33
C GLY A 495 -3.58 42.00 -6.28
N ASP A 496 -4.86 41.93 -5.88
CA ASP A 496 -5.30 40.97 -4.88
C ASP A 496 -6.11 39.82 -5.46
N GLU A 497 -6.73 39.99 -6.61
CA GLU A 497 -7.56 38.96 -7.22
C GLU A 497 -6.70 38.05 -8.10
N MET A 498 -6.80 36.75 -7.86
CA MET A 498 -6.09 35.78 -8.67
C MET A 498 -6.65 35.74 -10.09
N THR A 499 -5.78 35.43 -11.06
CA THR A 499 -6.18 35.32 -12.45
C THR A 499 -5.70 33.99 -13.02
N SER A 500 -6.26 33.63 -14.16
CA SER A 500 -5.96 32.36 -14.81
C SER A 500 -4.90 32.55 -15.89
N LEU A 501 -4.30 31.43 -16.30
CA LEU A 501 -3.35 31.46 -17.41
C LEU A 501 -4.05 31.82 -18.71
N SER A 502 -5.28 31.36 -18.91
CA SER A 502 -6.03 31.71 -20.10
C SER A 502 -6.44 33.18 -20.12
N GLU A 503 -6.36 33.86 -18.97
CA GLU A 503 -6.55 35.30 -18.96
C GLU A 503 -5.24 36.04 -19.25
N TYR A 504 -4.13 35.52 -18.73
CA TYR A 504 -2.82 36.05 -19.10
C TYR A 504 -2.61 36.00 -20.60
N VAL A 505 -2.91 34.86 -21.22
CA VAL A 505 -2.76 34.74 -22.67
C VAL A 505 -3.69 35.71 -23.39
N SER A 506 -4.85 35.99 -22.80
CA SER A 506 -5.78 36.92 -23.43
C SER A 506 -5.31 38.36 -23.31
N ARG A 507 -4.56 38.69 -22.25
CA ARG A 507 -4.03 40.02 -22.05
C ARG A 507 -2.60 40.19 -22.55
N MET A 508 -2.03 39.15 -23.17
CA MET A 508 -0.62 39.20 -23.53
C MET A 508 -0.39 40.16 -24.69
N LYS A 509 0.81 40.74 -24.71
CA LYS A 509 1.18 41.69 -25.75
C LYS A 509 1.26 41.01 -27.11
N GLU A 510 1.04 41.80 -28.16
CA GLU A 510 1.08 41.29 -29.52
C GLU A 510 2.48 40.92 -29.99
N THR A 511 3.52 41.30 -29.24
CA THR A 511 4.90 41.06 -29.65
C THR A 511 5.60 39.99 -28.80
N GLN A 512 5.10 39.73 -27.59
CA GLN A 512 5.65 38.65 -26.78
C GLN A 512 5.46 37.31 -27.48
N LYS A 513 6.46 36.43 -27.34
CA LYS A 513 6.37 35.08 -27.89
C LYS A 513 6.49 34.00 -26.82
N SER A 514 6.38 34.36 -25.54
CA SER A 514 6.49 33.39 -24.47
C SER A 514 5.79 33.95 -23.23
N ILE A 515 5.70 33.12 -22.20
CA ILE A 515 5.13 33.50 -20.92
C ILE A 515 6.27 33.62 -19.91
N TYR A 516 6.32 34.74 -19.20
CA TYR A 516 7.36 35.00 -18.22
C TYR A 516 6.87 34.65 -16.82
N TYR A 517 7.78 34.15 -15.99
CA TYR A 517 7.43 33.78 -14.64
C TYR A 517 8.67 33.85 -13.75
N ILE A 518 8.44 34.06 -12.46
CA ILE A 518 9.50 34.18 -11.47
C ILE A 518 9.10 33.38 -10.23
N THR A 519 10.07 32.70 -9.64
CA THR A 519 9.84 31.83 -8.49
C THR A 519 10.57 32.37 -7.28
N GLY A 520 9.84 32.52 -6.17
CA GLY A 520 10.42 33.05 -4.94
C GLY A 520 9.85 32.44 -3.68
N GLU A 521 9.90 33.19 -2.58
CA GLU A 521 9.44 32.72 -1.28
C GLU A 521 8.14 33.35 -0.82
N SER A 522 7.94 34.64 -1.10
CA SER A 522 6.70 35.34 -0.75
C SER A 522 6.30 36.20 -1.94
N LYS A 523 5.30 37.05 -1.73
CA LYS A 523 4.85 37.93 -2.80
C LYS A 523 5.52 39.30 -2.77
N GLU A 524 5.70 39.88 -1.58
CA GLU A 524 6.39 41.16 -1.48
C GLU A 524 7.86 41.03 -1.88
N GLN A 525 8.50 39.92 -1.50
CA GLN A 525 9.88 39.69 -1.90
C GLN A 525 10.00 39.55 -3.41
N VAL A 526 9.06 38.84 -4.04
CA VAL A 526 9.12 38.60 -5.48
C VAL A 526 8.85 39.88 -6.25
N ALA A 527 7.83 40.63 -5.84
CA ALA A 527 7.43 41.81 -6.62
C ALA A 527 8.53 42.85 -6.69
N ASN A 528 9.24 43.05 -5.58
CA ASN A 528 10.31 44.05 -5.51
C ASN A 528 11.65 43.53 -6.02
N SER A 529 11.73 42.28 -6.46
CA SER A 529 12.99 41.68 -6.84
C SER A 529 13.64 42.44 -8.01
N ALA A 530 14.94 42.21 -8.19
CA ALA A 530 15.71 42.94 -9.19
C ALA A 530 15.48 42.43 -10.61
N PHE A 531 15.08 41.16 -10.78
CA PHE A 531 14.96 40.59 -12.10
C PHE A 531 13.83 41.21 -12.91
N VAL A 532 12.70 41.52 -12.27
CA VAL A 532 11.51 41.98 -12.96
C VAL A 532 11.54 43.50 -13.19
N GLU A 533 12.63 44.17 -12.81
CA GLU A 533 12.65 45.62 -12.89
C GLU A 533 12.54 46.13 -14.32
N ARG A 534 13.05 45.39 -15.29
CA ARG A 534 12.93 45.81 -16.69
C ARG A 534 11.68 45.25 -17.36
N VAL A 535 11.25 44.05 -16.97
CA VAL A 535 10.03 43.48 -17.53
C VAL A 535 8.83 44.34 -17.14
N ARG A 536 8.74 44.71 -15.86
CA ARG A 536 7.63 45.55 -15.41
C ARG A 536 7.74 46.97 -15.97
N LYS A 537 8.95 47.41 -16.32
CA LYS A 537 9.11 48.76 -16.86
C LYS A 537 8.61 48.85 -18.29
N ARG A 538 8.81 47.80 -19.09
CA ARG A 538 8.31 47.79 -20.45
C ARG A 538 6.79 47.70 -20.51
N GLY A 539 6.17 47.07 -19.52
CA GLY A 539 4.73 46.91 -19.48
C GLY A 539 4.26 45.47 -19.50
N PHE A 540 5.14 44.51 -19.78
CA PHE A 540 4.74 43.12 -19.85
C PHE A 540 4.39 42.59 -18.47
N GLU A 541 3.34 41.77 -18.41
CA GLU A 541 2.92 41.17 -17.15
C GLU A 541 3.91 40.11 -16.71
N VAL A 542 3.84 39.75 -15.43
CA VAL A 542 4.68 38.72 -14.84
C VAL A 542 3.77 37.81 -14.02
N VAL A 543 4.19 36.54 -13.90
CA VAL A 543 3.44 35.55 -13.13
C VAL A 543 4.22 35.24 -11.87
N TYR A 544 3.58 35.45 -10.72
CA TYR A 544 4.18 35.14 -9.43
C TYR A 544 3.92 33.68 -9.07
N MET A 545 4.95 32.98 -8.63
CA MET A 545 4.85 31.59 -8.19
C MET A 545 5.48 31.51 -6.79
N THR A 546 4.66 31.70 -5.76
CA THR A 546 5.13 31.79 -4.39
C THR A 546 4.89 30.51 -3.60
N GLU A 547 4.84 29.36 -4.27
CA GLU A 547 4.59 28.11 -3.59
C GLU A 547 5.69 27.10 -3.89
N PRO A 548 6.14 26.34 -2.89
CA PRO A 548 7.18 25.33 -3.15
C PRO A 548 6.78 24.29 -4.19
N ILE A 549 5.51 23.92 -4.25
CA ILE A 549 5.05 22.93 -5.22
C ILE A 549 5.10 23.48 -6.65
N ASP A 550 5.21 24.80 -6.81
CA ASP A 550 5.23 25.38 -8.14
C ASP A 550 6.44 24.96 -8.95
N GLU A 551 7.59 24.73 -8.31
CA GLU A 551 8.77 24.27 -9.05
C GLU A 551 8.54 22.90 -9.65
N TYR A 552 7.98 21.98 -8.87
CA TYR A 552 7.60 20.67 -9.39
C TYR A 552 6.51 20.77 -10.44
N CYS A 553 5.60 21.73 -10.30
CA CYS A 553 4.57 21.93 -11.32
C CYS A 553 5.14 22.43 -12.64
N VAL A 554 6.20 23.25 -12.59
CA VAL A 554 6.74 23.86 -13.81
C VAL A 554 7.88 23.06 -14.42
N GLN A 555 8.46 22.10 -13.68
CA GLN A 555 9.40 21.19 -14.35
C GLN A 555 8.70 20.36 -15.42
N GLN A 556 7.50 19.87 -15.13
CA GLN A 556 6.76 19.07 -16.10
C GLN A 556 5.92 19.90 -17.06
N LEU A 557 5.69 21.18 -16.76
CA LEU A 557 5.08 22.06 -17.73
C LEU A 557 6.16 22.66 -18.62
N LYS A 558 5.93 22.60 -19.94
CA LYS A 558 6.87 23.16 -20.90
C LYS A 558 6.28 24.23 -21.79
N GLU A 559 4.96 24.27 -21.95
CA GLU A 559 4.32 25.30 -22.75
C GLU A 559 2.87 25.42 -22.31
N PHE A 560 2.13 26.28 -22.99
CA PHE A 560 0.70 26.46 -22.74
C PHE A 560 0.12 27.19 -23.93
N ASP A 561 -0.89 26.59 -24.57
CA ASP A 561 -1.52 27.17 -25.75
C ASP A 561 -0.49 27.45 -26.85
N GLY A 562 0.52 26.59 -26.93
CA GLY A 562 1.58 26.76 -27.92
C GLY A 562 2.66 27.73 -27.54
N LYS A 563 2.63 28.28 -26.32
CA LYS A 563 3.59 29.26 -25.87
C LYS A 563 4.35 28.71 -24.68
N SER A 564 5.68 28.76 -24.74
CA SER A 564 6.51 28.09 -23.75
C SER A 564 6.76 28.98 -22.54
N LEU A 565 6.91 28.35 -21.38
CA LEU A 565 7.16 29.05 -20.12
C LEU A 565 8.66 29.28 -19.97
N VAL A 566 9.08 30.53 -20.14
CA VAL A 566 10.48 30.93 -19.97
C VAL A 566 10.60 31.73 -18.68
N SER A 567 11.63 31.43 -17.90
CA SER A 567 11.82 32.09 -16.61
C SER A 567 12.58 33.42 -16.79
N VAL A 568 12.62 34.20 -15.72
CA VAL A 568 13.35 35.45 -15.68
C VAL A 568 14.55 35.38 -14.74
N THR A 569 15.07 34.18 -14.49
CA THR A 569 16.30 34.00 -13.73
C THR A 569 17.22 33.00 -14.41
N LYS A 570 17.07 32.84 -15.73
CA LYS A 570 17.87 31.95 -16.55
C LYS A 570 18.75 32.77 -17.49
N GLU A 571 19.52 32.08 -18.33
CA GLU A 571 20.53 32.71 -19.16
C GLU A 571 19.94 33.71 -20.15
N GLY A 572 19.13 33.23 -21.08
CA GLY A 572 18.64 34.07 -22.15
C GLY A 572 17.22 34.56 -21.97
N LEU A 573 17.07 35.82 -21.58
CA LEU A 573 15.76 36.44 -21.50
C LEU A 573 15.57 37.37 -22.70
N GLU A 574 15.03 36.84 -23.80
CA GLU A 574 14.94 37.58 -25.05
C GLU A 574 13.75 38.52 -25.02
N LEU A 575 14.00 39.75 -24.57
CA LEU A 575 12.96 40.77 -24.59
C LEU A 575 12.62 41.16 -26.02
N PRO A 576 11.37 41.54 -26.31
CA PRO A 576 11.06 42.10 -27.63
C PRO A 576 11.70 43.47 -27.81
N GLU A 577 13.01 43.48 -28.04
CA GLU A 577 13.83 44.67 -27.99
C GLU A 577 13.84 45.38 -29.34
N ASP A 578 13.81 46.71 -29.30
CA ASP A 578 13.85 47.50 -30.52
C ASP A 578 15.28 47.53 -31.09
N GLU A 579 15.36 47.81 -32.39
CA GLU A 579 16.65 47.73 -33.10
C GLU A 579 17.65 48.77 -32.64
N GLU A 580 17.19 49.91 -32.10
CA GLU A 580 18.12 50.90 -31.58
C GLU A 580 18.94 50.33 -30.43
N GLU A 581 18.29 49.59 -29.54
CA GLU A 581 18.99 48.98 -28.43
C GLU A 581 19.97 47.89 -28.85
N LYS A 582 19.84 47.33 -30.06
CA LYS A 582 20.90 46.44 -30.55
C LYS A 582 22.23 47.18 -30.69
N LYS A 583 22.23 48.32 -31.39
CA LYS A 583 23.48 49.06 -31.53
C LYS A 583 23.90 49.67 -30.20
N LYS A 584 22.94 50.02 -29.34
CA LYS A 584 23.29 50.47 -28.00
C LYS A 584 24.02 49.36 -27.23
N MET A 585 23.52 48.12 -27.35
CA MET A 585 24.18 46.98 -26.73
C MET A 585 25.57 46.76 -27.31
N GLU A 586 25.71 46.92 -28.62
CA GLU A 586 27.02 46.77 -29.25
C GLU A 586 28.01 47.79 -28.70
N GLU A 587 27.58 49.05 -28.57
CA GLU A 587 28.46 50.08 -28.02
C GLU A 587 28.83 49.76 -26.58
N SER A 588 27.83 49.37 -25.76
CA SER A 588 28.12 49.07 -24.36
C SER A 588 29.06 47.88 -24.23
N LYS A 589 28.86 46.85 -25.06
CA LYS A 589 29.73 45.68 -25.02
C LYS A 589 31.15 46.04 -25.42
N ALA A 590 31.31 46.72 -26.55
CA ALA A 590 32.64 47.12 -27.01
C ALA A 590 33.28 48.14 -26.09
N LYS A 591 32.52 48.76 -25.20
CA LYS A 591 33.05 49.73 -24.25
C LYS A 591 33.34 49.13 -22.88
N PHE A 592 32.95 47.88 -22.64
CA PHE A 592 33.06 47.24 -21.35
C PHE A 592 33.68 45.83 -21.41
N GLU A 593 34.81 45.67 -22.10
CA GLU A 593 35.50 44.38 -22.07
C GLU A 593 36.47 44.26 -20.90
N ASN A 594 37.40 45.22 -20.81
CA ASN A 594 38.47 45.15 -19.83
C ASN A 594 37.93 44.91 -18.42
N LEU A 595 36.86 45.61 -18.05
CA LEU A 595 36.24 45.37 -16.76
C LEU A 595 35.71 43.94 -16.64
N CYS A 596 35.15 43.39 -17.72
CA CYS A 596 34.62 42.03 -17.67
C CYS A 596 35.73 41.03 -17.40
N LYS A 597 36.84 41.11 -18.15
CA LYS A 597 37.95 40.20 -17.86
C LYS A 597 38.58 40.45 -16.49
N LEU A 598 38.68 41.71 -16.06
CA LEU A 598 39.26 41.95 -14.74
C LEU A 598 38.39 41.34 -13.64
N MET A 599 37.07 41.49 -13.75
CA MET A 599 36.18 40.87 -12.78
C MET A 599 36.23 39.35 -12.87
N LYS A 600 36.39 38.80 -14.07
CA LYS A 600 36.52 37.35 -14.20
C LYS A 600 37.77 36.83 -13.51
N GLU A 601 38.90 37.53 -13.67
CA GLU A 601 40.15 37.02 -13.10
C GLU A 601 40.16 37.12 -11.59
N ILE A 602 39.32 37.99 -10.99
CA ILE A 602 39.22 38.03 -9.54
C ILE A 602 38.18 37.05 -9.04
N LEU A 603 37.17 36.75 -9.86
CA LEU A 603 36.09 35.82 -9.51
C LEU A 603 36.32 34.44 -10.11
N ASP A 604 37.57 33.97 -10.12
CA ASP A 604 37.86 32.64 -10.65
C ASP A 604 37.12 31.58 -9.86
N LYS A 605 36.79 30.48 -10.55
CA LYS A 605 36.22 29.24 -10.02
C LYS A 605 34.89 29.45 -9.30
N LYS A 606 34.40 30.70 -9.27
CA LYS A 606 33.08 31.00 -8.73
C LYS A 606 32.03 31.16 -9.83
N VAL A 607 32.28 32.06 -10.77
CA VAL A 607 31.35 32.35 -11.86
C VAL A 607 31.97 31.89 -13.17
N GLU A 608 31.15 31.26 -14.01
CA GLU A 608 31.64 30.73 -15.28
C GLU A 608 32.11 31.86 -16.20
N LYS A 609 31.30 32.89 -16.38
CA LYS A 609 31.67 33.99 -17.25
C LYS A 609 30.88 35.23 -16.87
N VAL A 610 31.57 36.35 -16.75
CA VAL A 610 30.95 37.64 -16.46
C VAL A 610 30.51 38.29 -17.76
N THR A 611 29.26 38.73 -17.83
CA THR A 611 28.71 39.32 -19.03
C THR A 611 28.09 40.68 -18.74
N ILE A 612 27.37 41.23 -19.72
CA ILE A 612 26.62 42.47 -19.56
C ILE A 612 25.14 42.12 -19.54
N SER A 613 24.34 43.00 -18.94
CA SER A 613 22.96 42.67 -18.63
C SER A 613 21.99 43.40 -19.54
N ASN A 614 20.78 42.83 -19.65
CA ASN A 614 19.68 43.40 -20.40
C ASN A 614 18.37 43.26 -19.65
N ARG A 615 18.43 43.19 -18.32
CA ARG A 615 17.23 43.01 -17.53
C ARG A 615 17.23 43.84 -16.24
N LEU A 616 18.13 44.81 -16.12
CA LEU A 616 18.20 45.68 -14.95
C LEU A 616 18.07 47.14 -15.37
N VAL A 617 17.42 47.93 -14.52
CA VAL A 617 17.22 49.35 -14.77
C VAL A 617 17.85 50.22 -13.69
N SER A 618 17.72 49.82 -12.42
CA SER A 618 18.22 50.63 -11.33
C SER A 618 19.22 49.88 -10.47
N SER A 619 18.94 48.60 -10.22
CA SER A 619 19.79 47.83 -9.33
C SER A 619 21.12 47.46 -10.01
N PRO A 620 22.20 47.36 -9.25
CA PRO A 620 23.46 46.86 -9.80
C PRO A 620 23.44 45.36 -10.05
N CYS A 621 24.62 44.81 -10.35
CA CYS A 621 24.80 43.44 -10.83
C CYS A 621 23.89 42.44 -10.12
N CYS A 622 23.34 41.51 -10.90
CA CYS A 622 22.52 40.41 -10.40
C CYS A 622 23.06 39.10 -10.95
N ILE A 623 22.79 38.02 -10.22
CA ILE A 623 23.35 36.70 -10.52
C ILE A 623 22.25 35.80 -11.07
N VAL A 624 22.53 35.15 -12.18
CA VAL A 624 21.61 34.21 -12.82
C VAL A 624 22.32 32.87 -12.96
N THR A 625 21.54 31.86 -13.37
CA THR A 625 22.03 30.50 -13.55
C THR A 625 21.95 30.11 -15.02
N SER A 626 22.26 28.85 -15.29
CA SER A 626 22.29 28.32 -16.65
C SER A 626 21.06 27.49 -16.95
N THR A 627 20.83 27.26 -18.24
CA THR A 627 19.66 26.53 -18.71
C THR A 627 19.65 25.09 -18.21
N TYR A 628 20.64 24.30 -18.60
CA TYR A 628 20.71 22.91 -18.17
C TYR A 628 21.12 22.83 -16.71
N GLY A 629 20.16 22.60 -15.82
CA GLY A 629 20.43 22.55 -14.40
C GLY A 629 19.35 23.20 -13.57
N TRP A 630 19.33 22.90 -12.27
CA TRP A 630 18.33 23.47 -11.38
C TRP A 630 18.44 24.98 -11.35
N THR A 631 17.30 25.66 -11.22
CA THR A 631 17.27 27.11 -11.10
C THR A 631 17.80 27.54 -9.74
N ALA A 632 17.84 28.85 -9.50
CA ALA A 632 18.37 29.36 -8.24
C ALA A 632 17.51 28.95 -7.06
N ASN A 633 16.18 29.01 -7.22
CA ASN A 633 15.29 28.72 -6.11
C ASN A 633 15.18 27.22 -5.83
N MET A 634 15.23 26.38 -6.87
CA MET A 634 15.01 24.95 -6.68
C MET A 634 16.10 24.31 -5.81
N GLU A 635 17.30 24.89 -5.79
CA GLU A 635 18.35 24.34 -4.93
C GLU A 635 17.96 24.44 -3.46
N ARG A 636 17.36 25.56 -3.06
CA ARG A 636 16.91 25.73 -1.68
C ARG A 636 15.92 24.64 -1.28
N ILE A 637 15.09 24.19 -2.21
CA ILE A 637 14.14 23.12 -1.92
C ILE A 637 14.86 21.77 -1.87
N MET A 638 15.57 21.43 -2.95
CA MET A 638 16.18 20.10 -3.05
C MET A 638 17.25 19.85 -2.01
N LYS A 639 17.81 20.91 -1.40
CA LYS A 639 18.78 20.74 -0.33
C LYS A 639 18.13 20.70 1.04
N ALA A 640 16.79 20.58 1.10
CA ALA A 640 16.07 20.46 2.36
C ALA A 640 14.99 19.40 2.29
N GLN A 641 15.08 18.48 1.32
CA GLN A 641 14.07 17.43 1.19
C GLN A 641 14.18 16.40 2.31
N ALA A 642 15.39 16.15 2.80
CA ALA A 642 15.73 15.25 3.90
C ALA A 642 15.61 13.78 3.52
N LEU A 643 15.26 13.47 2.28
CA LEU A 643 15.21 12.08 1.81
C LEU A 643 15.78 11.97 0.41
N ARG A 644 16.84 12.73 0.13
CA ARG A 644 17.45 12.79 -1.19
C ARG A 644 18.88 12.27 -1.11
N ASP A 645 19.28 11.51 -2.12
CA ASP A 645 20.64 10.99 -2.18
C ASP A 645 21.65 12.14 -2.31
N ASN A 646 22.81 11.96 -1.69
CA ASN A 646 23.82 13.01 -1.64
C ASN A 646 24.79 12.97 -2.81
N SER A 647 24.72 11.94 -3.66
CA SER A 647 25.66 11.83 -4.77
C SER A 647 25.36 12.79 -5.90
N THR A 648 24.11 13.12 -6.14
CA THR A 648 23.71 13.92 -7.29
C THR A 648 23.72 15.43 -7.03
N MET A 649 23.96 15.85 -5.79
CA MET A 649 23.96 17.29 -5.50
C MET A 649 25.05 18.01 -6.28
N GLY A 650 26.25 17.44 -6.32
CA GLY A 650 27.36 18.08 -7.00
C GLY A 650 27.41 17.87 -8.50
N TYR A 651 26.48 17.12 -9.06
CA TYR A 651 26.51 16.80 -10.48
C TYR A 651 25.69 17.78 -11.32
N MET A 652 24.51 18.16 -10.84
CA MET A 652 23.57 18.98 -11.62
C MET A 652 23.22 20.25 -10.84
N MET A 653 24.19 20.80 -10.11
CA MET A 653 23.91 21.93 -9.23
C MET A 653 23.48 23.18 -9.98
N ALA A 654 24.41 23.80 -10.72
CA ALA A 654 24.16 25.09 -11.37
C ALA A 654 25.37 25.57 -12.16
N LYS A 655 25.22 26.70 -12.86
CA LYS A 655 26.33 27.42 -13.45
C LYS A 655 26.02 28.92 -13.33
N LYS A 656 26.58 29.56 -12.32
CA LYS A 656 26.28 30.96 -12.03
C LYS A 656 26.94 31.87 -13.06
N HIS A 657 26.26 32.97 -13.39
CA HIS A 657 26.75 33.95 -14.35
C HIS A 657 26.46 35.34 -13.82
N LEU A 658 27.50 36.05 -13.42
CA LEU A 658 27.34 37.45 -13.00
C LEU A 658 26.93 38.31 -14.19
N GLU A 659 26.30 39.44 -13.89
CA GLU A 659 25.89 40.40 -14.91
C GLU A 659 26.31 41.80 -14.45
N ILE A 660 26.02 42.80 -15.27
CA ILE A 660 26.42 44.18 -14.97
C ILE A 660 25.36 45.13 -15.54
N ASN A 661 24.96 46.11 -14.75
CA ASN A 661 24.08 47.18 -15.22
C ASN A 661 24.94 48.34 -15.69
N PRO A 662 24.95 48.66 -16.99
CA PRO A 662 25.94 49.62 -17.50
C PRO A 662 25.62 51.08 -17.20
N ASP A 663 24.63 51.33 -16.35
CA ASP A 663 24.23 52.68 -16.00
C ASP A 663 24.49 53.07 -14.55
N HIS A 664 24.69 52.11 -13.66
CA HIS A 664 24.89 52.43 -12.25
C HIS A 664 26.21 53.18 -12.07
N PRO A 665 26.22 54.25 -11.28
CA PRO A 665 27.50 54.93 -10.98
C PRO A 665 28.50 54.03 -10.30
N ILE A 666 28.06 53.06 -9.50
CA ILE A 666 28.98 52.21 -8.76
C ILE A 666 29.87 51.40 -9.69
N VAL A 667 29.38 51.04 -10.88
CA VAL A 667 30.17 50.27 -11.82
C VAL A 667 30.79 51.22 -12.85
N GLU A 668 30.11 52.35 -13.11
CA GLU A 668 30.65 53.32 -14.05
C GLU A 668 31.96 53.91 -13.55
N THR A 669 32.02 54.24 -12.26
CA THR A 669 33.27 54.74 -11.68
C THR A 669 34.26 53.60 -11.47
N LEU A 670 33.76 52.40 -11.20
CA LEU A 670 34.63 51.24 -11.02
C LEU A 670 35.40 50.93 -12.30
N ARG A 671 34.78 51.11 -13.46
CA ARG A 671 35.49 50.89 -14.72
C ARG A 671 36.66 51.87 -14.88
N GLN A 672 36.43 53.16 -14.56
CA GLN A 672 37.51 54.13 -14.63
C GLN A 672 38.63 53.79 -13.65
N LYS A 673 38.27 53.41 -12.43
CA LYS A 673 39.29 53.03 -11.44
C LYS A 673 40.08 51.81 -11.89
N ALA A 674 39.40 50.84 -12.52
CA ALA A 674 40.10 49.68 -13.05
C ALA A 674 41.04 50.04 -14.18
N GLU A 675 40.59 50.93 -15.08
CA GLU A 675 41.44 51.31 -16.21
C GLU A 675 42.65 52.12 -15.75
N ALA A 676 42.49 52.90 -14.67
CA ALA A 676 43.62 53.65 -14.14
C ALA A 676 44.71 52.71 -13.63
N ASP A 677 44.32 51.68 -12.88
CA ASP A 677 45.27 50.69 -12.37
C ASP A 677 44.51 49.40 -12.11
N LYS A 678 44.73 48.40 -12.97
CA LYS A 678 43.95 47.17 -12.94
C LYS A 678 44.25 46.29 -11.73
N ASN A 679 45.29 46.61 -10.94
CA ASN A 679 45.63 45.83 -9.76
C ASN A 679 45.46 46.63 -8.46
N ASP A 680 44.46 47.51 -8.42
CA ASP A 680 44.20 48.28 -7.20
C ASP A 680 43.56 47.38 -6.14
N LYS A 681 43.97 47.57 -4.89
CA LYS A 681 43.47 46.73 -3.80
C LYS A 681 42.00 47.03 -3.51
N ALA A 682 41.64 48.32 -3.49
CA ALA A 682 40.26 48.70 -3.20
C ALA A 682 39.31 48.08 -4.23
N VAL A 683 39.74 47.98 -5.49
CA VAL A 683 38.92 47.31 -6.49
C VAL A 683 38.78 45.83 -6.18
N LYS A 684 39.88 45.17 -5.80
CA LYS A 684 39.81 43.75 -5.50
C LYS A 684 38.98 43.46 -4.26
N ASP A 685 38.75 44.45 -3.41
CA ASP A 685 37.83 44.23 -2.29
C ASP A 685 36.39 44.58 -2.68
N LEU A 686 36.21 45.68 -3.40
CA LEU A 686 34.89 46.14 -3.78
C LEU A 686 34.18 45.14 -4.70
N VAL A 687 34.91 44.55 -5.64
CA VAL A 687 34.28 43.61 -6.56
C VAL A 687 33.77 42.39 -5.80
N VAL A 688 34.56 41.88 -4.85
CA VAL A 688 34.12 40.74 -4.06
C VAL A 688 32.92 41.10 -3.21
N LEU A 689 32.96 42.27 -2.56
CA LEU A 689 31.83 42.70 -1.74
C LEU A 689 30.56 42.84 -2.58
N LEU A 690 30.69 43.42 -3.77
CA LEU A 690 29.55 43.58 -4.66
C LEU A 690 29.01 42.24 -5.15
N PHE A 691 29.89 41.30 -5.47
CA PHE A 691 29.46 39.95 -5.83
C PHE A 691 28.67 39.30 -4.70
N GLU A 692 29.17 39.42 -3.47
CA GLU A 692 28.49 38.78 -2.34
C GLU A 692 27.13 39.44 -2.07
N THR A 693 27.08 40.77 -2.09
CA THR A 693 25.82 41.44 -1.82
C THR A 693 24.83 41.32 -2.97
N ALA A 694 25.30 40.98 -4.18
CA ALA A 694 24.38 40.59 -5.24
C ALA A 694 23.92 39.15 -5.06
N LEU A 695 24.80 38.28 -4.56
CA LEU A 695 24.43 36.89 -4.32
C LEU A 695 23.33 36.80 -3.27
N LEU A 696 23.39 37.65 -2.24
CA LEU A 696 22.30 37.68 -1.26
C LEU A 696 20.97 38.09 -1.89
N SER A 697 21.01 38.91 -2.94
CA SER A 697 19.76 39.34 -3.57
C SER A 697 19.00 38.15 -4.15
N SER A 698 19.69 37.29 -4.89
CA SER A 698 19.07 36.10 -5.44
C SER A 698 18.78 35.09 -4.33
N GLY A 699 18.05 34.03 -4.68
CA GLY A 699 17.65 33.03 -3.72
C GLY A 699 18.73 32.02 -3.40
N PHE A 700 19.98 32.46 -3.40
CA PHE A 700 21.13 31.61 -3.08
C PHE A 700 21.48 31.73 -1.61
N SER A 701 22.43 30.88 -1.18
CA SER A 701 23.02 30.95 0.14
C SER A 701 24.52 30.74 0.03
N LEU A 702 25.26 31.37 0.93
CA LEU A 702 26.71 31.30 0.90
C LEU A 702 27.21 30.11 1.71
N GLU A 703 28.52 30.02 1.84
CA GLU A 703 29.17 29.08 2.74
C GLU A 703 29.99 29.88 3.74
N ASP A 704 29.77 29.65 5.03
CA ASP A 704 30.37 30.42 6.10
C ASP A 704 30.13 31.92 5.89
N PRO A 705 28.89 32.40 6.11
CA PRO A 705 28.64 33.84 5.93
C PRO A 705 29.41 34.72 6.90
N GLN A 706 30.16 34.14 7.83
CA GLN A 706 31.01 34.94 8.71
C GLN A 706 32.02 35.75 7.94
N THR A 707 32.47 35.25 6.79
CA THR A 707 33.40 36.03 5.96
C THR A 707 32.73 37.26 5.34
N HIS A 708 31.40 37.27 5.25
CA HIS A 708 30.69 38.46 4.80
C HIS A 708 30.37 39.37 5.97
N SER A 709 30.02 38.78 7.12
CA SER A 709 29.78 39.58 8.32
C SER A 709 31.03 40.35 8.71
N ASN A 710 32.20 39.70 8.66
CA ASN A 710 33.44 40.40 8.97
C ASN A 710 33.74 41.51 7.97
N ARG A 711 33.46 41.28 6.69
CA ARG A 711 33.65 42.32 5.69
C ARG A 711 32.79 43.53 6.00
N ILE A 712 31.55 43.30 6.42
CA ILE A 712 30.66 44.41 6.76
C ILE A 712 31.12 45.10 8.05
N TYR A 713 31.55 44.32 9.05
CA TYR A 713 31.98 44.90 10.31
C TYR A 713 33.21 45.77 10.15
N ARG A 714 34.16 45.35 9.30
CA ARG A 714 35.37 46.13 9.09
C ARG A 714 35.05 47.50 8.50
N MET A 715 34.16 47.54 7.52
CA MET A 715 33.82 48.82 6.92
C MET A 715 32.84 49.63 7.76
N ILE A 716 32.16 49.00 8.73
CA ILE A 716 31.49 49.79 9.76
C ILE A 716 32.51 50.46 10.67
N LYS A 717 33.52 49.71 11.11
CA LYS A 717 34.57 50.28 11.94
C LYS A 717 35.30 51.40 11.20
N LEU A 718 35.45 51.27 9.89
CA LEU A 718 36.04 52.34 9.09
C LEU A 718 35.22 53.62 9.20
N GLY A 719 33.89 53.50 9.11
CA GLY A 719 33.03 54.66 9.23
C GLY A 719 32.92 55.20 10.64
N LEU A 720 33.15 54.37 11.65
CA LEU A 720 33.09 54.82 13.04
C LEU A 720 34.39 55.45 13.52
N GLY A 721 35.44 55.43 12.70
CA GLY A 721 36.70 56.05 13.09
C GLY A 721 37.47 55.29 14.14
N ILE A 722 37.25 54.00 14.28
CA ILE A 722 37.97 53.20 15.27
C ILE A 722 39.12 52.46 14.60
N GLU B 42 -43.63 -35.46 16.67
CA GLU B 42 -44.14 -36.59 15.91
C GLU B 42 -42.99 -37.44 15.37
N GLU B 43 -42.65 -37.29 14.09
CA GLU B 43 -41.57 -38.07 13.49
C GLU B 43 -40.37 -37.21 13.15
N VAL B 44 -39.17 -37.76 13.33
CA VAL B 44 -37.95 -37.02 13.00
C VAL B 44 -37.23 -37.77 11.90
N GLU B 45 -37.25 -37.22 10.68
CA GLU B 45 -36.62 -37.89 9.55
C GLU B 45 -35.14 -37.53 9.44
N THR B 46 -34.26 -38.52 9.42
CA THR B 46 -32.82 -38.26 9.41
C THR B 46 -32.19 -38.51 8.06
N PHE B 47 -31.47 -37.53 7.53
CA PHE B 47 -30.80 -37.68 6.25
C PHE B 47 -29.32 -37.34 6.34
N ALA B 48 -28.67 -37.21 5.18
CA ALA B 48 -27.25 -36.89 5.15
C ALA B 48 -27.00 -35.85 4.07
N PHE B 49 -25.93 -35.09 4.23
CA PHE B 49 -25.61 -34.04 3.28
C PHE B 49 -25.26 -34.63 1.92
N GLN B 50 -25.22 -33.76 0.91
CA GLN B 50 -24.89 -34.16 -0.45
C GLN B 50 -23.98 -33.09 -1.05
N ALA B 51 -23.78 -33.18 -2.37
CA ALA B 51 -22.97 -32.21 -3.09
C ALA B 51 -23.28 -32.31 -4.58
N GLU B 52 -23.62 -31.19 -5.20
CA GLU B 52 -23.88 -31.18 -6.63
C GLU B 52 -22.56 -31.08 -7.39
N ILE B 53 -22.28 -32.08 -8.23
CA ILE B 53 -20.96 -32.22 -8.80
C ILE B 53 -20.69 -31.13 -9.83
N ALA B 54 -21.65 -30.85 -10.72
CA ALA B 54 -21.43 -29.86 -11.77
C ALA B 54 -21.16 -28.48 -11.18
N GLN B 55 -21.94 -28.08 -10.18
CA GLN B 55 -21.73 -26.79 -9.55
C GLN B 55 -20.39 -26.72 -8.84
N LEU B 56 -19.99 -27.82 -8.18
CA LEU B 56 -18.69 -27.83 -7.51
C LEU B 56 -17.56 -27.69 -8.52
N MET B 57 -17.66 -28.38 -9.65
CA MET B 57 -16.64 -28.25 -10.69
C MET B 57 -16.58 -26.84 -11.24
N SER B 58 -17.74 -26.24 -11.50
CA SER B 58 -17.76 -24.87 -11.99
C SER B 58 -17.13 -23.92 -10.97
N LEU B 59 -17.44 -24.12 -9.69
CA LEU B 59 -16.82 -23.31 -8.64
C LEU B 59 -15.31 -23.43 -8.67
N ILE B 60 -14.81 -24.67 -8.66
CA ILE B 60 -13.37 -24.89 -8.56
C ILE B 60 -12.65 -24.30 -9.77
N ILE B 61 -13.22 -24.50 -10.96
CA ILE B 61 -12.58 -23.99 -12.17
C ILE B 61 -12.59 -22.46 -12.20
N ASN B 62 -13.75 -21.86 -11.92
CA ASN B 62 -13.94 -20.43 -12.18
C ASN B 62 -13.44 -19.55 -11.04
N THR B 63 -13.99 -19.73 -9.84
CA THR B 63 -13.89 -18.72 -8.78
C THR B 63 -13.07 -19.19 -7.58
N PHE B 64 -11.94 -19.83 -7.84
CA PHE B 64 -10.93 -20.09 -6.81
C PHE B 64 -9.61 -19.42 -7.12
N TYR B 65 -9.09 -19.59 -8.33
CA TYR B 65 -7.77 -19.12 -8.71
C TYR B 65 -7.89 -17.91 -9.61
N SER B 66 -7.13 -16.85 -9.30
CA SER B 66 -7.12 -15.64 -10.11
C SER B 66 -6.00 -15.62 -11.13
N ASN B 67 -4.89 -16.31 -10.87
CA ASN B 67 -3.77 -16.39 -11.79
C ASN B 67 -3.83 -17.73 -12.51
N LYS B 68 -3.95 -17.67 -13.84
CA LYS B 68 -4.00 -18.88 -14.66
C LYS B 68 -2.64 -19.55 -14.84
N GLU B 69 -1.62 -19.09 -14.13
CA GLU B 69 -0.24 -19.54 -14.34
C GLU B 69 0.27 -20.45 -13.22
N ILE B 70 -0.59 -20.89 -12.31
CA ILE B 70 -0.15 -21.71 -11.19
C ILE B 70 -0.46 -23.19 -11.39
N PHE B 71 -1.03 -23.57 -12.53
CA PHE B 71 -1.19 -24.99 -12.82
C PHE B 71 0.17 -25.67 -12.87
N LEU B 72 1.20 -24.97 -13.36
CA LEU B 72 2.52 -25.57 -13.47
C LEU B 72 3.11 -25.83 -12.09
N ARG B 73 2.95 -24.89 -11.16
CA ARG B 73 3.43 -25.15 -9.80
C ARG B 73 2.62 -26.24 -9.10
N GLU B 74 1.32 -26.34 -9.39
CA GLU B 74 0.54 -27.43 -8.81
C GLU B 74 1.04 -28.79 -9.29
N LEU B 75 1.27 -28.93 -10.60
CA LEU B 75 1.76 -30.21 -11.12
C LEU B 75 3.19 -30.49 -10.66
N ILE B 76 4.02 -29.45 -10.51
CA ILE B 76 5.37 -29.67 -10.01
C ILE B 76 5.34 -30.10 -8.55
N SER B 77 4.42 -29.54 -7.75
CA SER B 77 4.27 -29.97 -6.37
C SER B 77 3.83 -31.43 -6.30
N ASN B 78 2.89 -31.83 -7.18
CA ASN B 78 2.49 -33.23 -7.22
C ASN B 78 3.67 -34.14 -7.59
N ALA B 79 4.48 -33.71 -8.57
CA ALA B 79 5.63 -34.49 -8.97
C ALA B 79 6.61 -34.66 -7.82
N SER B 80 6.89 -33.58 -7.08
CA SER B 80 7.80 -33.68 -5.95
C SER B 80 7.21 -34.50 -4.82
N ASP B 81 5.88 -34.47 -4.67
CA ASP B 81 5.23 -35.34 -3.70
C ASP B 81 5.48 -36.80 -4.04
N ALA B 82 5.29 -37.16 -5.31
CA ALA B 82 5.54 -38.55 -5.74
C ALA B 82 7.00 -38.93 -5.54
N LEU B 83 7.92 -38.01 -5.86
CA LEU B 83 9.34 -38.30 -5.69
C LEU B 83 9.68 -38.52 -4.22
N ASP B 84 9.14 -37.68 -3.33
CA ASP B 84 9.37 -37.88 -1.90
C ASP B 84 8.79 -39.20 -1.43
N LYS B 85 7.60 -39.56 -1.93
CA LYS B 85 7.00 -40.84 -1.58
C LYS B 85 7.94 -41.99 -1.92
N ILE B 86 8.42 -42.03 -3.17
CA ILE B 86 9.27 -43.15 -3.57
C ILE B 86 10.61 -43.11 -2.86
N ARG B 87 11.16 -41.92 -2.60
CA ARG B 87 12.45 -41.83 -1.92
C ARG B 87 12.34 -42.32 -0.49
N TYR B 88 11.22 -42.05 0.18
CA TYR B 88 11.02 -42.60 1.51
C TYR B 88 10.76 -44.10 1.45
N GLU B 89 10.03 -44.56 0.43
CA GLU B 89 9.72 -45.99 0.34
C GLU B 89 10.97 -46.81 0.10
N SER B 90 11.93 -46.27 -0.64
CA SER B 90 13.12 -47.04 -1.01
C SER B 90 14.17 -47.10 0.11
N LEU B 91 13.81 -46.75 1.34
CA LEU B 91 14.76 -46.84 2.45
C LEU B 91 14.77 -48.24 3.06
N THR B 92 13.62 -48.68 3.60
CA THR B 92 13.58 -49.96 4.30
C THR B 92 13.79 -51.13 3.34
N ASP B 93 13.25 -51.05 2.13
CA ASP B 93 13.32 -52.11 1.13
C ASP B 93 13.98 -51.52 -0.12
N PRO B 94 15.31 -51.52 -0.19
CA PRO B 94 16.00 -50.88 -1.32
C PRO B 94 15.82 -51.60 -2.64
N SER B 95 15.00 -52.64 -2.71
CA SER B 95 14.72 -53.31 -3.98
C SER B 95 13.70 -52.57 -4.83
N LYS B 96 13.06 -51.54 -4.29
CA LYS B 96 12.05 -50.79 -5.03
C LYS B 96 12.65 -50.09 -6.25
N LEU B 97 13.94 -49.74 -6.18
CA LEU B 97 14.60 -48.98 -7.24
C LEU B 97 15.14 -49.86 -8.36
N ASP B 98 14.66 -51.09 -8.48
CA ASP B 98 15.17 -51.98 -9.52
C ASP B 98 14.62 -51.63 -10.89
N SER B 99 13.46 -50.97 -10.96
CA SER B 99 12.86 -50.57 -12.22
C SER B 99 13.33 -49.20 -12.71
N GLY B 100 14.33 -48.64 -12.05
CA GLY B 100 14.84 -47.31 -12.36
C GLY B 100 15.39 -46.67 -11.11
N LYS B 101 16.57 -46.04 -11.21
CA LYS B 101 17.28 -45.57 -10.03
C LYS B 101 17.60 -44.08 -10.06
N GLU B 102 17.09 -43.33 -11.02
CA GLU B 102 17.30 -41.89 -11.05
C GLU B 102 16.00 -41.17 -10.71
N LEU B 103 16.07 -40.23 -9.78
CA LEU B 103 14.93 -39.44 -9.35
C LEU B 103 15.01 -38.07 -10.01
N LYS B 104 13.97 -37.69 -10.76
CA LYS B 104 14.02 -36.50 -11.58
C LYS B 104 12.62 -36.05 -11.94
N ILE B 105 12.54 -34.90 -12.60
CA ILE B 105 11.32 -34.37 -13.18
C ILE B 105 11.65 -33.97 -14.62
N ASP B 106 10.64 -33.96 -15.48
CA ASP B 106 10.85 -33.59 -16.87
C ASP B 106 9.69 -32.74 -17.35
N ILE B 107 9.95 -31.98 -18.42
CA ILE B 107 8.95 -31.15 -19.08
C ILE B 107 9.31 -31.13 -20.56
N ILE B 108 8.35 -31.50 -21.41
CA ILE B 108 8.61 -31.60 -22.85
C ILE B 108 7.51 -30.87 -23.61
N PRO B 109 7.59 -29.56 -23.79
CA PRO B 109 6.63 -28.88 -24.67
C PRO B 109 6.73 -29.38 -26.10
N ASN B 110 5.58 -29.44 -26.77
CA ASN B 110 5.49 -29.99 -28.11
C ASN B 110 4.57 -29.11 -28.94
N PRO B 111 5.13 -28.19 -29.75
CA PRO B 111 4.27 -27.23 -30.45
C PRO B 111 3.53 -27.78 -31.65
N GLN B 112 3.99 -28.86 -32.27
CA GLN B 112 3.29 -29.38 -33.45
C GLN B 112 1.88 -29.85 -33.12
N GLU B 113 1.73 -30.65 -32.07
CA GLU B 113 0.42 -30.97 -31.51
C GLU B 113 0.44 -30.53 -30.05
N ARG B 114 -0.46 -29.61 -29.70
CA ARG B 114 -0.32 -28.87 -28.45
C ARG B 114 -0.44 -29.78 -27.23
N THR B 115 0.69 -30.11 -26.63
CA THR B 115 0.74 -30.85 -25.37
C THR B 115 1.75 -30.16 -24.45
N LEU B 116 1.77 -30.60 -23.19
CA LEU B 116 2.81 -30.19 -22.25
C LEU B 116 3.04 -31.35 -21.29
N THR B 117 4.01 -32.20 -21.63
CA THR B 117 4.27 -33.39 -20.85
C THR B 117 4.86 -33.01 -19.49
N LEU B 118 4.78 -33.95 -18.54
CA LEU B 118 5.48 -33.79 -17.26
C LEU B 118 5.82 -35.19 -16.76
N VAL B 119 7.02 -35.65 -17.08
CA VAL B 119 7.45 -37.01 -16.76
C VAL B 119 8.04 -37.03 -15.37
N ASP B 120 7.76 -38.09 -14.61
CA ASP B 120 8.32 -38.24 -13.27
C ASP B 120 9.00 -39.60 -13.12
N THR B 121 9.45 -39.90 -11.91
CA THR B 121 9.95 -41.23 -11.56
C THR B 121 9.52 -41.58 -10.14
N GLY B 122 8.32 -41.14 -9.75
CA GLY B 122 7.85 -41.30 -8.39
C GLY B 122 7.22 -42.65 -8.13
N ILE B 123 6.47 -42.72 -7.03
CA ILE B 123 5.86 -43.98 -6.61
C ILE B 123 4.84 -44.47 -7.62
N GLY B 124 4.25 -43.57 -8.40
CA GLY B 124 3.21 -43.96 -9.33
C GLY B 124 1.90 -44.26 -8.62
N MET B 125 0.93 -44.71 -9.41
CA MET B 125 -0.42 -44.96 -8.92
C MET B 125 -0.99 -46.20 -9.58
N THR B 126 -1.62 -47.06 -8.78
CA THR B 126 -2.30 -48.24 -9.31
C THR B 126 -3.69 -47.85 -9.80
N LYS B 127 -4.54 -48.84 -10.07
CA LYS B 127 -5.89 -48.55 -10.56
C LYS B 127 -6.78 -48.04 -9.42
N ALA B 128 -6.67 -48.65 -8.24
CA ALA B 128 -7.46 -48.19 -7.10
C ALA B 128 -7.10 -46.76 -6.73
N ASP B 129 -5.79 -46.43 -6.77
CA ASP B 129 -5.39 -45.06 -6.49
C ASP B 129 -5.95 -44.09 -7.52
N LEU B 130 -5.90 -44.46 -8.80
CA LEU B 130 -6.50 -43.62 -9.84
C LEU B 130 -7.97 -43.36 -9.52
N ILE B 131 -8.73 -44.43 -9.29
CA ILE B 131 -10.17 -44.31 -9.15
C ILE B 131 -10.55 -43.51 -7.90
N ASN B 132 -9.82 -43.73 -6.80
CA ASN B 132 -10.23 -43.14 -5.53
C ASN B 132 -9.41 -41.90 -5.16
N ASN B 133 -8.56 -41.41 -6.05
CA ASN B 133 -7.84 -40.16 -5.83
C ASN B 133 -8.11 -39.13 -6.90
N LEU B 134 -8.15 -39.54 -8.18
CA LEU B 134 -8.35 -38.57 -9.24
C LEU B 134 -9.82 -38.35 -9.55
N GLY B 135 -10.73 -39.10 -8.95
CA GLY B 135 -12.14 -38.98 -9.25
C GLY B 135 -12.97 -38.39 -8.13
N THR B 136 -12.35 -38.16 -6.97
CA THR B 136 -13.03 -37.58 -5.82
C THR B 136 -12.52 -36.15 -5.62
N ILE B 137 -13.44 -35.20 -5.54
CA ILE B 137 -13.07 -33.78 -5.51
C ILE B 137 -12.20 -33.47 -4.32
N ALA B 138 -12.70 -33.73 -3.11
CA ALA B 138 -12.05 -33.30 -1.88
C ALA B 138 -11.34 -34.43 -1.15
N LYS B 139 -10.75 -35.37 -1.88
CA LYS B 139 -9.99 -36.48 -1.30
C LYS B 139 -8.54 -36.35 -1.72
N SER B 140 -7.63 -36.46 -0.75
CA SER B 140 -6.20 -36.33 -0.99
C SER B 140 -5.50 -37.54 -0.39
N GLY B 141 -4.82 -38.32 -1.24
CA GLY B 141 -4.02 -39.43 -0.74
C GLY B 141 -2.76 -38.98 -0.05
N THR B 142 -2.30 -37.76 -0.32
CA THR B 142 -1.10 -37.25 0.34
C THR B 142 -1.29 -37.14 1.85
N LYS B 143 -2.43 -36.61 2.28
CA LYS B 143 -2.69 -36.48 3.72
C LYS B 143 -2.79 -37.85 4.38
N ALA B 144 -3.45 -38.80 3.72
CA ALA B 144 -3.57 -40.15 4.27
C ALA B 144 -2.21 -40.81 4.38
N PHE B 145 -1.36 -40.64 3.36
CA PHE B 145 0.00 -41.18 3.44
C PHE B 145 0.79 -40.54 4.56
N MET B 146 0.67 -39.21 4.71
CA MET B 146 1.43 -38.50 5.73
C MET B 146 0.85 -38.70 7.14
N GLU B 147 -0.33 -39.31 7.25
CA GLU B 147 -0.85 -39.70 8.56
C GLU B 147 -0.35 -41.07 9.00
N ALA B 148 0.36 -41.80 8.14
CA ALA B 148 0.86 -43.13 8.45
C ALA B 148 2.39 -43.18 8.54
N LEU B 149 3.05 -42.04 8.73
CA LEU B 149 4.49 -42.05 8.94
C LEU B 149 4.80 -42.73 10.26
N GLN B 150 5.94 -43.43 10.31
CA GLN B 150 6.19 -44.34 11.42
C GLN B 150 6.29 -43.62 12.76
N ALA B 151 7.33 -42.82 13.01
CA ALA B 151 7.36 -41.96 14.19
C ALA B 151 7.62 -40.54 13.78
N GLY B 152 8.73 -40.23 13.12
CA GLY B 152 9.12 -38.86 12.86
C GLY B 152 9.85 -38.62 11.55
N ALA B 153 9.59 -39.47 10.54
CA ALA B 153 10.38 -39.44 9.32
C ALA B 153 10.43 -38.05 8.71
N ASP B 154 11.64 -37.62 8.35
CA ASP B 154 11.85 -36.27 7.84
C ASP B 154 11.50 -36.22 6.36
N ILE B 155 10.20 -36.18 6.10
CA ILE B 155 9.65 -36.00 4.76
C ILE B 155 8.50 -35.01 4.85
N SER B 156 8.50 -34.01 3.98
CA SER B 156 7.50 -32.96 3.99
C SER B 156 6.85 -32.89 2.61
N MET B 157 5.53 -33.04 2.59
CA MET B 157 4.76 -32.98 1.35
C MET B 157 4.02 -31.65 1.25
N ILE B 158 3.67 -31.29 0.02
CA ILE B 158 3.23 -29.92 -0.27
C ILE B 158 1.76 -29.95 -0.67
N GLY B 159 1.00 -30.90 -0.14
CA GLY B 159 -0.42 -30.99 -0.43
C GLY B 159 -1.21 -31.48 0.76
N GLN B 160 -2.22 -30.69 1.13
CA GLN B 160 -3.13 -31.07 2.21
C GLN B 160 -4.60 -30.95 1.79
N PHE B 161 -4.91 -29.95 0.96
CA PHE B 161 -6.31 -29.57 0.74
C PHE B 161 -7.13 -30.68 0.10
N GLY B 162 -6.64 -31.27 -0.98
CA GLY B 162 -7.40 -32.23 -1.73
C GLY B 162 -7.84 -31.78 -3.10
N VAL B 163 -7.81 -30.47 -3.35
CA VAL B 163 -8.14 -29.91 -4.66
C VAL B 163 -6.93 -29.13 -5.16
N GLY B 164 -6.73 -29.12 -6.46
CA GLY B 164 -5.59 -28.45 -7.05
C GLY B 164 -5.07 -29.17 -8.27
N PHE B 165 -5.37 -30.47 -8.38
CA PHE B 165 -5.16 -31.15 -9.65
C PHE B 165 -6.08 -30.58 -10.72
N TYR B 166 -7.32 -30.27 -10.34
CA TYR B 166 -8.31 -29.73 -11.28
C TYR B 166 -8.05 -28.28 -11.63
N SER B 167 -6.92 -27.71 -11.21
CA SER B 167 -6.49 -26.41 -11.70
C SER B 167 -5.81 -26.52 -13.05
N ALA B 168 -5.52 -27.73 -13.52
CA ALA B 168 -4.97 -27.91 -14.86
C ALA B 168 -5.98 -27.50 -15.92
N TYR B 169 -7.27 -27.73 -15.67
CA TYR B 169 -8.30 -27.35 -16.62
C TYR B 169 -8.50 -25.84 -16.73
N LEU B 170 -7.72 -25.05 -15.99
CA LEU B 170 -7.68 -23.62 -16.23
C LEU B 170 -7.16 -23.32 -17.63
N VAL B 171 -6.12 -24.05 -18.04
CA VAL B 171 -5.49 -23.83 -19.34
C VAL B 171 -5.51 -25.07 -20.23
N ALA B 172 -6.01 -26.21 -19.74
CA ALA B 172 -5.96 -27.46 -20.49
C ALA B 172 -7.37 -27.89 -20.91
N GLU B 173 -7.46 -28.48 -22.10
CA GLU B 173 -8.72 -28.93 -22.66
C GLU B 173 -9.05 -30.37 -22.27
N LYS B 174 -8.06 -31.27 -22.34
CA LYS B 174 -8.32 -32.69 -22.09
C LYS B 174 -7.05 -33.28 -21.46
N VAL B 175 -7.05 -33.39 -20.14
CA VAL B 175 -5.91 -33.93 -19.41
C VAL B 175 -5.82 -35.43 -19.67
N VAL B 176 -4.60 -35.93 -19.83
CA VAL B 176 -4.35 -37.36 -19.98
C VAL B 176 -3.23 -37.73 -19.01
N VAL B 177 -3.48 -38.73 -18.18
CA VAL B 177 -2.54 -39.14 -17.14
C VAL B 177 -2.16 -40.59 -17.39
N ILE B 178 -0.99 -40.82 -17.97
CA ILE B 178 -0.45 -42.16 -18.04
C ILE B 178 0.30 -42.47 -16.74
N THR B 179 0.26 -43.73 -16.32
CA THR B 179 0.79 -44.08 -15.00
C THR B 179 1.22 -45.53 -15.01
N LYS B 180 2.17 -45.87 -14.14
CA LYS B 180 2.60 -47.25 -13.96
C LYS B 180 3.22 -47.40 -12.58
N HIS B 181 2.55 -48.14 -11.71
CA HIS B 181 3.09 -48.51 -10.41
C HIS B 181 4.00 -49.72 -10.57
N ASN B 182 4.63 -50.15 -9.49
CA ASN B 182 5.42 -51.38 -9.49
C ASN B 182 4.58 -52.62 -9.23
N ASP B 183 3.30 -52.47 -8.89
CA ASP B 183 2.41 -53.59 -8.62
C ASP B 183 1.43 -53.85 -9.75
N ASP B 184 0.81 -52.81 -10.29
CA ASP B 184 -0.18 -52.94 -11.34
C ASP B 184 0.31 -52.23 -12.59
N GLU B 185 -0.11 -52.73 -13.75
CA GLU B 185 0.48 -52.38 -15.02
C GLU B 185 0.06 -50.97 -15.44
N GLN B 186 0.44 -50.59 -16.67
CA GLN B 186 0.33 -49.22 -17.14
C GLN B 186 -1.11 -48.92 -17.58
N TYR B 187 -1.71 -47.91 -16.97
CA TYR B 187 -3.07 -47.50 -17.27
C TYR B 187 -3.09 -46.07 -17.81
N ALA B 188 -4.07 -45.79 -18.66
CA ALA B 188 -4.25 -44.48 -19.25
C ALA B 188 -5.53 -43.84 -18.70
N TRP B 189 -5.43 -42.59 -18.29
CA TRP B 189 -6.51 -41.87 -17.63
C TRP B 189 -6.84 -40.62 -18.44
N GLU B 190 -8.13 -40.32 -18.58
CA GLU B 190 -8.54 -39.25 -19.47
C GLU B 190 -9.88 -38.68 -19.00
N SER B 191 -9.96 -37.36 -18.97
CA SER B 191 -11.19 -36.68 -18.54
C SER B 191 -11.19 -35.27 -19.09
N SER B 192 -12.37 -34.81 -19.53
CA SER B 192 -12.56 -33.43 -19.96
C SER B 192 -13.23 -32.59 -18.89
N ALA B 193 -13.28 -33.10 -17.66
CA ALA B 193 -13.90 -32.43 -16.51
C ALA B 193 -15.37 -32.12 -16.78
N GLY B 194 -16.09 -33.18 -17.16
CA GLY B 194 -17.51 -33.05 -17.45
C GLY B 194 -18.34 -34.09 -16.72
N GLY B 195 -17.96 -34.39 -15.48
CA GLY B 195 -18.62 -35.43 -14.73
C GLY B 195 -18.41 -36.82 -15.29
N SER B 196 -17.22 -37.09 -15.81
CA SER B 196 -16.90 -38.40 -16.39
C SER B 196 -15.41 -38.50 -16.59
N PHE B 197 -14.87 -39.69 -16.37
CA PHE B 197 -13.45 -39.96 -16.56
C PHE B 197 -13.23 -41.44 -16.81
N THR B 198 -12.37 -41.75 -17.76
CA THR B 198 -12.18 -43.12 -18.24
C THR B 198 -10.81 -43.62 -17.83
N VAL B 199 -10.78 -44.80 -17.21
CA VAL B 199 -9.52 -45.45 -16.84
C VAL B 199 -9.27 -46.61 -17.80
N ARG B 200 -8.47 -46.35 -18.84
CA ARG B 200 -8.25 -47.34 -19.89
C ARG B 200 -7.27 -48.41 -19.41
N ALA B 201 -6.92 -49.33 -20.30
CA ALA B 201 -5.80 -50.25 -20.11
C ALA B 201 -4.89 -50.10 -21.31
N ASP B 202 -3.67 -49.64 -21.08
CA ASP B 202 -2.81 -49.14 -22.15
C ASP B 202 -1.71 -50.15 -22.44
N HIS B 203 -1.52 -50.46 -23.73
CA HIS B 203 -0.46 -51.35 -24.18
C HIS B 203 0.67 -50.61 -24.86
N GLY B 204 0.72 -49.28 -24.73
CA GLY B 204 1.69 -48.47 -25.44
C GLY B 204 3.12 -48.60 -24.97
N GLU B 205 3.91 -47.56 -25.18
CA GLU B 205 5.32 -47.60 -24.85
C GLU B 205 5.52 -47.73 -23.34
N PRO B 206 6.55 -48.44 -22.90
CA PRO B 206 6.79 -48.57 -21.46
C PRO B 206 7.37 -47.29 -20.87
N ILE B 207 7.20 -47.16 -19.56
CA ILE B 207 7.73 -46.01 -18.82
C ILE B 207 8.62 -46.54 -17.71
N GLY B 208 8.38 -47.78 -17.29
CA GLY B 208 9.12 -48.38 -16.20
C GLY B 208 8.48 -48.13 -14.85
N ARG B 209 8.57 -46.90 -14.36
CA ARG B 209 7.90 -46.53 -13.12
C ARG B 209 7.79 -45.02 -13.07
N GLY B 210 6.55 -44.50 -13.14
CA GLY B 210 6.36 -43.07 -13.03
C GLY B 210 5.23 -42.53 -13.86
N THR B 211 4.47 -41.58 -13.28
CA THR B 211 3.35 -40.98 -13.95
C THR B 211 3.83 -40.08 -15.09
N LYS B 212 2.90 -39.73 -15.98
CA LYS B 212 3.21 -38.85 -17.09
C LYS B 212 1.93 -38.09 -17.46
N VAL B 213 1.80 -36.87 -16.96
CA VAL B 213 0.68 -36.02 -17.32
C VAL B 213 0.91 -35.47 -18.72
N ILE B 214 -0.13 -35.48 -19.55
CA ILE B 214 -0.05 -34.95 -20.92
C ILE B 214 -1.26 -34.03 -21.09
N LEU B 215 -1.05 -32.74 -20.87
CA LEU B 215 -2.11 -31.76 -21.09
C LEU B 215 -2.36 -31.60 -22.59
N HIS B 216 -3.51 -31.02 -22.91
CA HIS B 216 -3.86 -30.63 -24.28
C HIS B 216 -4.30 -29.18 -24.22
N LEU B 217 -3.35 -28.27 -24.36
CA LEU B 217 -3.58 -26.86 -24.14
C LEU B 217 -4.63 -26.31 -25.11
N LYS B 218 -5.16 -25.14 -24.77
CA LYS B 218 -6.26 -24.55 -25.51
C LYS B 218 -5.74 -23.90 -26.79
N GLU B 219 -6.60 -23.12 -27.45
CA GLU B 219 -6.20 -22.50 -28.71
C GLU B 219 -5.50 -21.16 -28.48
N ASP B 220 -5.93 -20.39 -27.48
CA ASP B 220 -5.31 -19.12 -27.15
C ASP B 220 -4.42 -19.21 -25.91
N GLN B 221 -4.00 -20.42 -25.55
CA GLN B 221 -3.11 -20.63 -24.40
C GLN B 221 -1.80 -21.27 -24.84
N THR B 222 -1.45 -21.09 -26.12
CA THR B 222 -0.20 -21.63 -26.66
C THR B 222 1.02 -20.91 -26.10
N GLU B 223 0.83 -19.81 -25.37
CA GLU B 223 1.94 -19.01 -24.88
C GLU B 223 2.79 -19.75 -23.84
N TYR B 224 2.30 -20.89 -23.33
CA TYR B 224 3.02 -21.64 -22.32
C TYR B 224 3.93 -22.71 -22.90
N LEU B 225 4.36 -22.56 -24.17
CA LEU B 225 5.31 -23.48 -24.76
C LEU B 225 6.65 -22.85 -25.07
N GLU B 226 6.78 -21.53 -24.97
CA GLU B 226 8.06 -20.89 -25.16
C GLU B 226 9.02 -21.25 -24.03
N GLU B 227 10.30 -21.35 -24.37
CA GLU B 227 11.31 -21.62 -23.35
C GLU B 227 11.36 -20.50 -22.33
N ARG B 228 11.30 -19.24 -22.79
CA ARG B 228 11.41 -18.10 -21.89
C ARG B 228 10.25 -18.06 -20.89
N ARG B 229 9.02 -18.27 -21.38
CA ARG B 229 7.86 -18.16 -20.50
C ARG B 229 7.87 -19.23 -19.41
N VAL B 230 8.09 -20.48 -19.80
CA VAL B 230 8.11 -21.56 -18.81
C VAL B 230 9.30 -21.38 -17.86
N LYS B 231 10.45 -20.96 -18.39
CA LYS B 231 11.60 -20.71 -17.55
C LYS B 231 11.30 -19.65 -16.49
N GLU B 232 10.67 -18.55 -16.91
CA GLU B 232 10.37 -17.48 -15.98
C GLU B 232 9.34 -17.92 -14.94
N VAL B 233 8.31 -18.65 -15.38
CA VAL B 233 7.29 -19.11 -14.44
C VAL B 233 7.89 -20.04 -13.40
N VAL B 234 8.70 -21.00 -13.84
CA VAL B 234 9.34 -21.91 -12.90
C VAL B 234 10.26 -21.16 -11.95
N LYS B 235 11.06 -20.24 -12.49
CA LYS B 235 12.00 -19.50 -11.65
C LYS B 235 11.27 -18.70 -10.58
N LYS B 236 10.17 -18.04 -10.96
CA LYS B 236 9.43 -17.24 -9.99
C LYS B 236 8.74 -18.12 -8.94
N HIS B 237 8.03 -19.16 -9.38
CA HIS B 237 7.15 -19.88 -8.47
C HIS B 237 7.84 -21.04 -7.74
N SER B 238 8.49 -21.94 -8.48
CA SER B 238 8.87 -23.26 -7.98
C SER B 238 10.35 -23.51 -8.17
N GLN B 239 11.17 -22.56 -7.73
CA GLN B 239 12.61 -22.66 -7.94
C GLN B 239 13.32 -23.53 -6.91
N PHE B 240 12.93 -23.42 -5.64
CA PHE B 240 13.68 -24.05 -4.55
C PHE B 240 13.17 -25.45 -4.21
N ILE B 241 13.11 -26.34 -5.20
CA ILE B 241 12.73 -27.72 -4.98
C ILE B 241 13.96 -28.60 -5.12
N GLY B 242 14.02 -29.65 -4.30
CA GLY B 242 15.19 -30.50 -4.15
C GLY B 242 15.45 -31.49 -5.26
N TYR B 243 14.63 -31.53 -6.31
CA TYR B 243 14.88 -32.47 -7.38
C TYR B 243 15.06 -31.75 -8.71
N PRO B 244 15.95 -32.24 -9.57
CA PRO B 244 16.24 -31.52 -10.83
C PRO B 244 15.01 -31.41 -11.73
N ILE B 245 14.90 -30.27 -12.40
CA ILE B 245 13.87 -30.02 -13.39
C ILE B 245 14.56 -29.76 -14.72
N THR B 246 14.13 -30.47 -15.77
CA THR B 246 14.83 -30.48 -17.05
C THR B 246 13.85 -30.21 -18.18
N LEU B 247 13.98 -29.04 -18.82
CA LEU B 247 13.12 -28.65 -19.93
C LEU B 247 13.80 -29.08 -21.23
N TYR B 248 13.26 -30.13 -21.86
CA TYR B 248 13.76 -30.59 -23.15
C TYR B 248 13.28 -29.66 -24.25
N LEU B 249 14.19 -28.83 -24.75
CA LEU B 249 13.87 -27.94 -25.86
C LEU B 249 14.51 -28.42 -27.16
N ASP B 310 20.23 -30.61 -24.80
CA ASP B 310 18.95 -29.97 -24.48
C ASP B 310 18.48 -30.36 -23.09
N GLN B 311 19.33 -30.11 -22.09
CA GLN B 311 19.01 -30.48 -20.72
C GLN B 311 19.29 -29.34 -19.75
N GLU B 312 18.84 -28.14 -20.08
CA GLU B 312 19.12 -26.96 -19.28
C GLU B 312 18.33 -26.97 -17.96
N GLU B 313 18.91 -27.62 -16.95
CA GLU B 313 18.28 -27.70 -15.63
C GLU B 313 17.96 -26.30 -15.11
N LEU B 314 16.69 -26.09 -14.78
CA LEU B 314 16.23 -24.74 -14.45
C LEU B 314 16.69 -24.32 -13.05
N ASN B 315 16.80 -25.25 -12.12
CA ASN B 315 17.19 -24.94 -10.75
C ASN B 315 18.58 -25.52 -10.46
N LYS B 316 19.59 -24.68 -10.53
CA LYS B 316 20.95 -25.06 -10.15
C LYS B 316 21.29 -24.66 -8.73
N THR B 317 20.61 -23.66 -8.18
CA THR B 317 20.90 -23.17 -6.83
C THR B 317 20.11 -23.98 -5.81
N LYS B 318 20.79 -24.86 -5.09
CA LYS B 318 20.16 -25.56 -3.99
C LYS B 318 19.93 -24.59 -2.83
N PRO B 319 18.84 -24.78 -2.08
CA PRO B 319 18.62 -23.93 -0.91
C PRO B 319 19.66 -24.22 0.17
N ILE B 320 20.00 -23.18 0.92
CA ILE B 320 20.97 -23.30 2.00
C ILE B 320 20.41 -22.87 3.35
N TRP B 321 19.20 -22.31 3.40
CA TRP B 321 18.62 -21.95 4.69
C TRP B 321 18.13 -23.17 5.46
N THR B 322 18.11 -24.35 4.84
CA THR B 322 17.70 -25.57 5.51
C THR B 322 18.87 -26.33 6.11
N ARG B 323 20.07 -25.77 6.09
CA ARG B 323 21.25 -26.40 6.64
C ARG B 323 21.69 -25.67 7.91
N ASN B 324 22.31 -26.43 8.81
CA ASN B 324 22.79 -25.88 10.07
C ASN B 324 23.76 -24.74 9.77
N PRO B 325 23.52 -23.52 10.26
CA PRO B 325 24.38 -22.38 9.89
C PRO B 325 25.82 -22.53 10.36
N ASP B 326 26.08 -23.39 11.33
CA ASP B 326 27.47 -23.60 11.74
C ASP B 326 28.25 -24.48 10.77
N ASP B 327 27.70 -24.76 9.59
CA ASP B 327 28.36 -25.60 8.59
C ASP B 327 28.56 -24.88 7.27
N ILE B 328 28.22 -23.60 7.17
CA ILE B 328 28.26 -22.85 5.91
C ILE B 328 29.43 -21.90 5.94
N THR B 329 30.24 -21.93 4.88
CA THR B 329 31.31 -20.96 4.71
C THR B 329 30.77 -19.71 4.01
N GLN B 330 31.50 -18.60 4.16
CA GLN B 330 31.07 -17.34 3.58
C GLN B 330 31.06 -17.35 2.06
N GLU B 331 31.87 -18.20 1.43
CA GLU B 331 31.83 -18.31 -0.03
C GLU B 331 30.49 -18.84 -0.51
N GLU B 332 29.94 -19.83 0.19
CA GLU B 332 28.60 -20.33 -0.15
C GLU B 332 27.55 -19.25 0.02
N TYR B 333 27.64 -18.46 1.11
CA TYR B 333 26.71 -17.37 1.30
C TYR B 333 26.79 -16.35 0.17
N GLY B 334 28.01 -16.02 -0.27
CA GLY B 334 28.15 -15.10 -1.38
C GLY B 334 27.59 -15.65 -2.68
N GLU B 335 27.87 -16.93 -2.96
CA GLU B 335 27.38 -17.56 -4.18
C GLU B 335 25.87 -17.76 -4.16
N PHE B 336 25.24 -17.81 -2.99
CA PHE B 336 23.80 -17.84 -2.90
C PHE B 336 23.20 -16.45 -3.01
N TYR B 337 23.86 -15.44 -2.44
CA TYR B 337 23.40 -14.06 -2.60
C TYR B 337 23.42 -13.64 -4.07
N LYS B 338 24.50 -13.97 -4.78
CA LYS B 338 24.60 -13.59 -6.19
C LYS B 338 23.52 -14.23 -7.03
N SER B 339 23.11 -15.46 -6.70
CA SER B 339 22.02 -16.09 -7.43
C SER B 339 20.65 -15.57 -7.00
N LEU B 340 20.49 -15.23 -5.72
CA LEU B 340 19.19 -14.78 -5.24
C LEU B 340 18.84 -13.39 -5.75
N THR B 341 19.80 -12.45 -5.67
CA THR B 341 19.53 -11.07 -6.00
C THR B 341 20.16 -10.63 -7.31
N ASN B 342 20.76 -11.55 -8.06
CA ASN B 342 21.37 -11.25 -9.36
C ASN B 342 22.40 -10.13 -9.24
N ASP B 343 23.11 -10.11 -8.13
CA ASP B 343 24.11 -9.07 -7.86
C ASP B 343 25.50 -9.58 -8.23
N TRP B 344 26.29 -8.70 -8.84
CA TRP B 344 27.67 -8.99 -9.16
C TRP B 344 28.63 -8.62 -8.03
N GLU B 345 28.10 -8.14 -6.90
CA GLU B 345 28.90 -7.73 -5.77
C GLU B 345 28.57 -8.60 -4.57
N ASP B 346 29.60 -9.09 -3.89
CA ASP B 346 29.40 -9.94 -2.72
C ASP B 346 28.70 -9.16 -1.62
N HIS B 347 28.03 -9.89 -0.74
CA HIS B 347 27.25 -9.28 0.34
C HIS B 347 28.19 -8.65 1.37
N LEU B 348 27.59 -8.06 2.41
CA LEU B 348 28.32 -7.40 3.48
C LEU B 348 28.11 -8.03 4.83
N ALA B 349 26.87 -8.43 5.15
CA ALA B 349 26.58 -9.08 6.42
C ALA B 349 25.50 -10.13 6.18
N VAL B 350 25.35 -11.03 7.16
CA VAL B 350 24.41 -12.13 7.03
C VAL B 350 23.99 -12.60 8.42
N LYS B 351 22.70 -12.92 8.56
CA LYS B 351 22.15 -13.45 9.79
C LYS B 351 21.36 -14.71 9.48
N HIS B 352 21.37 -15.65 10.43
CA HIS B 352 20.70 -16.94 10.25
C HIS B 352 20.13 -17.35 11.60
N PHE B 353 18.85 -17.08 11.81
CA PHE B 353 18.18 -17.36 13.07
C PHE B 353 16.94 -18.21 12.81
N SER B 354 16.50 -18.91 13.85
CA SER B 354 15.29 -19.73 13.80
C SER B 354 14.47 -19.49 15.06
N VAL B 355 13.16 -19.69 14.93
CA VAL B 355 12.21 -19.48 16.02
C VAL B 355 11.44 -20.76 16.25
N GLU B 356 11.35 -21.18 17.51
CA GLU B 356 10.68 -22.42 17.88
C GLU B 356 9.44 -22.11 18.72
N GLY B 357 8.39 -22.91 18.53
CA GLY B 357 7.17 -22.76 19.29
C GLY B 357 5.91 -22.95 18.48
N GLN B 358 4.84 -22.25 18.85
CA GLN B 358 3.59 -22.36 18.10
C GLN B 358 3.76 -21.83 16.68
N LEU B 359 4.50 -20.75 16.52
CA LEU B 359 4.81 -20.17 15.22
C LEU B 359 6.31 -20.31 14.99
N GLU B 360 6.69 -21.15 14.03
CA GLU B 360 8.08 -21.43 13.74
C GLU B 360 8.43 -21.02 12.32
N PHE B 361 9.66 -20.52 12.15
CA PHE B 361 10.14 -20.15 10.83
C PHE B 361 11.66 -20.03 10.86
N ARG B 362 12.25 -20.15 9.68
CA ARG B 362 13.67 -19.89 9.46
C ARG B 362 13.81 -18.61 8.64
N ALA B 363 14.98 -18.00 8.70
CA ALA B 363 15.16 -16.74 8.00
C ALA B 363 16.64 -16.49 7.70
N LEU B 364 16.89 -15.92 6.52
CA LEU B 364 18.17 -15.34 6.17
C LEU B 364 18.00 -13.84 5.99
N LEU B 365 19.07 -13.10 6.25
CA LEU B 365 19.05 -11.64 6.11
C LEU B 365 20.37 -11.19 5.50
N PHE B 366 20.28 -10.51 4.36
CA PHE B 366 21.45 -9.99 3.67
C PHE B 366 21.41 -8.46 3.66
N ILE B 367 22.55 -7.84 3.92
CA ILE B 367 22.71 -6.39 3.83
C ILE B 367 23.58 -6.11 2.61
N PRO B 368 23.05 -5.47 1.56
CA PRO B 368 23.86 -5.24 0.36
C PRO B 368 25.01 -4.28 0.64
N ARG B 369 26.05 -4.40 -0.18
CA ARG B 369 27.23 -3.55 -0.01
C ARG B 369 26.93 -2.11 -0.38
N ARG B 370 26.26 -1.90 -1.52
CA ARG B 370 25.99 -0.57 -2.03
C ARG B 370 24.49 -0.31 -2.01
N ALA B 371 24.12 0.87 -1.54
CA ALA B 371 22.71 1.22 -1.45
C ALA B 371 22.12 1.41 -2.85
N PRO B 372 21.04 0.72 -3.18
CA PRO B 372 20.39 0.94 -4.49
C PRO B 372 19.84 2.35 -4.59
N PHE B 373 19.84 2.88 -5.81
CA PHE B 373 19.35 4.23 -6.07
C PHE B 373 17.83 4.31 -6.14
N ASP B 374 17.12 3.26 -5.75
CA ASP B 374 15.67 3.23 -5.81
C ASP B 374 15.00 3.31 -4.45
N LEU B 375 15.79 3.46 -3.37
CA LEU B 375 15.20 3.55 -2.04
C LEU B 375 14.36 4.80 -1.92
N PHE B 376 13.24 4.67 -1.18
CA PHE B 376 12.30 5.76 -0.95
C PHE B 376 11.66 6.28 -2.23
N GLU B 377 11.82 5.56 -3.34
CA GLU B 377 11.35 6.04 -4.64
C GLU B 377 10.19 5.23 -5.19
N ASN B 378 10.32 3.91 -5.28
CA ASN B 378 9.28 3.10 -5.91
C ASN B 378 7.97 3.17 -5.12
N LYS B 379 8.04 2.90 -3.82
CA LYS B 379 6.90 2.93 -2.89
C LYS B 379 5.66 2.22 -3.46
N LYS B 380 5.90 1.23 -4.31
CA LYS B 380 4.83 0.38 -4.82
C LYS B 380 4.98 -1.06 -4.36
N LYS B 381 6.13 -1.67 -4.64
CA LYS B 381 6.35 -3.07 -4.27
C LYS B 381 7.52 -3.19 -3.30
N LYS B 382 7.27 -3.78 -2.14
CA LYS B 382 8.32 -4.08 -1.17
C LYS B 382 8.80 -5.52 -1.30
N ASN B 383 9.32 -5.89 -2.46
CA ASN B 383 9.64 -7.27 -2.75
C ASN B 383 10.99 -7.72 -2.18
N ASN B 384 11.53 -7.00 -1.19
CA ASN B 384 12.82 -7.37 -0.63
C ASN B 384 12.75 -8.71 0.12
N ILE B 385 11.75 -8.87 0.99
CA ILE B 385 11.60 -10.05 1.81
C ILE B 385 10.51 -10.93 1.22
N LYS B 386 10.84 -12.19 0.96
CA LYS B 386 9.88 -13.15 0.43
C LYS B 386 9.44 -14.13 1.50
N LEU B 387 8.30 -14.77 1.26
CA LEU B 387 7.69 -15.71 2.20
C LEU B 387 7.53 -17.06 1.51
N TYR B 388 8.25 -18.07 1.99
CA TYR B 388 8.17 -19.42 1.46
C TYR B 388 7.53 -20.34 2.49
N VAL B 389 6.71 -21.27 2.00
CA VAL B 389 6.13 -22.31 2.83
C VAL B 389 6.40 -23.66 2.17
N ARG B 390 7.17 -24.51 2.84
CA ARG B 390 7.61 -25.79 2.28
C ARG B 390 8.34 -25.58 0.96
N ARG B 391 9.21 -24.56 0.92
CA ARG B 391 10.08 -24.29 -0.22
C ARG B 391 9.28 -24.02 -1.50
N VAL B 392 8.17 -23.29 -1.36
CA VAL B 392 7.35 -22.90 -2.50
C VAL B 392 6.91 -21.45 -2.30
N PHE B 393 6.95 -20.66 -3.37
CA PHE B 393 6.62 -19.25 -3.28
C PHE B 393 5.15 -19.06 -2.91
N ILE B 394 4.91 -18.17 -1.96
CA ILE B 394 3.56 -17.90 -1.47
C ILE B 394 3.18 -16.47 -1.79
N MET B 395 3.93 -15.51 -1.25
CA MET B 395 3.65 -14.10 -1.46
C MET B 395 4.87 -13.28 -1.09
N ASP B 396 5.01 -12.13 -1.76
CA ASP B 396 6.05 -11.18 -1.42
C ASP B 396 5.63 -10.38 -0.18
N SER B 397 6.48 -9.45 0.25
CA SER B 397 6.21 -8.73 1.48
C SER B 397 4.98 -7.84 1.36
N CYS B 398 3.95 -8.20 2.11
CA CYS B 398 2.71 -7.43 2.16
C CYS B 398 2.76 -6.38 3.27
N ASP B 399 3.55 -5.32 3.07
CA ASP B 399 3.52 -4.13 3.90
C ASP B 399 3.97 -4.37 5.34
N GLU B 400 3.15 -5.05 6.14
CA GLU B 400 3.44 -5.15 7.57
C GLU B 400 4.49 -6.20 7.89
N LEU B 401 5.03 -6.90 6.89
CA LEU B 401 6.16 -7.79 7.15
C LEU B 401 7.38 -7.00 7.62
N ILE B 402 7.67 -5.88 6.96
CA ILE B 402 8.85 -5.07 7.29
C ILE B 402 8.45 -3.61 7.42
N PRO B 403 8.81 -2.94 8.52
CA PRO B 403 8.54 -1.50 8.63
C PRO B 403 9.32 -0.70 7.60
N GLU B 404 8.84 0.51 7.34
CA GLU B 404 9.39 1.31 6.25
C GLU B 404 10.86 1.64 6.47
N TYR B 405 11.26 1.91 7.71
CA TYR B 405 12.63 2.34 7.95
C TYR B 405 13.65 1.21 7.83
N LEU B 406 13.20 -0.04 7.64
CA LEU B 406 14.10 -1.18 7.43
C LEU B 406 13.88 -1.77 6.03
N ASN B 407 13.67 -0.90 5.04
CA ASN B 407 13.33 -1.33 3.70
C ASN B 407 14.51 -1.94 2.94
N PHE B 408 15.74 -1.73 3.41
CA PHE B 408 16.92 -2.16 2.66
C PHE B 408 17.31 -3.61 2.93
N ILE B 409 16.69 -4.26 3.90
CA ILE B 409 17.03 -5.65 4.23
C ILE B 409 16.46 -6.57 3.17
N ARG B 410 17.30 -7.48 2.68
CA ARG B 410 16.87 -8.54 1.77
C ARG B 410 17.05 -9.88 2.47
N GLY B 411 16.11 -10.79 2.24
CA GLY B 411 16.18 -12.08 2.90
C GLY B 411 15.05 -12.99 2.47
N VAL B 412 14.95 -14.12 3.16
CA VAL B 412 14.00 -15.18 2.84
C VAL B 412 13.48 -15.76 4.14
N VAL B 413 12.18 -16.06 4.18
CA VAL B 413 11.54 -16.65 5.35
C VAL B 413 10.83 -17.92 4.93
N ASP B 414 11.07 -19.01 5.66
CA ASP B 414 10.53 -20.33 5.35
C ASP B 414 9.77 -20.85 6.56
N SER B 415 8.77 -21.70 6.30
CA SER B 415 7.95 -22.24 7.38
C SER B 415 7.34 -23.56 6.93
N GLU B 416 6.95 -24.37 7.92
CA GLU B 416 6.39 -25.69 7.66
C GLU B 416 4.87 -25.75 7.82
N ASP B 417 4.26 -24.82 8.56
CA ASP B 417 2.82 -24.90 8.82
C ASP B 417 2.30 -23.49 9.08
N LEU B 418 1.53 -22.96 8.14
CA LEU B 418 0.84 -21.69 8.26
C LEU B 418 -0.56 -21.86 7.71
N PRO B 419 -1.51 -21.02 8.12
CA PRO B 419 -2.89 -21.10 7.59
C PRO B 419 -3.06 -20.43 6.22
N LEU B 420 -2.72 -21.18 5.17
CA LEU B 420 -2.80 -20.64 3.82
C LEU B 420 -4.26 -20.60 3.35
N ASN B 421 -4.53 -19.66 2.44
CA ASN B 421 -5.82 -19.56 1.79
C ASN B 421 -6.03 -20.77 0.88
N ILE B 422 -7.25 -20.88 0.32
CA ILE B 422 -7.53 -21.99 -0.59
C ILE B 422 -6.77 -21.82 -1.90
N SER B 423 -6.50 -20.58 -2.30
CA SER B 423 -5.73 -20.31 -3.50
C SER B 423 -4.23 -20.44 -3.29
N ARG B 424 -3.80 -20.67 -2.04
CA ARG B 424 -2.37 -20.78 -1.69
C ARG B 424 -1.57 -19.60 -2.22
N GLU B 425 -2.09 -18.39 -2.04
CA GLU B 425 -1.42 -17.19 -2.54
C GLU B 425 -1.37 -16.11 -1.48
N MET B 426 -1.92 -16.39 -0.30
CA MET B 426 -1.93 -15.42 0.80
C MET B 426 -2.32 -16.15 2.08
N LEU B 427 -1.85 -15.62 3.20
CA LEU B 427 -2.23 -16.17 4.49
C LEU B 427 -3.69 -15.83 4.81
N GLN B 428 -4.27 -16.60 5.72
CA GLN B 428 -5.66 -16.41 6.12
C GLN B 428 -5.78 -15.42 7.27
N GLN B 429 -5.14 -15.73 8.40
CA GLN B 429 -5.15 -14.85 9.56
C GLN B 429 -4.07 -13.78 9.41
N SER B 430 -4.44 -12.52 9.60
CA SER B 430 -3.48 -11.43 9.48
C SER B 430 -2.83 -11.05 10.81
N LYS B 431 -2.95 -11.90 11.83
CA LYS B 431 -2.28 -11.63 13.09
C LYS B 431 -0.88 -12.24 13.15
N ILE B 432 -0.54 -13.08 12.17
CA ILE B 432 0.80 -13.67 12.12
C ILE B 432 1.84 -12.61 11.80
N LEU B 433 1.48 -11.66 10.94
CA LEU B 433 2.35 -10.59 10.43
C LEU B 433 2.50 -9.45 11.41
N LYS B 434 2.10 -9.70 12.66
CA LYS B 434 2.40 -8.81 13.77
C LYS B 434 3.42 -9.40 14.72
N VAL B 435 3.57 -10.72 14.72
CA VAL B 435 4.66 -11.37 15.44
C VAL B 435 5.88 -11.55 14.57
N ILE B 436 5.69 -11.87 13.28
CA ILE B 436 6.82 -12.01 12.38
C ILE B 436 7.58 -10.69 12.26
N ARG B 437 6.84 -9.58 12.15
CA ARG B 437 7.48 -8.26 12.10
C ARG B 437 8.36 -8.03 13.31
N LYS B 438 7.82 -8.27 14.51
CA LYS B 438 8.58 -8.03 15.74
C LYS B 438 9.82 -8.90 15.80
N ASN B 439 9.70 -10.18 15.43
CA ASN B 439 10.87 -11.05 15.45
C ASN B 439 11.93 -10.58 14.47
N ILE B 440 11.54 -10.22 13.25
CA ILE B 440 12.51 -9.79 12.25
C ILE B 440 13.21 -8.51 12.70
N VAL B 441 12.44 -7.56 13.25
CA VAL B 441 13.04 -6.31 13.70
C VAL B 441 14.00 -6.54 14.85
N LYS B 442 13.61 -7.39 15.82
CA LYS B 442 14.50 -7.69 16.93
C LYS B 442 15.77 -8.39 16.48
N LYS B 443 15.70 -9.16 15.39
CA LYS B 443 16.93 -9.78 14.87
C LYS B 443 17.79 -8.80 14.09
N CYS B 444 17.19 -7.90 13.32
CA CYS B 444 17.97 -6.90 12.58
C CYS B 444 18.69 -5.95 13.52
N LEU B 445 18.02 -5.54 14.60
CA LEU B 445 18.63 -4.60 15.53
C LEU B 445 19.74 -5.24 16.36
N GLU B 446 19.92 -6.55 16.25
CA GLU B 446 21.11 -7.20 16.80
C GLU B 446 22.16 -7.47 15.74
N LEU B 447 21.73 -7.80 14.51
CA LEU B 447 22.68 -7.90 13.42
C LEU B 447 23.49 -6.61 13.28
N PHE B 448 22.82 -5.46 13.41
CA PHE B 448 23.55 -4.19 13.43
C PHE B 448 24.55 -4.14 14.59
N SER B 449 24.17 -4.66 15.76
CA SER B 449 25.06 -4.58 16.92
C SER B 449 26.34 -5.38 16.71
N GLU B 450 26.23 -6.64 16.25
CA GLU B 450 27.47 -7.36 15.94
C GLU B 450 28.16 -6.85 14.66
N LEU B 451 27.47 -6.08 13.82
CA LEU B 451 28.19 -5.39 12.77
C LEU B 451 28.98 -4.20 13.29
N ALA B 452 28.58 -3.64 14.43
CA ALA B 452 29.19 -2.43 14.96
C ALA B 452 30.65 -2.62 15.35
N GLU B 453 31.00 -3.77 15.94
CA GLU B 453 32.33 -3.94 16.51
C GLU B 453 33.43 -4.08 15.47
N ASP B 454 33.09 -4.05 14.18
CA ASP B 454 34.09 -4.03 13.11
C ASP B 454 34.22 -2.59 12.63
N LYS B 455 35.03 -1.81 13.36
CA LYS B 455 35.12 -0.38 13.11
C LYS B 455 35.59 -0.07 11.70
N GLU B 456 36.48 -0.89 11.15
CA GLU B 456 36.91 -0.70 9.76
C GLU B 456 35.80 -1.07 8.78
N ASN B 457 34.87 -1.92 9.19
CA ASN B 457 33.77 -2.34 8.32
C ASN B 457 32.49 -1.55 8.56
N TYR B 458 32.31 -1.00 9.77
CA TYR B 458 31.09 -0.24 10.05
C TYR B 458 30.99 1.03 9.24
N LYS B 459 32.13 1.65 8.92
CA LYS B 459 32.09 2.86 8.12
C LYS B 459 31.48 2.61 6.74
N LYS B 460 31.83 1.49 6.11
CA LYS B 460 31.29 1.17 4.79
C LYS B 460 29.77 1.00 4.83
N PHE B 461 29.22 0.62 5.99
CA PHE B 461 27.78 0.49 6.14
C PHE B 461 27.14 1.83 6.44
N TYR B 462 27.65 2.53 7.46
CA TYR B 462 27.07 3.78 7.93
C TYR B 462 27.20 4.89 6.90
N GLU B 463 28.11 4.76 5.93
CA GLU B 463 28.24 5.80 4.92
C GLU B 463 27.07 5.77 3.94
N ALA B 464 26.37 4.64 3.82
CA ALA B 464 25.28 4.49 2.87
C ALA B 464 23.92 4.26 3.53
N PHE B 465 23.88 3.75 4.76
CA PHE B 465 22.62 3.40 5.41
C PHE B 465 22.42 4.17 6.71
N SER B 466 22.64 5.48 6.68
CA SER B 466 22.46 6.30 7.89
C SER B 466 21.06 6.90 7.94
N LYS B 467 20.51 7.26 6.79
CA LYS B 467 19.17 7.86 6.75
C LYS B 467 18.12 6.90 7.28
N ASN B 468 18.29 5.60 7.05
CA ASN B 468 17.32 4.63 7.55
C ASN B 468 17.31 4.60 9.08
N LEU B 469 18.49 4.61 9.71
CA LEU B 469 18.56 4.67 11.16
C LEU B 469 17.97 5.97 11.68
N LYS B 470 18.29 7.09 11.03
CA LYS B 470 17.80 8.38 11.52
C LYS B 470 16.29 8.51 11.33
N LEU B 471 15.72 7.77 10.37
CA LEU B 471 14.27 7.75 10.23
C LEU B 471 13.63 6.79 11.23
N GLY B 472 14.30 5.67 11.52
CA GLY B 472 13.79 4.76 12.52
C GLY B 472 13.75 5.37 13.90
N ILE B 473 14.73 6.22 14.21
CA ILE B 473 14.68 6.95 15.48
C ILE B 473 13.44 7.83 15.54
N HIS B 474 13.04 8.41 14.41
CA HIS B 474 11.86 9.27 14.39
C HIS B 474 10.56 8.47 14.47
N GLU B 475 10.51 7.30 13.83
CA GLU B 475 9.26 6.56 13.70
C GLU B 475 9.11 5.41 14.67
N ASP B 476 10.19 4.69 14.99
CA ASP B 476 10.11 3.53 15.87
C ASP B 476 10.10 4.01 17.30
N SER B 477 8.90 4.21 17.85
CA SER B 477 8.75 4.75 19.20
C SER B 477 9.20 3.79 20.29
N THR B 478 9.44 2.51 19.96
CA THR B 478 9.86 1.54 20.94
C THR B 478 11.36 1.27 20.95
N ASN B 479 12.03 1.42 19.80
CA ASN B 479 13.42 1.05 19.65
C ASN B 479 14.35 2.27 19.58
N ARG B 480 14.04 3.32 20.33
CA ARG B 480 14.93 4.47 20.36
C ARG B 480 16.20 4.20 21.17
N ARG B 481 16.08 3.47 22.28
CA ARG B 481 17.24 3.16 23.10
C ARG B 481 18.18 2.16 22.43
N ARG B 482 17.77 1.54 21.32
CA ARG B 482 18.64 0.66 20.56
C ARG B 482 19.12 1.28 19.25
N LEU B 483 18.39 2.25 18.71
CA LEU B 483 18.85 3.01 17.55
C LEU B 483 19.61 4.27 17.94
N SER B 484 19.76 4.54 19.24
CA SER B 484 20.51 5.70 19.68
C SER B 484 22.01 5.45 19.74
N GLU B 485 22.42 4.27 20.19
CA GLU B 485 23.85 3.94 20.24
C GLU B 485 24.41 3.53 18.88
N LEU B 486 23.60 3.55 17.83
CA LEU B 486 24.05 3.21 16.49
C LEU B 486 24.35 4.43 15.63
N LEU B 487 24.50 5.60 16.25
CA LEU B 487 24.77 6.83 15.53
C LEU B 487 26.22 7.25 15.69
N ARG B 488 26.79 7.80 14.63
CA ARG B 488 28.12 8.39 14.67
C ARG B 488 28.02 9.81 14.14
N TYR B 489 28.70 10.74 14.81
CA TYR B 489 28.60 12.16 14.50
C TYR B 489 29.98 12.79 14.49
N HIS B 490 30.11 13.86 13.72
CA HIS B 490 31.32 14.67 13.76
C HIS B 490 31.28 15.60 14.96
N THR B 491 32.44 15.83 15.56
CA THR B 491 32.57 16.75 16.69
C THR B 491 33.75 17.69 16.43
N SER B 492 33.89 18.68 17.31
CA SER B 492 34.95 19.66 17.14
C SER B 492 36.32 19.07 17.42
N GLN B 493 36.40 18.10 18.33
CA GLN B 493 37.65 17.47 18.72
C GLN B 493 37.86 16.11 18.05
N SER B 494 37.38 15.94 16.82
CA SER B 494 37.49 14.68 16.12
C SER B 494 38.13 14.80 14.74
N GLY B 495 38.18 15.99 14.15
CA GLY B 495 38.78 16.16 12.84
C GLY B 495 37.97 15.53 11.73
N ASP B 496 38.52 14.50 11.09
CA ASP B 496 37.85 13.80 9.99
C ASP B 496 37.38 12.41 10.39
N GLU B 497 37.38 12.10 11.69
CA GLU B 497 36.97 10.78 12.18
C GLU B 497 35.67 10.93 12.95
N MET B 498 34.59 10.35 12.41
CA MET B 498 33.30 10.38 13.08
C MET B 498 33.36 9.60 14.39
N THR B 499 32.66 10.10 15.40
CA THR B 499 32.60 9.47 16.70
C THR B 499 31.16 9.30 17.14
N SER B 500 30.93 8.33 18.01
CA SER B 500 29.60 8.02 18.52
C SER B 500 29.28 8.84 19.76
N LEU B 501 27.99 8.92 20.08
CA LEU B 501 27.56 9.61 21.29
C LEU B 501 28.10 8.95 22.55
N SER B 502 28.23 7.62 22.56
CA SER B 502 28.77 6.94 23.74
C SER B 502 30.26 7.21 23.90
N GLU B 503 30.96 7.55 22.81
CA GLU B 503 32.33 8.01 22.93
C GLU B 503 32.39 9.46 23.41
N TYR B 504 31.41 10.27 23.02
CA TYR B 504 31.34 11.65 23.50
C TYR B 504 31.11 11.68 25.01
N VAL B 505 30.17 10.87 25.50
CA VAL B 505 29.86 10.88 26.94
C VAL B 505 31.06 10.50 27.77
N SER B 506 31.95 9.66 27.24
CA SER B 506 33.14 9.27 27.98
C SER B 506 34.17 10.39 28.06
N ARG B 507 34.13 11.34 27.14
CA ARG B 507 35.05 12.47 27.12
C ARG B 507 34.47 13.69 27.83
N MET B 508 33.38 13.53 28.57
CA MET B 508 32.66 14.66 29.14
C MET B 508 33.44 15.24 30.33
N LYS B 509 33.30 16.55 30.51
CA LYS B 509 33.95 17.23 31.61
C LYS B 509 33.26 16.90 32.93
N GLU B 510 33.95 17.17 34.04
CA GLU B 510 33.42 16.86 35.35
C GLU B 510 32.30 17.80 35.77
N THR B 511 32.17 18.96 35.13
CA THR B 511 31.15 19.94 35.47
C THR B 511 30.05 20.03 34.42
N GLN B 512 30.16 19.30 33.33
CA GLN B 512 29.13 19.32 32.29
C GLN B 512 27.82 18.74 32.82
N LYS B 513 26.70 19.32 32.38
CA LYS B 513 25.39 18.86 32.79
C LYS B 513 24.45 18.63 31.61
N SER B 514 24.93 18.77 30.37
CA SER B 514 24.11 18.56 29.19
C SER B 514 25.03 18.29 28.00
N ILE B 515 24.41 17.92 26.88
CA ILE B 515 25.11 17.70 25.62
C ILE B 515 24.77 18.85 24.69
N TYR B 516 25.80 19.50 24.15
CA TYR B 516 25.62 20.63 23.25
C TYR B 516 25.63 20.16 21.80
N TYR B 517 24.84 20.83 20.97
CA TYR B 517 24.75 20.48 19.56
C TYR B 517 24.33 21.72 18.77
N ILE B 518 24.92 21.89 17.60
CA ILE B 518 24.61 23.00 16.69
C ILE B 518 24.21 22.40 15.36
N THR B 519 23.22 23.02 14.71
CA THR B 519 22.66 22.51 13.47
C THR B 519 22.65 23.60 12.40
N GLY B 520 22.99 23.22 11.17
CA GLY B 520 23.02 24.15 10.05
C GLY B 520 22.78 23.43 8.75
N GLU B 521 23.54 23.79 7.72
CA GLU B 521 23.40 23.17 6.41
C GLU B 521 24.70 22.61 5.87
N SER B 522 25.82 22.79 6.57
CA SER B 522 27.10 22.23 6.16
C SER B 522 28.04 22.27 7.37
N LYS B 523 29.13 21.52 7.27
CA LYS B 523 30.12 21.53 8.34
C LYS B 523 30.96 22.79 8.34
N GLU B 524 31.24 23.37 7.16
CA GLU B 524 32.06 24.57 7.09
C GLU B 524 31.39 25.76 7.78
N GLN B 525 30.07 25.89 7.66
CA GLN B 525 29.37 27.00 8.31
C GLN B 525 29.32 26.82 9.82
N VAL B 526 28.81 25.68 10.27
CA VAL B 526 28.67 25.42 11.71
C VAL B 526 30.01 25.31 12.42
N ALA B 527 31.09 25.09 11.68
CA ALA B 527 32.41 25.06 12.30
C ALA B 527 32.84 26.45 12.76
N ASN B 528 32.51 27.48 11.98
CA ASN B 528 32.96 28.84 12.22
C ASN B 528 31.83 29.79 12.63
N SER B 529 30.65 29.25 12.93
CA SER B 529 29.51 30.10 13.26
C SER B 529 29.78 30.86 14.57
N ALA B 530 28.99 31.91 14.79
CA ALA B 530 29.19 32.79 15.93
C ALA B 530 28.69 32.20 17.24
N PHE B 531 27.92 31.11 17.20
CA PHE B 531 27.33 30.58 18.43
C PHE B 531 28.34 29.80 19.26
N VAL B 532 29.24 29.07 18.62
CA VAL B 532 30.14 28.16 19.32
C VAL B 532 31.39 28.89 19.80
N GLU B 533 31.48 30.20 19.52
CA GLU B 533 32.70 30.94 19.80
C GLU B 533 33.04 30.95 21.28
N ARG B 534 32.05 30.90 22.16
CA ARG B 534 32.32 30.89 23.60
C ARG B 534 32.40 29.47 24.15
N VAL B 535 31.55 28.56 23.65
CA VAL B 535 31.57 27.19 24.13
C VAL B 535 32.90 26.53 23.81
N ARG B 536 33.41 26.73 22.58
CA ARG B 536 34.71 26.19 22.22
C ARG B 536 35.82 26.80 23.07
N LYS B 537 35.65 28.04 23.52
CA LYS B 537 36.69 28.72 24.28
C LYS B 537 37.03 28.00 25.57
N ARG B 538 36.00 27.56 26.30
CA ARG B 538 36.20 26.87 27.56
C ARG B 538 36.57 25.40 27.39
N GLY B 539 36.89 24.96 26.18
CA GLY B 539 37.25 23.57 25.95
C GLY B 539 36.10 22.61 26.09
N PHE B 540 34.92 22.97 25.61
CA PHE B 540 33.76 22.09 25.62
C PHE B 540 33.58 21.49 24.23
N GLU B 541 33.07 20.27 24.19
CA GLU B 541 32.97 19.51 22.94
C GLU B 541 31.59 19.71 22.31
N VAL B 542 31.57 20.34 21.14
CA VAL B 542 30.34 20.58 20.40
C VAL B 542 30.10 19.43 19.44
N VAL B 543 28.83 19.07 19.25
CA VAL B 543 28.43 18.05 18.29
C VAL B 543 27.82 18.75 17.08
N TYR B 544 28.27 18.38 15.90
CA TYR B 544 27.75 18.95 14.65
C TYR B 544 26.62 18.10 14.11
N MET B 545 25.65 18.76 13.49
CA MET B 545 24.52 18.08 12.85
C MET B 545 24.21 18.82 11.55
N THR B 546 24.52 18.20 10.42
CA THR B 546 24.39 18.86 9.13
C THR B 546 23.34 18.26 8.21
N GLU B 547 22.97 16.99 8.38
CA GLU B 547 21.98 16.51 7.45
C GLU B 547 20.58 17.01 7.84
N PRO B 548 19.71 17.21 6.86
CA PRO B 548 18.33 17.65 7.18
C PRO B 548 17.58 16.68 8.07
N ILE B 549 17.85 15.37 7.96
CA ILE B 549 17.12 14.39 8.75
C ILE B 549 17.53 14.47 10.22
N ASP B 550 18.69 15.08 10.51
CA ASP B 550 19.09 15.28 11.89
C ASP B 550 18.12 16.18 12.65
N GLU B 551 17.41 17.09 11.97
CA GLU B 551 16.40 17.89 12.65
C GLU B 551 15.27 17.03 13.18
N TYR B 552 14.85 16.03 12.43
CA TYR B 552 13.83 15.10 12.89
C TYR B 552 14.39 14.15 13.95
N CYS B 553 15.67 13.78 13.81
CA CYS B 553 16.30 12.89 14.79
C CYS B 553 16.37 13.53 16.17
N VAL B 554 16.84 14.78 16.23
CA VAL B 554 17.02 15.43 17.53
C VAL B 554 15.68 15.76 18.17
N GLN B 555 14.67 16.09 17.36
CA GLN B 555 13.38 16.51 17.87
C GLN B 555 12.69 15.43 18.70
N GLN B 556 13.09 14.17 18.53
CA GLN B 556 12.46 13.06 19.24
C GLN B 556 13.40 12.32 20.20
N LEU B 557 14.67 12.68 20.27
CA LEU B 557 15.59 12.01 21.19
C LEU B 557 15.48 12.59 22.59
N LYS B 558 15.86 13.87 22.75
CA LYS B 558 15.65 14.64 23.97
C LYS B 558 16.47 14.15 25.16
N GLU B 559 17.14 13.01 25.02
CA GLU B 559 17.88 12.42 26.13
C GLU B 559 18.97 11.51 25.59
N PHE B 560 19.97 11.25 26.45
CA PHE B 560 20.96 10.20 26.20
C PHE B 560 21.70 9.93 27.50
N ASP B 561 21.65 8.68 27.97
CA ASP B 561 22.39 8.26 29.16
C ASP B 561 22.10 9.14 30.37
N GLY B 562 20.92 9.78 30.38
CA GLY B 562 20.58 10.72 31.41
C GLY B 562 20.86 12.17 31.08
N LYS B 563 21.74 12.43 30.12
CA LYS B 563 22.00 13.79 29.66
C LYS B 563 20.89 14.23 28.71
N SER B 564 20.63 15.53 28.69
CA SER B 564 19.59 16.12 27.86
C SER B 564 20.21 16.97 26.77
N LEU B 565 19.79 16.75 25.53
CA LEU B 565 20.32 17.53 24.42
C LEU B 565 19.90 18.99 24.54
N VAL B 566 20.87 19.88 24.57
CA VAL B 566 20.64 21.32 24.68
C VAL B 566 21.29 21.98 23.47
N SER B 567 20.50 22.74 22.71
CA SER B 567 21.03 23.43 21.55
C SER B 567 21.77 24.69 21.97
N VAL B 568 22.51 25.27 21.03
CA VAL B 568 23.22 26.53 21.25
C VAL B 568 22.56 27.69 20.55
N THR B 569 21.53 27.47 19.75
CA THR B 569 20.76 28.55 19.14
C THR B 569 19.49 28.87 19.91
N LYS B 570 19.26 28.22 21.04
CA LYS B 570 18.09 28.45 21.86
C LYS B 570 18.44 29.30 23.08
N GLU B 571 17.51 30.15 23.47
CA GLU B 571 17.69 30.99 24.64
C GLU B 571 17.78 30.14 25.90
N GLY B 572 18.57 30.60 26.86
CA GLY B 572 18.71 29.91 28.12
C GLY B 572 19.90 28.99 28.23
N LEU B 573 20.89 29.13 27.35
CA LEU B 573 22.10 28.33 27.47
C LEU B 573 22.80 28.63 28.78
N GLU B 574 23.19 27.57 29.50
CA GLU B 574 23.77 27.68 30.83
C GLU B 574 25.15 27.04 30.82
N LEU B 575 26.18 27.87 30.90
CA LEU B 575 27.56 27.40 30.97
C LEU B 575 28.08 27.45 32.40
N PRO B 576 28.91 26.48 32.80
CA PRO B 576 29.55 26.55 34.12
C PRO B 576 30.36 27.82 34.28
N GLU B 577 29.96 28.69 35.20
CA GLU B 577 30.55 30.00 35.37
C GLU B 577 31.16 30.14 36.76
N ASP B 578 32.22 30.94 36.85
CA ASP B 578 32.89 31.22 38.10
C ASP B 578 32.18 32.36 38.83
N GLU B 579 32.50 32.49 40.13
CA GLU B 579 31.89 33.54 40.94
C GLU B 579 32.27 34.93 40.43
N GLU B 580 33.52 35.10 40.00
CA GLU B 580 33.92 36.37 39.40
C GLU B 580 33.18 36.60 38.08
N GLU B 581 33.00 35.55 37.29
CA GLU B 581 32.36 35.70 35.98
C GLU B 581 30.91 36.15 36.12
N LYS B 582 30.17 35.56 37.06
CA LYS B 582 28.76 35.92 37.20
C LYS B 582 28.59 37.36 37.67
N LYS B 583 29.44 37.81 38.61
CA LYS B 583 29.33 39.19 39.06
C LYS B 583 29.79 40.17 37.99
N LYS B 584 30.79 39.79 37.18
CA LYS B 584 31.17 40.64 36.05
C LYS B 584 30.04 40.77 35.06
N MET B 585 29.36 39.65 34.77
CA MET B 585 28.20 39.71 33.88
C MET B 585 27.08 40.54 34.50
N GLU B 586 26.90 40.44 35.82
CA GLU B 586 25.86 41.21 36.49
C GLU B 586 26.12 42.71 36.37
N GLU B 587 27.37 43.14 36.62
CA GLU B 587 27.67 44.55 36.50
C GLU B 587 27.60 45.02 35.04
N SER B 588 27.99 44.16 34.10
CA SER B 588 27.83 44.51 32.68
C SER B 588 26.37 44.72 32.34
N LYS B 589 25.49 43.84 32.81
CA LYS B 589 24.05 44.03 32.62
C LYS B 589 23.59 45.30 33.31
N ALA B 590 24.18 45.64 34.45
CA ALA B 590 23.84 46.83 35.20
C ALA B 590 24.37 48.12 34.56
N LYS B 591 25.24 48.02 33.56
CA LYS B 591 25.66 49.22 32.83
C LYS B 591 25.18 49.27 31.38
N PHE B 592 24.37 48.32 30.94
CA PHE B 592 23.82 48.32 29.58
C PHE B 592 22.31 48.14 29.57
N GLU B 593 21.58 48.92 30.38
CA GLU B 593 20.12 48.88 30.29
C GLU B 593 19.59 49.97 29.36
N ASN B 594 20.20 51.16 29.37
CA ASN B 594 19.73 52.26 28.55
C ASN B 594 19.80 51.90 27.08
N LEU B 595 20.95 51.40 26.63
CA LEU B 595 21.12 51.00 25.23
C LEU B 595 20.17 49.86 24.86
N CYS B 596 20.00 48.90 25.76
CA CYS B 596 19.11 47.77 25.49
C CYS B 596 17.68 48.24 25.27
N LYS B 597 17.15 49.07 26.17
CA LYS B 597 15.79 49.55 25.97
C LYS B 597 15.70 50.50 24.79
N LEU B 598 16.75 51.27 24.49
CA LEU B 598 16.72 52.19 23.38
C LEU B 598 16.56 51.46 22.06
N MET B 599 17.42 50.46 21.80
CA MET B 599 17.29 49.73 20.54
C MET B 599 16.03 48.87 20.52
N LYS B 600 15.55 48.44 21.69
CA LYS B 600 14.25 47.77 21.75
C LYS B 600 13.16 48.71 21.27
N GLU B 601 13.24 49.98 21.66
CA GLU B 601 12.29 50.98 21.18
C GLU B 601 12.46 51.20 19.67
N ILE B 602 13.69 51.10 19.16
CA ILE B 602 13.90 51.31 17.72
C ILE B 602 13.17 50.26 16.90
N LEU B 603 13.22 49.00 17.32
CA LEU B 603 12.66 47.92 16.52
C LEU B 603 11.23 47.60 16.91
N ASP B 604 11.03 47.10 18.14
CA ASP B 604 9.72 46.96 18.77
C ASP B 604 8.78 45.98 18.06
N LYS B 605 9.16 45.47 16.90
CA LYS B 605 8.27 44.55 16.20
C LYS B 605 8.97 43.27 15.76
N LYS B 606 10.21 43.39 15.29
CA LYS B 606 10.94 42.24 14.78
C LYS B 606 11.53 41.37 15.87
N VAL B 607 11.92 41.97 17.00
CA VAL B 607 12.42 41.23 18.15
C VAL B 607 11.61 41.64 19.37
N GLU B 608 11.57 40.77 20.37
CA GLU B 608 10.81 41.01 21.58
C GLU B 608 11.67 41.27 22.81
N LYS B 609 13.00 41.17 22.70
CA LYS B 609 13.87 41.50 23.81
C LYS B 609 15.27 41.80 23.27
N VAL B 610 16.05 42.50 24.09
CA VAL B 610 17.44 42.81 23.79
C VAL B 610 18.24 42.59 25.07
N THR B 611 18.97 41.49 25.14
CA THR B 611 19.63 41.06 26.36
C THR B 611 21.15 41.23 26.24
N ILE B 612 21.86 40.76 27.25
CA ILE B 612 23.32 40.79 27.30
C ILE B 612 23.82 39.37 27.12
N SER B 613 24.85 39.20 26.29
CA SER B 613 25.25 37.87 25.85
C SER B 613 26.14 37.18 26.87
N ASN B 614 26.19 35.86 26.75
CA ASN B 614 27.17 35.04 27.47
C ASN B 614 27.76 33.96 26.57
N ARG B 615 27.41 33.93 25.29
CA ARG B 615 27.90 32.91 24.36
C ARG B 615 28.66 33.52 23.18
N LEU B 616 28.94 34.82 23.20
CA LEU B 616 29.66 35.49 22.14
C LEU B 616 31.00 36.01 22.64
N VAL B 617 32.02 35.90 21.80
CA VAL B 617 33.37 36.34 22.15
C VAL B 617 33.83 37.40 21.16
N SER B 618 33.70 37.12 19.87
CA SER B 618 34.15 38.04 18.82
C SER B 618 33.02 38.67 18.03
N SER B 619 31.96 37.93 17.73
CA SER B 619 30.84 38.50 17.00
C SER B 619 30.06 39.46 17.91
N PRO B 620 29.83 40.70 17.48
CA PRO B 620 29.13 41.65 18.36
C PRO B 620 27.72 41.25 18.73
N CYS B 621 26.99 40.58 17.85
CA CYS B 621 25.59 40.30 18.13
C CYS B 621 25.11 39.10 17.31
N CYS B 622 24.36 38.21 17.97
CA CYS B 622 23.73 37.07 17.33
C CYS B 622 22.23 37.17 17.58
N ILE B 623 21.49 36.14 17.13
CA ILE B 623 20.05 36.06 17.36
C ILE B 623 19.71 34.62 17.74
N VAL B 624 18.95 34.46 18.82
CA VAL B 624 18.52 33.15 19.30
C VAL B 624 17.01 33.15 19.42
N THR B 625 16.39 32.01 19.11
CA THR B 625 14.94 31.89 19.19
C THR B 625 14.51 31.53 20.61
N SER B 626 13.20 31.46 20.82
CA SER B 626 12.66 31.11 22.13
C SER B 626 12.76 29.61 22.35
N THR B 627 12.49 29.20 23.59
CA THR B 627 12.58 27.80 23.98
C THR B 627 11.35 27.00 23.56
N TYR B 628 10.23 27.66 23.27
CA TYR B 628 9.00 26.99 22.87
C TYR B 628 8.66 27.46 21.45
N GLY B 629 9.18 26.74 20.46
CA GLY B 629 8.97 27.10 19.08
C GLY B 629 9.89 26.31 18.17
N TRP B 630 10.04 26.82 16.96
CA TRP B 630 10.88 26.20 15.95
C TRP B 630 12.29 26.78 16.00
N THR B 631 13.27 25.91 15.83
CA THR B 631 14.67 26.34 15.75
C THR B 631 14.88 27.13 14.46
N ALA B 632 16.05 27.78 14.38
CA ALA B 632 16.35 28.63 13.23
C ALA B 632 16.38 27.82 11.93
N ASN B 633 16.90 26.60 11.98
CA ASN B 633 17.01 25.79 10.78
C ASN B 633 15.76 24.95 10.53
N MET B 634 15.04 24.59 11.60
CA MET B 634 13.81 23.83 11.43
C MET B 634 12.80 24.64 10.63
N GLU B 635 12.75 25.96 10.88
CA GLU B 635 11.87 26.83 10.10
C GLU B 635 12.25 26.83 8.63
N ARG B 636 13.54 26.95 8.33
CA ARG B 636 13.98 26.95 6.94
C ARG B 636 13.69 25.63 6.25
N ILE B 637 13.71 24.53 6.99
CA ILE B 637 13.35 23.23 6.42
C ILE B 637 11.85 23.11 6.18
N MET B 638 11.02 23.57 7.10
CA MET B 638 9.58 23.40 6.96
C MET B 638 8.94 24.41 6.02
N LYS B 639 9.73 25.08 5.17
CA LYS B 639 9.19 25.91 4.10
C LYS B 639 9.58 25.38 2.72
N ALA B 640 9.97 24.11 2.63
CA ALA B 640 10.36 23.52 1.35
C ALA B 640 9.82 22.10 1.20
N GLN B 641 8.68 21.81 1.83
CA GLN B 641 8.07 20.48 1.73
C GLN B 641 7.14 20.34 0.54
N ALA B 642 6.55 21.45 0.09
CA ALA B 642 5.66 21.53 -1.07
C ALA B 642 4.31 20.89 -0.83
N LEU B 643 4.16 20.15 0.27
CA LEU B 643 2.88 19.57 0.69
C LEU B 643 2.80 19.73 2.20
N ARG B 644 2.20 20.84 2.64
CA ARG B 644 2.15 21.16 4.06
C ARG B 644 0.91 22.01 4.34
N ASP B 645 0.70 22.27 5.62
CA ASP B 645 -0.41 23.12 6.05
C ASP B 645 0.08 24.56 6.12
N ASN B 646 -0.43 25.41 5.24
CA ASN B 646 0.05 26.78 5.16
C ASN B 646 -0.32 27.58 6.41
N SER B 647 -1.36 27.16 7.13
CA SER B 647 -1.85 27.94 8.26
C SER B 647 -0.94 27.80 9.49
N THR B 648 -0.45 26.59 9.76
CA THR B 648 0.17 26.31 11.07
C THR B 648 1.49 27.03 11.28
N MET B 649 2.11 27.59 10.23
CA MET B 649 3.36 28.31 10.43
C MET B 649 3.18 29.53 11.32
N GLY B 650 2.01 30.18 11.25
CA GLY B 650 1.78 31.37 12.05
C GLY B 650 1.52 31.10 13.51
N TYR B 651 1.26 29.85 13.89
CA TYR B 651 0.97 29.50 15.28
C TYR B 651 2.13 28.82 15.99
N MET B 652 2.94 28.06 15.27
CA MET B 652 4.16 27.45 15.81
C MET B 652 5.33 28.05 15.03
N MET B 653 5.80 29.21 15.49
CA MET B 653 6.84 29.96 14.81
C MET B 653 7.90 30.38 15.82
N ALA B 654 9.12 30.56 15.33
CA ALA B 654 10.21 31.01 16.18
C ALA B 654 9.93 32.41 16.70
N LYS B 655 10.35 32.67 17.93
CA LYS B 655 10.21 33.99 18.56
C LYS B 655 11.61 34.51 18.80
N LYS B 656 12.04 35.46 17.97
CA LYS B 656 13.43 35.91 17.99
C LYS B 656 13.76 36.61 19.30
N HIS B 657 15.05 36.67 19.60
CA HIS B 657 15.55 37.29 20.82
C HIS B 657 16.98 37.77 20.52
N LEU B 658 17.15 39.08 20.35
CA LEU B 658 18.44 39.62 19.97
C LEU B 658 19.46 39.42 21.09
N GLU B 659 20.71 39.74 20.83
CA GLU B 659 21.76 39.57 21.83
C GLU B 659 22.87 40.57 21.51
N ILE B 660 23.68 40.87 22.52
CA ILE B 660 24.75 41.86 22.38
C ILE B 660 25.98 41.39 23.14
N ASN B 661 27.13 41.42 22.49
CA ASN B 661 28.40 41.23 23.18
C ASN B 661 28.73 42.50 23.93
N PRO B 662 28.86 42.46 25.26
CA PRO B 662 29.11 43.70 26.02
C PRO B 662 30.55 44.15 26.04
N ASP B 663 31.41 43.64 25.16
CA ASP B 663 32.81 44.01 25.14
C ASP B 663 33.33 44.42 23.77
N HIS B 664 32.60 44.17 22.69
CA HIS B 664 33.10 44.49 21.37
C HIS B 664 33.18 46.01 21.20
N PRO B 665 34.20 46.51 20.51
CA PRO B 665 34.37 47.98 20.41
C PRO B 665 33.19 48.72 19.78
N ILE B 666 32.53 48.14 18.78
CA ILE B 666 31.52 48.89 18.05
C ILE B 666 30.32 49.21 18.93
N VAL B 667 29.83 48.22 19.68
CA VAL B 667 28.68 48.48 20.55
C VAL B 667 29.09 49.35 21.74
N GLU B 668 30.33 49.20 22.23
CA GLU B 668 30.80 50.04 23.31
C GLU B 668 30.83 51.52 22.88
N THR B 669 31.27 51.78 21.66
CA THR B 669 31.23 53.14 21.13
C THR B 669 29.80 53.59 20.85
N LEU B 670 28.94 52.67 20.41
CA LEU B 670 27.54 52.99 20.14
C LEU B 670 26.83 53.43 21.40
N ARG B 671 27.18 52.85 22.55
CA ARG B 671 26.54 53.24 23.81
C ARG B 671 26.78 54.71 24.10
N GLN B 672 27.97 55.22 23.78
CA GLN B 672 28.27 56.64 24.01
C GLN B 672 27.31 57.53 23.24
N LYS B 673 27.13 57.26 21.94
CA LYS B 673 26.22 58.09 21.15
C LYS B 673 24.78 57.89 21.56
N ALA B 674 24.42 56.68 22.01
CA ALA B 674 23.05 56.43 22.45
C ALA B 674 22.72 57.23 23.71
N GLU B 675 23.65 57.27 24.67
CA GLU B 675 23.38 58.03 25.89
C GLU B 675 23.51 59.52 25.66
N ALA B 676 24.43 59.94 24.79
CA ALA B 676 24.60 61.37 24.52
C ALA B 676 23.39 61.95 23.80
N ASP B 677 22.87 61.26 22.79
CA ASP B 677 21.71 61.71 22.02
C ASP B 677 20.76 60.54 21.85
N LYS B 678 19.48 60.78 22.11
CA LYS B 678 18.48 59.72 22.05
C LYS B 678 18.07 59.37 20.62
N ASN B 679 18.16 60.31 19.68
CA ASN B 679 17.65 60.10 18.33
C ASN B 679 18.64 60.55 17.27
N ASP B 680 19.91 60.20 17.45
CA ASP B 680 20.91 60.49 16.43
C ASP B 680 20.66 59.61 15.19
N LYS B 681 20.84 60.21 14.01
CA LYS B 681 20.57 59.50 12.76
C LYS B 681 21.50 58.30 12.61
N ALA B 682 22.79 58.49 12.91
CA ALA B 682 23.76 57.41 12.75
C ALA B 682 23.40 56.22 13.61
N VAL B 683 22.93 56.46 14.83
CA VAL B 683 22.57 55.37 15.73
C VAL B 683 21.38 54.59 15.17
N LYS B 684 20.33 55.30 14.74
CA LYS B 684 19.13 54.60 14.29
C LYS B 684 19.34 53.96 12.94
N ASP B 685 20.43 54.29 12.23
CA ASP B 685 20.78 53.52 11.05
C ASP B 685 21.64 52.32 11.42
N LEU B 686 22.59 52.52 12.33
CA LEU B 686 23.53 51.46 12.69
C LEU B 686 22.84 50.29 13.38
N VAL B 687 21.83 50.58 14.22
CA VAL B 687 21.13 49.47 14.88
C VAL B 687 20.42 48.60 13.86
N VAL B 688 19.74 49.21 12.89
CA VAL B 688 19.05 48.43 11.86
C VAL B 688 20.05 47.64 11.04
N LEU B 689 21.16 48.28 10.66
CA LEU B 689 22.18 47.56 9.88
C LEU B 689 22.74 46.38 10.65
N LEU B 690 23.05 46.58 11.94
CA LEU B 690 23.58 45.50 12.75
C LEU B 690 22.58 44.38 12.91
N PHE B 691 21.31 44.72 13.11
CA PHE B 691 20.28 43.69 13.26
C PHE B 691 20.18 42.86 11.99
N GLU B 692 20.17 43.50 10.82
CA GLU B 692 20.05 42.74 9.59
C GLU B 692 21.31 41.91 9.32
N THR B 693 22.48 42.45 9.63
CA THR B 693 23.72 41.69 9.45
C THR B 693 23.73 40.45 10.34
N ALA B 694 23.33 40.60 11.60
CA ALA B 694 23.25 39.44 12.49
C ALA B 694 22.12 38.50 12.08
N LEU B 695 21.06 39.01 11.48
CA LEU B 695 19.96 38.18 11.02
C LEU B 695 20.38 37.29 9.85
N LEU B 696 21.22 37.81 8.95
CA LEU B 696 21.76 37.00 7.86
C LEU B 696 22.69 35.91 8.37
N SER B 697 23.56 36.21 9.34
CA SER B 697 24.56 35.26 9.78
C SER B 697 23.97 34.09 10.55
N SER B 698 22.75 34.23 11.08
CA SER B 698 22.18 33.20 11.94
C SER B 698 21.37 32.16 11.19
N GLY B 699 21.39 32.19 9.86
CA GLY B 699 20.66 31.21 9.08
C GLY B 699 19.19 31.50 8.89
N PHE B 700 18.71 32.66 9.34
CA PHE B 700 17.32 33.02 9.13
C PHE B 700 17.09 33.46 7.69
N SER B 701 15.94 33.10 7.14
CA SER B 701 15.53 33.56 5.83
C SER B 701 15.13 35.03 5.96
N LEU B 702 16.03 35.92 5.55
CA LEU B 702 15.77 37.35 5.66
C LEU B 702 14.56 37.73 4.83
N GLU B 703 13.77 38.66 5.34
CA GLU B 703 12.55 39.10 4.66
C GLU B 703 12.82 40.41 3.94
N ASP B 704 12.42 40.47 2.67
CA ASP B 704 12.63 41.62 1.81
C ASP B 704 14.11 41.99 1.75
N PRO B 705 14.96 41.15 1.16
CA PRO B 705 16.41 41.43 1.16
C PRO B 705 16.78 42.64 0.32
N GLN B 706 15.88 43.17 -0.49
CA GLN B 706 16.20 44.31 -1.32
C GLN B 706 16.56 45.53 -0.48
N THR B 707 15.94 45.69 0.68
CA THR B 707 16.28 46.81 1.56
C THR B 707 17.70 46.69 2.10
N HIS B 708 18.06 45.48 2.56
CA HIS B 708 19.41 45.26 3.06
C HIS B 708 20.45 45.45 1.95
N SER B 709 20.12 45.04 0.73
CA SER B 709 21.01 45.30 -0.40
C SER B 709 21.13 46.79 -0.68
N ASN B 710 20.00 47.51 -0.62
CA ASN B 710 20.01 48.94 -0.89
C ASN B 710 20.85 49.70 0.11
N ARG B 711 20.83 49.28 1.38
CA ARG B 711 21.66 49.94 2.37
C ARG B 711 23.14 49.85 2.01
N ILE B 712 23.59 48.65 1.60
CA ILE B 712 24.99 48.46 1.23
C ILE B 712 25.31 49.26 -0.04
N TYR B 713 24.41 49.25 -1.01
CA TYR B 713 24.67 49.99 -2.25
C TYR B 713 24.71 51.50 -1.99
N ARG B 714 23.96 51.97 -0.98
CA ARG B 714 23.99 53.38 -0.63
C ARG B 714 25.25 53.76 0.13
N MET B 715 25.72 52.88 1.02
CA MET B 715 26.87 53.21 1.85
C MET B 715 28.21 52.80 1.24
N ILE B 716 28.19 52.17 0.05
CA ILE B 716 29.43 52.05 -0.71
C ILE B 716 29.74 53.35 -1.44
N LYS B 717 28.70 54.05 -1.91
CA LYS B 717 28.91 55.31 -2.62
C LYS B 717 29.63 56.33 -1.73
N LEU B 718 29.26 56.40 -0.45
CA LEU B 718 29.97 57.29 0.47
C LEU B 718 31.44 56.91 0.57
N GLY B 719 31.74 55.62 0.55
CA GLY B 719 33.13 55.19 0.48
C GLY B 719 33.82 55.68 -0.77
N LEU B 720 33.11 55.66 -1.91
CA LEU B 720 33.63 56.21 -3.15
C LEU B 720 33.36 57.70 -3.29
N GLY B 721 32.63 58.31 -2.36
CA GLY B 721 32.35 59.73 -2.41
C GLY B 721 31.55 60.17 -3.62
N ILE B 722 30.49 59.45 -3.96
CA ILE B 722 29.65 59.81 -5.09
C ILE B 722 28.46 60.63 -4.62
N MET C 13 -7.02 -48.98 15.46
CA MET C 13 -5.86 -48.72 16.31
C MET C 13 -4.92 -47.70 15.68
N GLN C 14 -5.47 -46.57 15.25
CA GLN C 14 -4.69 -45.50 14.65
C GLN C 14 -5.05 -44.19 15.34
N PRO C 15 -4.11 -43.23 15.34
CA PRO C 15 -4.40 -41.95 15.98
C PRO C 15 -5.39 -41.12 15.16
N ALA C 16 -6.17 -40.31 15.87
CA ALA C 16 -7.17 -39.44 15.27
C ALA C 16 -6.62 -38.03 15.12
N SER C 17 -7.09 -37.34 14.08
CA SER C 17 -6.65 -35.98 13.84
C SER C 17 -7.03 -35.07 15.01
N ALA C 18 -6.42 -33.89 15.06
CA ALA C 18 -6.64 -32.98 16.17
C ALA C 18 -6.20 -31.58 15.77
N LYS C 19 -6.61 -30.62 16.59
CA LYS C 19 -6.21 -29.23 16.47
C LYS C 19 -6.21 -28.64 17.87
N TRP C 20 -5.29 -27.72 18.14
CA TRP C 20 -5.18 -27.24 19.51
C TRP C 20 -4.72 -25.80 19.52
N TYR C 21 -5.10 -25.10 20.59
CA TYR C 21 -4.68 -23.73 20.85
C TYR C 21 -4.91 -23.47 22.34
N ASP C 22 -4.42 -22.33 22.81
CA ASP C 22 -4.49 -22.04 24.23
C ASP C 22 -4.82 -20.57 24.48
N ARG C 23 -5.16 -20.28 25.73
CA ARG C 23 -5.44 -18.92 26.18
C ARG C 23 -4.75 -18.66 27.51
N ARG C 24 -5.13 -17.58 28.19
CA ARG C 24 -4.43 -17.21 29.42
C ARG C 24 -4.65 -18.23 30.53
N ASP C 25 -5.85 -18.79 30.62
CA ASP C 25 -6.18 -19.70 31.71
C ASP C 25 -6.59 -21.11 31.28
N TYR C 26 -6.76 -21.37 29.98
CA TYR C 26 -7.27 -22.65 29.53
C TYR C 26 -6.48 -23.15 28.33
N VAL C 27 -6.54 -24.46 28.11
CA VAL C 27 -5.98 -25.12 26.94
C VAL C 27 -7.14 -25.76 26.17
N PHE C 28 -7.03 -25.78 24.85
CA PHE C 28 -8.12 -26.25 24.00
C PHE C 28 -7.60 -27.27 23.01
N ILE C 29 -8.30 -28.40 22.89
CA ILE C 29 -8.03 -29.42 21.88
C ILE C 29 -9.35 -29.80 21.23
N GLU C 30 -9.32 -30.03 19.92
CA GLU C 30 -10.52 -30.34 19.15
C GLU C 30 -10.26 -31.58 18.30
N PHE C 31 -10.69 -32.74 18.79
CA PHE C 31 -10.54 -34.00 18.08
C PHE C 31 -11.60 -34.09 17.00
N CYS C 32 -11.21 -33.91 15.75
CA CYS C 32 -12.14 -33.95 14.61
C CYS C 32 -12.47 -35.40 14.28
N VAL C 33 -13.42 -35.95 15.03
CA VAL C 33 -13.93 -37.30 14.80
C VAL C 33 -15.44 -37.17 14.62
N GLU C 34 -15.90 -37.24 13.38
CA GLU C 34 -17.32 -37.02 13.10
C GLU C 34 -18.15 -38.22 13.52
N ASP C 35 -19.37 -37.94 14.00
CA ASP C 35 -20.32 -38.96 14.43
C ASP C 35 -19.72 -39.89 15.47
N SER C 36 -19.37 -39.30 16.61
CA SER C 36 -18.65 -40.01 17.66
C SER C 36 -19.59 -40.93 18.44
N LYS C 37 -19.19 -42.19 18.57
CA LYS C 37 -19.88 -43.17 19.41
C LYS C 37 -18.89 -43.79 20.37
N ASP C 38 -19.30 -43.95 21.63
CA ASP C 38 -18.49 -44.59 22.67
C ASP C 38 -17.19 -43.80 22.89
N VAL C 39 -17.34 -42.55 23.31
CA VAL C 39 -16.22 -41.65 23.51
C VAL C 39 -15.68 -41.83 24.93
N ASN C 40 -14.37 -42.05 25.04
CA ASN C 40 -13.70 -42.20 26.33
C ASN C 40 -12.61 -41.14 26.44
N VAL C 41 -12.98 -39.95 26.90
CA VAL C 41 -12.03 -38.88 27.12
C VAL C 41 -11.52 -38.97 28.55
N ASN C 42 -10.19 -38.92 28.72
CA ASN C 42 -9.58 -39.13 30.03
C ASN C 42 -8.42 -38.16 30.20
N PHE C 43 -8.55 -37.26 31.17
CA PHE C 43 -7.47 -36.33 31.52
C PHE C 43 -6.56 -36.95 32.58
N GLU C 44 -5.44 -36.26 32.82
CA GLU C 44 -4.48 -36.67 33.85
C GLU C 44 -3.48 -35.55 34.04
N LYS C 45 -2.64 -35.69 35.06
CA LYS C 45 -1.67 -34.65 35.39
C LYS C 45 -0.69 -34.40 34.26
N SER C 46 -0.18 -35.47 33.64
CA SER C 46 0.86 -35.35 32.64
C SER C 46 0.61 -36.16 31.38
N LYS C 47 -0.49 -36.91 31.30
CA LYS C 47 -0.79 -37.72 30.13
C LYS C 47 -2.24 -37.49 29.73
N LEU C 48 -2.53 -37.67 28.44
CA LEU C 48 -3.87 -37.58 27.92
C LEU C 48 -4.18 -38.84 27.13
N THR C 49 -5.47 -39.19 27.05
CA THR C 49 -5.89 -40.39 26.34
C THR C 49 -7.29 -40.17 25.80
N PHE C 50 -7.47 -40.49 24.52
CA PHE C 50 -8.75 -40.35 23.85
C PHE C 50 -9.05 -41.65 23.11
N SER C 51 -10.29 -42.11 23.19
CA SER C 51 -10.71 -43.36 22.57
C SER C 51 -12.14 -43.22 22.08
N CYS C 52 -12.33 -43.29 20.77
CA CYS C 52 -13.65 -43.15 20.17
C CYS C 52 -13.91 -44.30 19.22
N LEU C 53 -15.13 -44.32 18.68
CA LEU C 53 -15.52 -45.25 17.62
C LEU C 53 -16.55 -44.50 16.77
N GLY C 54 -16.07 -43.83 15.73
CA GLY C 54 -16.91 -42.92 14.99
C GLY C 54 -16.86 -43.16 13.50
N GLY C 55 -17.76 -42.48 12.79
CA GLY C 55 -17.82 -42.57 11.34
C GLY C 55 -18.45 -43.86 10.86
N SER C 56 -18.33 -44.07 9.55
CA SER C 56 -18.85 -45.29 8.92
C SER C 56 -17.79 -46.38 8.85
N ASP C 57 -16.54 -45.99 8.65
CA ASP C 57 -15.43 -46.94 8.56
C ASP C 57 -15.24 -47.75 9.85
N ASN C 58 -15.75 -47.25 10.98
CA ASN C 58 -15.85 -48.03 12.21
C ASN C 58 -14.49 -48.49 12.72
N PHE C 59 -13.50 -47.60 12.62
CA PHE C 59 -12.25 -47.81 13.35
C PHE C 59 -12.44 -47.40 14.81
N LYS C 60 -11.45 -47.73 15.62
CA LYS C 60 -11.43 -47.36 17.04
C LYS C 60 -10.21 -46.47 17.23
N HIS C 61 -10.38 -45.17 16.99
CA HIS C 61 -9.28 -44.23 17.11
C HIS C 61 -8.79 -44.16 18.55
N LEU C 62 -7.47 -44.00 18.69
CA LEU C 62 -6.85 -43.88 20.01
C LEU C 62 -5.73 -42.86 19.92
N ASN C 63 -5.73 -41.90 20.84
CA ASN C 63 -4.72 -40.85 20.88
C ASN C 63 -4.00 -40.92 22.22
N GLU C 64 -2.67 -40.97 22.16
CA GLU C 64 -1.83 -41.09 23.36
C GLU C 64 -0.90 -39.89 23.39
N ILE C 65 -1.38 -38.79 23.98
CA ILE C 65 -0.65 -37.53 24.03
C ILE C 65 -0.04 -37.37 25.41
N ASP C 66 1.25 -37.06 25.45
CA ASP C 66 1.93 -36.73 26.69
C ASP C 66 1.82 -35.23 26.92
N LEU C 67 1.46 -34.83 28.13
CA LEU C 67 1.19 -33.42 28.40
C LEU C 67 2.48 -32.67 28.69
N PHE C 68 2.48 -31.37 28.35
CA PHE C 68 3.69 -30.57 28.50
C PHE C 68 3.97 -30.23 29.95
N HIS C 69 2.93 -29.88 30.71
CA HIS C 69 3.12 -29.38 32.06
C HIS C 69 1.91 -29.77 32.90
N CYS C 70 2.10 -29.75 34.22
CA CYS C 70 1.04 -30.12 35.15
C CYS C 70 -0.19 -29.24 34.96
N ILE C 71 -1.35 -29.89 34.92
CA ILE C 71 -2.63 -29.20 34.77
C ILE C 71 -3.63 -29.79 35.75
N ASP C 72 -4.63 -29.00 36.10
CA ASP C 72 -5.68 -29.44 37.01
C ASP C 72 -6.73 -30.24 36.24
N PRO C 73 -6.92 -31.53 36.54
CA PRO C 73 -7.91 -32.30 35.79
C PRO C 73 -9.33 -32.13 36.29
N ASN C 74 -9.54 -31.82 37.57
CA ASN C 74 -10.88 -31.74 38.13
C ASN C 74 -11.59 -30.44 37.76
N ASP C 75 -11.01 -29.61 36.92
CA ASP C 75 -11.64 -28.41 36.39
C ASP C 75 -11.53 -28.38 34.87
N SER C 76 -11.79 -29.51 34.24
CA SER C 76 -11.67 -29.66 32.80
C SER C 76 -12.94 -30.30 32.24
N LYS C 77 -13.46 -29.73 31.15
CA LYS C 77 -14.72 -30.17 30.57
C LYS C 77 -14.51 -30.51 29.10
N HIS C 78 -15.34 -31.42 28.61
CA HIS C 78 -15.39 -31.76 27.19
C HIS C 78 -16.83 -31.66 26.73
N LYS C 79 -17.05 -30.99 25.59
CA LYS C 79 -18.39 -30.73 25.06
C LYS C 79 -18.53 -31.51 23.76
N ARG C 80 -19.05 -32.73 23.87
CA ARG C 80 -19.21 -33.58 22.70
C ARG C 80 -20.23 -32.98 21.74
N THR C 81 -20.00 -33.16 20.44
CA THR C 81 -20.87 -32.63 19.41
C THR C 81 -20.76 -33.55 18.20
N ASP C 82 -21.70 -33.39 17.25
CA ASP C 82 -21.74 -34.27 16.10
C ASP C 82 -20.59 -34.04 15.13
N ARG C 83 -19.80 -32.98 15.33
CA ARG C 83 -18.71 -32.68 14.40
C ARG C 83 -17.32 -32.79 15.03
N SER C 84 -17.23 -32.80 16.36
CA SER C 84 -15.94 -32.84 17.03
C SER C 84 -16.16 -33.22 18.49
N ILE C 85 -15.06 -33.33 19.23
CA ILE C 85 -15.10 -33.52 20.68
C ILE C 85 -14.12 -32.50 21.25
N LEU C 86 -14.65 -31.36 21.67
CA LEU C 86 -13.82 -30.26 22.13
C LEU C 86 -13.43 -30.46 23.58
N CYS C 87 -12.13 -30.53 23.85
CA CYS C 87 -11.61 -30.64 25.20
C CYS C 87 -11.08 -29.29 25.65
N CYS C 88 -11.40 -28.91 26.89
CA CYS C 88 -10.98 -27.63 27.45
C CYS C 88 -10.32 -27.89 28.80
N LEU C 89 -8.99 -27.83 28.83
CA LEU C 89 -8.23 -28.15 30.03
C LEU C 89 -7.95 -26.89 30.84
N ARG C 90 -7.74 -27.08 32.13
CA ARG C 90 -7.39 -25.99 33.03
C ARG C 90 -5.87 -25.92 33.20
N LYS C 91 -5.31 -24.75 32.90
CA LYS C 91 -3.87 -24.56 33.04
C LYS C 91 -3.45 -24.72 34.49
N GLY C 92 -2.24 -25.25 34.68
CA GLY C 92 -1.71 -25.47 36.02
C GLY C 92 -1.30 -24.19 36.71
N GLU C 93 -0.30 -23.51 36.13
CA GLU C 93 0.21 -22.24 36.66
C GLU C 93 -0.21 -21.11 35.73
N SER C 94 -0.90 -20.12 36.29
CA SER C 94 -1.43 -19.03 35.49
C SER C 94 -0.32 -18.30 34.74
N GLY C 95 -0.53 -18.09 33.44
CA GLY C 95 0.35 -17.30 32.62
C GLY C 95 1.50 -18.04 31.98
N GLN C 96 1.71 -19.31 32.33
CA GLN C 96 2.81 -20.06 31.72
C GLN C 96 2.44 -20.42 30.28
N SER C 97 3.09 -19.76 29.32
CA SER C 97 2.81 -20.02 27.92
C SER C 97 3.27 -21.41 27.51
N TRP C 98 2.46 -22.08 26.70
CA TRP C 98 2.80 -23.40 26.17
C TRP C 98 3.38 -23.25 24.78
N PRO C 99 4.62 -23.65 24.53
CA PRO C 99 5.15 -23.59 23.16
C PRO C 99 4.74 -24.78 22.32
N ARG C 100 4.40 -25.92 22.92
CA ARG C 100 3.96 -27.09 22.18
C ARG C 100 3.17 -27.99 23.13
N LEU C 101 2.40 -28.91 22.55
CA LEU C 101 1.53 -29.75 23.36
C LEU C 101 2.30 -30.91 23.98
N THR C 102 2.94 -31.73 23.18
CA THR C 102 3.59 -32.94 23.67
C THR C 102 4.96 -32.63 24.27
N LYS C 103 5.45 -33.57 25.05
CA LYS C 103 6.74 -33.39 25.73
C LYS C 103 7.90 -33.48 24.76
N GLU C 104 7.87 -34.46 23.86
CA GLU C 104 8.99 -34.70 22.96
C GLU C 104 8.96 -33.74 21.78
N ARG C 105 10.14 -33.22 21.44
CA ARG C 105 10.26 -32.26 20.34
C ARG C 105 9.87 -32.86 19.00
N ALA C 106 9.93 -34.19 18.86
CA ALA C 106 9.62 -34.83 17.59
C ALA C 106 8.18 -34.53 17.17
N LYS C 107 7.99 -34.32 15.86
CA LYS C 107 6.69 -33.93 15.36
C LYS C 107 5.70 -35.07 15.43
N LEU C 108 4.44 -34.74 15.71
CA LEU C 108 3.33 -35.67 15.63
C LEU C 108 2.62 -35.42 14.30
N ASN C 109 2.53 -36.47 13.46
CA ASN C 109 2.12 -36.29 12.08
C ASN C 109 0.68 -35.83 11.92
N TRP C 110 -0.14 -35.91 12.98
CA TRP C 110 -1.52 -35.46 12.88
C TRP C 110 -1.81 -34.16 13.61
N LEU C 111 -1.26 -33.97 14.81
CA LEU C 111 -1.56 -32.80 15.63
C LEU C 111 -1.02 -31.53 14.96
N SER C 112 -1.92 -30.59 14.70
CA SER C 112 -1.54 -29.28 14.18
C SER C 112 -2.00 -28.20 15.16
N VAL C 113 -1.89 -26.94 14.76
CA VAL C 113 -2.32 -25.82 15.60
C VAL C 113 -3.44 -25.09 14.89
N ASP C 114 -4.55 -24.90 15.59
CA ASP C 114 -5.74 -24.26 15.02
C ASP C 114 -5.50 -22.76 14.98
N PHE C 115 -5.26 -22.23 13.78
CA PHE C 115 -4.87 -20.84 13.62
C PHE C 115 -6.06 -19.89 13.51
N ASN C 116 -7.29 -20.40 13.56
CA ASN C 116 -8.45 -19.52 13.48
C ASN C 116 -8.90 -19.00 14.83
N ASN C 117 -8.40 -19.59 15.93
CA ASN C 117 -8.61 -19.07 17.26
C ASN C 117 -7.30 -18.70 17.95
N TRP C 118 -6.17 -18.90 17.28
CA TRP C 118 -4.88 -18.52 17.85
C TRP C 118 -4.82 -17.02 18.10
N LYS C 119 -4.35 -16.65 19.30
CA LYS C 119 -4.27 -15.25 19.68
C LYS C 119 -2.98 -15.01 20.46
N ASP C 120 -2.45 -13.80 20.31
CA ASP C 120 -1.27 -13.37 21.06
C ASP C 120 -1.72 -12.76 22.40
N TRP C 121 -2.19 -13.65 23.28
CA TRP C 121 -2.72 -13.23 24.56
C TRP C 121 -1.64 -12.56 25.42
N GLU C 122 -0.41 -13.08 25.37
CA GLU C 122 0.69 -12.51 26.14
C GLU C 122 1.37 -11.39 25.35
N ASP C 123 0.54 -10.44 24.91
CA ASP C 123 1.02 -9.28 24.16
C ASP C 123 2.02 -8.46 24.97
N MET D 13 -38.89 -26.93 -21.97
CA MET D 13 -38.14 -26.05 -22.86
C MET D 13 -37.71 -24.81 -22.08
N GLN D 14 -36.40 -24.65 -21.89
CA GLN D 14 -35.85 -23.50 -21.20
C GLN D 14 -34.50 -23.12 -21.80
N PRO D 15 -34.12 -21.85 -21.69
CA PRO D 15 -32.79 -21.44 -22.17
C PRO D 15 -31.68 -22.02 -21.30
N ALA D 16 -30.50 -22.13 -21.91
CA ALA D 16 -29.31 -22.64 -21.24
C ALA D 16 -28.36 -21.48 -20.94
N SER D 17 -27.87 -21.41 -19.70
CA SER D 17 -27.01 -20.31 -19.29
C SER D 17 -25.74 -20.27 -20.15
N ALA D 18 -25.30 -19.07 -20.48
CA ALA D 18 -24.15 -18.88 -21.34
C ALA D 18 -23.24 -17.80 -20.77
N LYS D 19 -22.01 -17.77 -21.29
CA LYS D 19 -21.04 -16.74 -20.98
C LYS D 19 -20.36 -16.32 -22.28
N TRP D 20 -20.00 -15.05 -22.37
CA TRP D 20 -19.43 -14.54 -23.61
C TRP D 20 -18.37 -13.49 -23.32
N TYR D 21 -17.45 -13.35 -24.28
CA TYR D 21 -16.41 -12.33 -24.25
C TYR D 21 -15.95 -12.10 -25.68
N ASP D 22 -15.16 -11.06 -25.89
CA ASP D 22 -14.78 -10.69 -27.25
C ASP D 22 -13.31 -10.31 -27.32
N ARG D 23 -12.81 -10.31 -28.55
CA ARG D 23 -11.47 -9.83 -28.87
C ARG D 23 -11.53 -8.89 -30.06
N ARG D 24 -10.37 -8.54 -30.63
CA ARG D 24 -10.34 -7.54 -31.69
C ARG D 24 -11.00 -8.05 -32.96
N ASP D 25 -11.08 -9.37 -33.15
CA ASP D 25 -11.59 -9.91 -34.40
C ASP D 25 -12.63 -11.02 -34.26
N TYR D 26 -12.97 -11.43 -33.04
CA TYR D 26 -13.90 -12.53 -32.87
C TYR D 26 -14.74 -12.32 -31.61
N VAL D 27 -16.00 -12.73 -31.68
CA VAL D 27 -16.89 -12.77 -30.51
C VAL D 27 -17.00 -14.21 -30.06
N PHE D 28 -16.72 -14.46 -28.79
CA PHE D 28 -16.72 -15.80 -28.23
C PHE D 28 -17.95 -15.99 -27.35
N ILE D 29 -18.66 -17.10 -27.56
CA ILE D 29 -19.78 -17.49 -26.71
C ILE D 29 -19.56 -18.93 -26.27
N GLU D 30 -19.67 -19.18 -24.96
CA GLU D 30 -19.50 -20.52 -24.42
C GLU D 30 -20.75 -20.89 -23.64
N PHE D 31 -21.45 -21.91 -24.11
CA PHE D 31 -22.62 -22.42 -23.42
C PHE D 31 -22.20 -23.38 -22.32
N CYS D 32 -23.07 -23.63 -21.36
CA CYS D 32 -22.77 -24.46 -20.19
C CYS D 32 -23.82 -25.57 -20.09
N VAL D 33 -23.61 -26.64 -20.84
CA VAL D 33 -24.40 -27.86 -20.75
C VAL D 33 -23.45 -29.04 -20.81
N GLU D 34 -23.36 -29.80 -19.72
CA GLU D 34 -22.42 -30.90 -19.61
C GLU D 34 -22.98 -32.16 -20.24
N ASP D 35 -22.11 -32.89 -20.95
CA ASP D 35 -22.46 -34.15 -21.61
C ASP D 35 -23.61 -33.94 -22.59
N SER D 36 -23.35 -33.10 -23.59
CA SER D 36 -24.36 -32.77 -24.58
C SER D 36 -24.50 -33.87 -25.63
N LYS D 37 -25.67 -33.89 -26.28
CA LYS D 37 -25.93 -34.80 -27.38
C LYS D 37 -26.57 -34.03 -28.53
N ASP D 38 -26.30 -34.49 -29.75
CA ASP D 38 -26.92 -34.04 -31.00
C ASP D 38 -27.20 -32.54 -31.05
N VAL D 39 -26.20 -31.71 -30.71
CA VAL D 39 -26.40 -30.28 -30.65
C VAL D 39 -26.56 -29.72 -32.06
N ASN D 40 -27.51 -28.81 -32.22
CA ASN D 40 -27.80 -28.16 -33.51
C ASN D 40 -27.49 -26.67 -33.36
N VAL D 41 -26.25 -26.32 -33.65
CA VAL D 41 -25.79 -24.92 -33.59
C VAL D 41 -25.83 -24.36 -35.00
N ASN D 42 -26.56 -23.25 -35.18
CA ASN D 42 -26.74 -22.64 -36.49
C ASN D 42 -26.62 -21.12 -36.34
N PHE D 43 -25.73 -20.52 -37.13
CA PHE D 43 -25.52 -19.08 -37.12
C PHE D 43 -26.31 -18.41 -38.23
N GLU D 44 -26.57 -17.12 -38.04
CA GLU D 44 -27.15 -16.25 -39.06
C GLU D 44 -26.46 -14.89 -38.99
N LYS D 45 -26.76 -14.05 -39.97
CA LYS D 45 -26.09 -12.75 -40.04
C LYS D 45 -26.41 -11.89 -38.83
N SER D 46 -27.66 -11.89 -38.37
CA SER D 46 -28.08 -11.08 -37.24
C SER D 46 -28.69 -11.89 -36.11
N LYS D 47 -28.84 -13.20 -36.27
CA LYS D 47 -29.46 -14.04 -35.25
C LYS D 47 -28.60 -15.25 -34.98
N LEU D 48 -28.67 -15.73 -33.74
CA LEU D 48 -28.06 -16.99 -33.34
C LEU D 48 -29.15 -17.90 -32.79
N THR D 49 -29.01 -19.20 -33.02
CA THR D 49 -29.92 -20.20 -32.48
C THR D 49 -29.11 -21.38 -31.97
N PHE D 50 -29.66 -22.06 -30.97
CA PHE D 50 -28.99 -23.18 -30.33
C PHE D 50 -30.05 -24.10 -29.75
N SER D 51 -30.01 -25.37 -30.12
CA SER D 51 -30.98 -26.36 -29.66
C SER D 51 -30.25 -27.65 -29.36
N CYS D 52 -29.97 -27.89 -28.08
CA CYS D 52 -29.24 -29.06 -27.63
C CYS D 52 -30.19 -30.05 -26.97
N LEU D 53 -29.62 -31.18 -26.54
CA LEU D 53 -30.34 -32.20 -25.79
C LEU D 53 -29.30 -32.84 -24.86
N GLY D 54 -29.23 -32.34 -23.64
CA GLY D 54 -28.16 -32.75 -22.74
C GLY D 54 -28.56 -32.87 -21.28
N GLY D 55 -27.56 -33.05 -20.42
CA GLY D 55 -27.79 -33.24 -19.01
C GLY D 55 -28.13 -34.67 -18.65
N SER D 56 -28.22 -34.91 -17.34
CA SER D 56 -28.56 -36.24 -16.85
C SER D 56 -30.05 -36.52 -16.97
N ASP D 57 -30.89 -35.48 -16.88
CA ASP D 57 -32.34 -35.64 -16.92
C ASP D 57 -32.89 -35.75 -18.34
N ASN D 58 -32.03 -35.65 -19.36
CA ASN D 58 -32.45 -35.68 -20.76
C ASN D 58 -33.46 -34.56 -21.03
N PHE D 59 -33.19 -33.39 -20.46
CA PHE D 59 -34.00 -32.21 -20.70
C PHE D 59 -33.57 -31.52 -21.99
N LYS D 60 -34.45 -30.67 -22.51
CA LYS D 60 -34.21 -29.96 -23.76
C LYS D 60 -33.93 -28.49 -23.47
N HIS D 61 -32.86 -27.97 -24.07
CA HIS D 61 -32.51 -26.56 -23.97
C HIS D 61 -32.65 -25.89 -25.34
N LEU D 62 -32.89 -24.58 -25.29
CA LEU D 62 -33.07 -23.82 -26.52
C LEU D 62 -32.76 -22.36 -26.23
N ASN D 63 -31.81 -21.80 -26.99
CA ASN D 63 -31.39 -20.41 -26.82
C ASN D 63 -31.44 -19.71 -28.17
N GLU D 64 -32.27 -18.69 -28.29
CA GLU D 64 -32.38 -17.87 -29.49
C GLU D 64 -31.94 -16.45 -29.15
N ILE D 65 -30.79 -16.05 -29.68
CA ILE D 65 -30.18 -14.76 -29.35
C ILE D 65 -30.14 -13.90 -30.60
N ASP D 66 -30.60 -12.66 -30.49
CA ASP D 66 -30.52 -11.69 -31.58
C ASP D 66 -29.17 -10.99 -31.51
N LEU D 67 -28.33 -11.21 -32.53
CA LEU D 67 -26.98 -10.69 -32.52
C LEU D 67 -26.99 -9.17 -32.61
N PHE D 68 -26.05 -8.54 -31.90
CA PHE D 68 -26.03 -7.08 -31.83
C PHE D 68 -25.58 -6.44 -33.14
N HIS D 69 -24.71 -7.10 -33.90
CA HIS D 69 -24.11 -6.48 -35.06
C HIS D 69 -23.75 -7.56 -36.06
N CYS D 70 -23.77 -7.20 -37.33
CA CYS D 70 -23.59 -8.18 -38.40
C CYS D 70 -22.22 -8.83 -38.34
N ILE D 71 -22.17 -10.12 -38.62
CA ILE D 71 -20.93 -10.89 -38.62
C ILE D 71 -20.97 -11.89 -39.78
N ASP D 72 -19.80 -12.39 -40.14
CA ASP D 72 -19.68 -13.38 -41.19
C ASP D 72 -19.63 -14.76 -40.55
N PRO D 73 -20.62 -15.62 -40.75
CA PRO D 73 -20.61 -16.94 -40.09
C PRO D 73 -19.81 -18.00 -40.82
N ASN D 74 -19.44 -17.78 -42.09
CA ASN D 74 -18.76 -18.81 -42.86
C ASN D 74 -17.41 -19.19 -42.27
N ASP D 75 -16.78 -18.29 -41.51
CA ASP D 75 -15.51 -18.58 -40.86
C ASP D 75 -15.67 -18.86 -39.37
N SER D 76 -16.90 -19.11 -38.91
CA SER D 76 -17.13 -19.45 -37.52
C SER D 76 -16.77 -20.90 -37.26
N LYS D 77 -16.90 -21.31 -36.01
CA LYS D 77 -16.57 -22.68 -35.61
C LYS D 77 -17.18 -22.95 -34.24
N HIS D 78 -17.07 -24.21 -33.82
CA HIS D 78 -17.40 -24.60 -32.45
C HIS D 78 -16.69 -25.92 -32.17
N LYS D 79 -16.55 -26.22 -30.88
CA LYS D 79 -15.79 -27.38 -30.44
C LYS D 79 -16.54 -28.03 -29.28
N ARG D 80 -17.28 -29.10 -29.58
CA ARG D 80 -18.10 -29.73 -28.56
C ARG D 80 -17.23 -30.51 -27.59
N THR D 81 -16.63 -29.81 -26.64
CA THR D 81 -15.96 -30.45 -25.51
C THR D 81 -17.02 -31.01 -24.56
N ASP D 82 -16.67 -32.11 -23.89
CA ASP D 82 -17.62 -32.75 -22.99
C ASP D 82 -17.93 -31.91 -21.76
N ARG D 83 -17.41 -30.68 -21.67
CA ARG D 83 -17.70 -29.77 -20.57
C ARG D 83 -18.52 -28.57 -20.99
N SER D 84 -18.31 -28.06 -22.20
CA SER D 84 -18.97 -26.84 -22.64
C SER D 84 -18.88 -26.73 -24.15
N ILE D 85 -19.91 -26.12 -24.74
CA ILE D 85 -20.00 -25.96 -26.19
C ILE D 85 -19.47 -24.56 -26.49
N LEU D 86 -18.18 -24.48 -26.81
CA LEU D 86 -17.51 -23.20 -27.03
C LEU D 86 -17.72 -22.76 -28.47
N CYS D 87 -18.65 -21.83 -28.68
CA CYS D 87 -18.80 -21.20 -29.99
C CYS D 87 -17.73 -20.13 -30.18
N CYS D 88 -17.58 -19.68 -31.43
CA CYS D 88 -16.65 -18.61 -31.75
C CYS D 88 -17.09 -17.96 -33.05
N LEU D 89 -17.53 -16.71 -32.98
CA LEU D 89 -18.06 -15.99 -34.12
C LEU D 89 -17.01 -15.03 -34.66
N ARG D 90 -17.00 -14.85 -35.99
CA ARG D 90 -16.05 -13.97 -36.65
C ARG D 90 -16.67 -12.59 -36.81
N LYS D 91 -16.06 -11.58 -36.19
CA LYS D 91 -16.57 -10.22 -36.27
C LYS D 91 -16.57 -9.72 -37.72
N GLY D 92 -17.68 -9.11 -38.12
CA GLY D 92 -17.80 -8.65 -39.50
C GLY D 92 -16.86 -7.51 -39.81
N GLU D 93 -16.79 -6.51 -38.94
CA GLU D 93 -15.95 -5.34 -39.12
C GLU D 93 -14.93 -5.28 -37.99
N SER D 94 -13.65 -5.44 -38.35
CA SER D 94 -12.58 -5.47 -37.36
C SER D 94 -12.53 -4.14 -36.58
N GLY D 95 -12.37 -4.25 -35.27
CA GLY D 95 -12.21 -3.09 -34.42
C GLY D 95 -13.50 -2.53 -33.85
N GLN D 96 -14.66 -3.02 -34.30
CA GLN D 96 -15.94 -2.53 -33.80
C GLN D 96 -16.23 -3.16 -32.43
N SER D 97 -16.20 -2.34 -31.39
CA SER D 97 -16.47 -2.83 -30.04
C SER D 97 -17.95 -3.13 -29.86
N TRP D 98 -18.23 -4.15 -29.06
CA TRP D 98 -19.60 -4.55 -28.75
C TRP D 98 -19.88 -4.25 -27.29
N PRO D 99 -20.88 -3.41 -26.97
CA PRO D 99 -21.18 -3.14 -25.56
C PRO D 99 -22.07 -4.23 -24.94
N ARG D 100 -22.88 -4.89 -25.76
CA ARG D 100 -23.73 -5.97 -25.27
C ARG D 100 -24.02 -6.93 -26.42
N LEU D 101 -24.42 -8.15 -26.04
CA LEU D 101 -24.61 -9.20 -27.03
C LEU D 101 -25.95 -9.08 -27.76
N THR D 102 -27.02 -8.80 -27.03
CA THR D 102 -28.37 -8.82 -27.58
C THR D 102 -28.82 -7.41 -27.98
N LYS D 103 -29.68 -7.37 -29.00
CA LYS D 103 -30.22 -6.09 -29.47
C LYS D 103 -31.00 -5.38 -28.37
N GLU D 104 -31.94 -6.08 -27.76
CA GLU D 104 -32.82 -5.47 -26.77
C GLU D 104 -32.05 -5.16 -25.49
N ARG D 105 -32.24 -3.94 -24.97
CA ARG D 105 -31.54 -3.53 -23.76
C ARG D 105 -31.95 -4.34 -22.54
N ALA D 106 -33.15 -4.92 -22.54
CA ALA D 106 -33.63 -5.67 -21.38
C ALA D 106 -32.66 -6.80 -21.04
N LYS D 107 -32.31 -6.89 -19.77
CA LYS D 107 -31.34 -7.87 -19.32
C LYS D 107 -31.90 -9.28 -19.45
N LEU D 108 -31.08 -10.20 -19.94
CA LEU D 108 -31.41 -11.62 -19.97
C LEU D 108 -30.93 -12.27 -18.68
N ASN D 109 -31.79 -13.07 -18.07
CA ASN D 109 -31.49 -13.63 -16.75
C ASN D 109 -30.42 -14.72 -16.82
N TRP D 110 -30.16 -15.29 -17.99
CA TRP D 110 -29.24 -16.41 -18.13
C TRP D 110 -27.96 -16.05 -18.88
N LEU D 111 -27.70 -14.76 -19.10
CA LEU D 111 -26.52 -14.33 -19.84
C LEU D 111 -25.65 -13.47 -18.94
N SER D 112 -24.37 -13.83 -18.86
CA SER D 112 -23.39 -13.08 -18.08
C SER D 112 -22.18 -12.75 -18.95
N VAL D 113 -21.11 -12.26 -18.35
CA VAL D 113 -19.88 -11.94 -19.07
C VAL D 113 -18.75 -12.74 -18.45
N ASP D 114 -18.00 -13.46 -19.29
CA ASP D 114 -16.92 -14.33 -18.84
C ASP D 114 -15.74 -13.45 -18.46
N PHE D 115 -15.73 -13.02 -17.20
CA PHE D 115 -14.70 -12.08 -16.73
C PHE D 115 -13.33 -12.74 -16.58
N ASN D 116 -13.24 -14.07 -16.72
CA ASN D 116 -11.95 -14.72 -16.62
C ASN D 116 -11.10 -14.50 -17.87
N ASN D 117 -11.73 -14.49 -19.05
CA ASN D 117 -11.05 -14.22 -20.30
C ASN D 117 -11.40 -12.86 -20.88
N TRP D 118 -12.12 -12.04 -20.13
CA TRP D 118 -12.43 -10.69 -20.59
C TRP D 118 -11.15 -9.86 -20.64
N LYS D 119 -11.01 -9.05 -21.69
CA LYS D 119 -9.79 -8.31 -21.92
C LYS D 119 -10.11 -7.00 -22.63
N ASP D 120 -9.57 -5.90 -22.11
CA ASP D 120 -9.74 -4.58 -22.71
C ASP D 120 -8.78 -4.43 -23.89
N TRP D 121 -9.14 -5.11 -24.98
CA TRP D 121 -8.34 -5.04 -26.20
C TRP D 121 -8.22 -3.62 -26.72
N GLU D 122 -9.23 -2.79 -26.47
CA GLU D 122 -9.23 -1.39 -26.92
C GLU D 122 -8.29 -0.58 -26.04
N ASP D 123 -6.99 -0.82 -26.24
CA ASP D 123 -5.96 -0.15 -25.46
C ASP D 123 -4.69 0.04 -26.29
N PRO E 281 13.14 12.93 -7.96
CA PRO E 281 12.03 13.56 -8.66
C PRO E 281 10.83 13.32 -7.84
N SER E 282 11.01 12.69 -6.72
CA SER E 282 9.87 12.38 -5.94
C SER E 282 9.81 13.33 -4.81
N ILE E 283 8.66 13.89 -4.56
CA ILE E 283 8.43 14.73 -3.40
C ILE E 283 8.45 13.87 -2.16
N LEU E 284 9.47 14.08 -1.32
CA LEU E 284 9.63 13.25 -0.14
C LEU E 284 9.39 14.08 1.11
N GLU E 285 8.13 14.47 1.28
CA GLU E 285 7.73 15.16 2.50
C GLU E 285 7.67 14.07 3.49
N ILE E 286 8.10 14.31 4.69
CA ILE E 286 7.99 13.33 5.70
C ILE E 286 7.15 14.01 6.71
N ARG E 287 6.08 13.36 7.14
CA ARG E 287 5.21 13.90 8.17
C ARG E 287 6.04 14.29 9.30
N THR E 288 5.85 15.49 9.80
CA THR E 288 6.70 16.00 10.82
C THR E 288 6.07 15.93 12.15
N LYS E 289 6.13 17.04 12.86
CA LYS E 289 5.48 17.17 14.14
C LYS E 289 4.35 16.20 14.45
#